data_4M92
# 
_entry.id   4M92 
# 
_audit_conform.dict_name       mmcif_pdbx.dic 
_audit_conform.dict_version    5.399 
_audit_conform.dict_location   http://mmcif.pdb.org/dictionaries/ascii/mmcif_pdbx.dic 
# 
loop_
_database_2.database_id 
_database_2.database_code 
_database_2.pdbx_database_accession 
_database_2.pdbx_DOI 
PDB   4M92         pdb_00004m92 10.2210/pdb4m92/pdb 
RCSB  RCSB081619   ?            ?                   
WWPDB D_1000081619 ?            ?                   
# 
loop_
_pdbx_audit_revision_history.ordinal 
_pdbx_audit_revision_history.data_content_type 
_pdbx_audit_revision_history.major_revision 
_pdbx_audit_revision_history.minor_revision 
_pdbx_audit_revision_history.revision_date 
1 'Structure model' 1 0 2014-03-26 
2 'Structure model' 1 1 2014-05-07 
3 'Structure model' 1 2 2023-09-20 
4 'Structure model' 1 3 2024-11-20 
# 
_pdbx_audit_revision_details.ordinal             1 
_pdbx_audit_revision_details.revision_ordinal    1 
_pdbx_audit_revision_details.data_content_type   'Structure model' 
_pdbx_audit_revision_details.provider            repository 
_pdbx_audit_revision_details.type                'Initial release' 
_pdbx_audit_revision_details.description         ? 
_pdbx_audit_revision_details.details             ? 
# 
loop_
_pdbx_audit_revision_group.ordinal 
_pdbx_audit_revision_group.revision_ordinal 
_pdbx_audit_revision_group.data_content_type 
_pdbx_audit_revision_group.group 
1 2 'Structure model' 'Database references'    
2 3 'Structure model' 'Data collection'        
3 3 'Structure model' 'Database references'    
4 3 'Structure model' 'Derived calculations'   
5 3 'Structure model' 'Refinement description' 
6 4 'Structure model' 'Structure summary'      
# 
loop_
_pdbx_audit_revision_category.ordinal 
_pdbx_audit_revision_category.revision_ordinal 
_pdbx_audit_revision_category.data_content_type 
_pdbx_audit_revision_category.category 
1 3 'Structure model' chem_comp_atom                
2 3 'Structure model' chem_comp_bond                
3 3 'Structure model' database_2                    
4 3 'Structure model' pdbx_initial_refinement_model 
5 3 'Structure model' struct_conn                   
6 3 'Structure model' struct_ref_seq_dif            
7 4 'Structure model' pdbx_entry_details            
8 4 'Structure model' pdbx_modification_feature     
# 
loop_
_pdbx_audit_revision_item.ordinal 
_pdbx_audit_revision_item.revision_ordinal 
_pdbx_audit_revision_item.data_content_type 
_pdbx_audit_revision_item.item 
1  3 'Structure model' '_database_2.pdbx_DOI'                
2  3 'Structure model' '_database_2.pdbx_database_accession' 
3  3 'Structure model' '_struct_conn.ptnr1_auth_asym_id'     
4  3 'Structure model' '_struct_conn.ptnr1_auth_seq_id'      
5  3 'Structure model' '_struct_conn.ptnr1_label_asym_id'    
6  3 'Structure model' '_struct_conn.ptnr1_label_seq_id'     
7  3 'Structure model' '_struct_conn.ptnr2_auth_asym_id'     
8  3 'Structure model' '_struct_conn.ptnr2_auth_seq_id'      
9  3 'Structure model' '_struct_conn.ptnr2_label_asym_id'    
10 3 'Structure model' '_struct_conn.ptnr2_label_seq_id'     
11 3 'Structure model' '_struct_ref_seq_dif.details'         
# 
_pdbx_database_status.status_code                     REL 
_pdbx_database_status.entry_id                        4M92 
_pdbx_database_status.recvd_initial_deposition_date   2013-08-14 
_pdbx_database_status.deposit_site                    RCSB 
_pdbx_database_status.process_site                    RCSB 
_pdbx_database_status.status_code_sf                  REL 
_pdbx_database_status.status_code_mr                  ? 
_pdbx_database_status.SG_entry                        ? 
_pdbx_database_status.status_code_cs                  ? 
_pdbx_database_status.methods_development_category    ? 
_pdbx_database_status.pdb_format_compatible           Y 
_pdbx_database_status.status_code_nmr_data            ? 
# 
loop_
_pdbx_database_related.db_name 
_pdbx_database_related.db_id 
_pdbx_database_related.details 
_pdbx_database_related.content_type 
PDB 4M8G . unspecified 
PDB 4M90 . unspecified 
PDB 4M91 . unspecified 
# 
loop_
_audit_author.name 
_audit_author.pdbx_ordinal 
'Mohorko, E.'     1 
'Owen, R.L.'      2 
'Malojcic, G.'    3 
'Brozzo, M.S.'    4 
'Aebi, M.'        5 
'Glockshuber, R.' 6 
# 
_citation.id                        primary 
_citation.title                     
;Structural basis of substrate specificity of human oligosaccharyl transferase subunit n33/tusc3 and its role in regulating protein N-glycosylation.
;
_citation.journal_abbrev            Structure 
_citation.journal_volume            22 
_citation.page_first                590 
_citation.page_last                 601 
_citation.year                      2014 
_citation.journal_id_ASTM           STRUE6 
_citation.country                   UK 
_citation.journal_id_ISSN           0969-2126 
_citation.journal_id_CSD            2005 
_citation.book_publisher            ? 
_citation.pdbx_database_id_PubMed   24685145 
_citation.pdbx_database_id_DOI      10.1016/j.str.2014.02.013 
# 
loop_
_citation_author.citation_id 
_citation_author.name 
_citation_author.ordinal 
_citation_author.identifier_ORCID 
primary 'Mohorko, E.'     1 ? 
primary 'Owen, R.L.'      2 ? 
primary 'Malojcic, G.'    3 ? 
primary 'Brozzo, M.S.'    4 ? 
primary 'Aebi, M.'        5 ? 
primary 'Glockshuber, R.' 6 ? 
# 
loop_
_entity.id 
_entity.type 
_entity.src_method 
_entity.pdbx_description 
_entity.formula_weight 
_entity.pdbx_number_of_molecules 
_entity.pdbx_ec 
_entity.pdbx_mutation 
_entity.pdbx_fragment 
_entity.details 
1 polymer man 'Tumor suppressor candidate 3'                    19125.799 1   ? 'C123S, C102S' 'unp residues 44-194'  ? 
2 polymer man 'Interleukin-1 receptor accessory protein-like 1' 1834.960  1   ? ?              'UNP RESIDUES 207-222' ? 
3 water   nat water                                             18.015    243 ? ?              ?                      ? 
# 
loop_
_entity_name_com.entity_id 
_entity_name_com.name 
1 'Magnesium uptake/transporter TUSC3, Protein N33' 
2 
;IL-1-RAPL-1, IL-1RAPL-1, IL1RAPL-1, Oligophrenin-4, Three immunoglobulin domain-containing IL-1 receptor-related 2, TIGIRR-2, X-linked interleukin-1 receptor accessory protein-like 1
;
# 
loop_
_entity_poly.entity_id 
_entity_poly.type 
_entity_poly.nstd_linkage 
_entity_poly.nstd_monomer 
_entity_poly.pdbx_seq_one_letter_code 
_entity_poly.pdbx_seq_one_letter_code_can 
_entity_poly.pdbx_strand_id 
_entity_poly.pdbx_target_identifier 
1 'polypeptide(L)' no no 
;ASKKENLLAEKVEQLMEWSSRRSIFRMNGDKFRKFIKAPPRNYSMIVMFTALQPQRQCSVSRQANEEYQILANSWRYSSA
FSNKLFFSMVDYDEGTDVFQQLNMNSAPTFMHFPPKGRPKRADTFDLQRIGFAAEQLAKWIADRTDVHIRVFRLEHHHHH
H
;
;ASKKENLLAEKVEQLMEWSSRRSIFRMNGDKFRKFIKAPPRNYSMIVMFTALQPQRQCSVSRQANEEYQILANSWRYSSA
FSNKLFFSMVDYDEGTDVFQQLNMNSAPTFMHFPPKGRPKRADTFDLQRIGFAAEQLAKWIADRTDVHIRVFRLEHHHHH
H
;
A ? 
2 'polypeptide(L)' no no REDDIGNYTCELKYGG REDDIGNYTCELKYGG B ? 
# 
_pdbx_entity_nonpoly.entity_id   3 
_pdbx_entity_nonpoly.name        water 
_pdbx_entity_nonpoly.comp_id     HOH 
# 
loop_
_entity_poly_seq.entity_id 
_entity_poly_seq.num 
_entity_poly_seq.mon_id 
_entity_poly_seq.hetero 
1 1   ALA n 
1 2   SER n 
1 3   LYS n 
1 4   LYS n 
1 5   GLU n 
1 6   ASN n 
1 7   LEU n 
1 8   LEU n 
1 9   ALA n 
1 10  GLU n 
1 11  LYS n 
1 12  VAL n 
1 13  GLU n 
1 14  GLN n 
1 15  LEU n 
1 16  MET n 
1 17  GLU n 
1 18  TRP n 
1 19  SER n 
1 20  SER n 
1 21  ARG n 
1 22  ARG n 
1 23  SER n 
1 24  ILE n 
1 25  PHE n 
1 26  ARG n 
1 27  MET n 
1 28  ASN n 
1 29  GLY n 
1 30  ASP n 
1 31  LYS n 
1 32  PHE n 
1 33  ARG n 
1 34  LYS n 
1 35  PHE n 
1 36  ILE n 
1 37  LYS n 
1 38  ALA n 
1 39  PRO n 
1 40  PRO n 
1 41  ARG n 
1 42  ASN n 
1 43  TYR n 
1 44  SER n 
1 45  MET n 
1 46  ILE n 
1 47  VAL n 
1 48  MET n 
1 49  PHE n 
1 50  THR n 
1 51  ALA n 
1 52  LEU n 
1 53  GLN n 
1 54  PRO n 
1 55  GLN n 
1 56  ARG n 
1 57  GLN n 
1 58  CYS n 
1 59  SER n 
1 60  VAL n 
1 61  SER n 
1 62  ARG n 
1 63  GLN n 
1 64  ALA n 
1 65  ASN n 
1 66  GLU n 
1 67  GLU n 
1 68  TYR n 
1 69  GLN n 
1 70  ILE n 
1 71  LEU n 
1 72  ALA n 
1 73  ASN n 
1 74  SER n 
1 75  TRP n 
1 76  ARG n 
1 77  TYR n 
1 78  SER n 
1 79  SER n 
1 80  ALA n 
1 81  PHE n 
1 82  SER n 
1 83  ASN n 
1 84  LYS n 
1 85  LEU n 
1 86  PHE n 
1 87  PHE n 
1 88  SER n 
1 89  MET n 
1 90  VAL n 
1 91  ASP n 
1 92  TYR n 
1 93  ASP n 
1 94  GLU n 
1 95  GLY n 
1 96  THR n 
1 97  ASP n 
1 98  VAL n 
1 99  PHE n 
1 100 GLN n 
1 101 GLN n 
1 102 LEU n 
1 103 ASN n 
1 104 MET n 
1 105 ASN n 
1 106 SER n 
1 107 ALA n 
1 108 PRO n 
1 109 THR n 
1 110 PHE n 
1 111 MET n 
1 112 HIS n 
1 113 PHE n 
1 114 PRO n 
1 115 PRO n 
1 116 LYS n 
1 117 GLY n 
1 118 ARG n 
1 119 PRO n 
1 120 LYS n 
1 121 ARG n 
1 122 ALA n 
1 123 ASP n 
1 124 THR n 
1 125 PHE n 
1 126 ASP n 
1 127 LEU n 
1 128 GLN n 
1 129 ARG n 
1 130 ILE n 
1 131 GLY n 
1 132 PHE n 
1 133 ALA n 
1 134 ALA n 
1 135 GLU n 
1 136 GLN n 
1 137 LEU n 
1 138 ALA n 
1 139 LYS n 
1 140 TRP n 
1 141 ILE n 
1 142 ALA n 
1 143 ASP n 
1 144 ARG n 
1 145 THR n 
1 146 ASP n 
1 147 VAL n 
1 148 HIS n 
1 149 ILE n 
1 150 ARG n 
1 151 VAL n 
1 152 PHE n 
1 153 ARG n 
1 154 LEU n 
1 155 GLU n 
1 156 HIS n 
1 157 HIS n 
1 158 HIS n 
1 159 HIS n 
1 160 HIS n 
1 161 HIS n 
2 1   ARG n 
2 2   GLU n 
2 3   ASP n 
2 4   ASP n 
2 5   ILE n 
2 6   GLY n 
2 7   ASN n 
2 8   TYR n 
2 9   THR n 
2 10  CYS n 
2 11  GLU n 
2 12  LEU n 
2 13  LYS n 
2 14  TYR n 
2 15  GLY n 
2 16  GLY n 
# 
loop_
_entity_src_gen.entity_id 
_entity_src_gen.pdbx_src_id 
_entity_src_gen.pdbx_alt_source_flag 
_entity_src_gen.pdbx_seq_type 
_entity_src_gen.pdbx_beg_seq_num 
_entity_src_gen.pdbx_end_seq_num 
_entity_src_gen.gene_src_common_name 
_entity_src_gen.gene_src_genus 
_entity_src_gen.pdbx_gene_src_gene 
_entity_src_gen.gene_src_species 
_entity_src_gen.gene_src_strain 
_entity_src_gen.gene_src_tissue 
_entity_src_gen.gene_src_tissue_fraction 
_entity_src_gen.gene_src_details 
_entity_src_gen.pdbx_gene_src_fragment 
_entity_src_gen.pdbx_gene_src_scientific_name 
_entity_src_gen.pdbx_gene_src_ncbi_taxonomy_id 
_entity_src_gen.pdbx_gene_src_variant 
_entity_src_gen.pdbx_gene_src_cell_line 
_entity_src_gen.pdbx_gene_src_atcc 
_entity_src_gen.pdbx_gene_src_organ 
_entity_src_gen.pdbx_gene_src_organelle 
_entity_src_gen.pdbx_gene_src_cell 
_entity_src_gen.pdbx_gene_src_cellular_location 
_entity_src_gen.host_org_common_name 
_entity_src_gen.pdbx_host_org_scientific_name 
_entity_src_gen.pdbx_host_org_ncbi_taxonomy_id 
_entity_src_gen.host_org_genus 
_entity_src_gen.pdbx_host_org_gene 
_entity_src_gen.pdbx_host_org_organ 
_entity_src_gen.host_org_species 
_entity_src_gen.pdbx_host_org_tissue 
_entity_src_gen.pdbx_host_org_tissue_fraction 
_entity_src_gen.pdbx_host_org_strain 
_entity_src_gen.pdbx_host_org_variant 
_entity_src_gen.pdbx_host_org_cell_line 
_entity_src_gen.pdbx_host_org_atcc 
_entity_src_gen.pdbx_host_org_culture_collection 
_entity_src_gen.pdbx_host_org_cell 
_entity_src_gen.pdbx_host_org_organelle 
_entity_src_gen.pdbx_host_org_cellular_location 
_entity_src_gen.pdbx_host_org_vector_type 
_entity_src_gen.pdbx_host_org_vector 
_entity_src_gen.host_org_details 
_entity_src_gen.expression_system_id 
_entity_src_gen.plasmid_name 
_entity_src_gen.plasmid_details 
_entity_src_gen.pdbx_description 
1 1 sample ? ? ? human ? 'TUSC3, N33'      ? ? ? ? ? ? 'Homo sapiens' 9606 ? ? ? ? ? ? ? ? 'Escherichia coli' 562 ? ? ? ? ? ? ? ? 
? ? ? ? ? ? ? ? ? ? ? ? ? 
2 1 sample ? ? ? human ? 'IL1RAPL1, OPHN4' ? ? ? ? ? ? 'Homo sapiens' 9606 ? ? ? ? ? ? ? ? 'Escherichia coli' 562 ? ? ? ? ? ? ? ? 
? ? ? ? ? ? ? ? ? ? ? ? ? 
# 
loop_
_chem_comp.id 
_chem_comp.type 
_chem_comp.mon_nstd_flag 
_chem_comp.name 
_chem_comp.pdbx_synonyms 
_chem_comp.formula 
_chem_comp.formula_weight 
ALA 'L-peptide linking' y ALANINE         ? 'C3 H7 N O2'     89.093  
ARG 'L-peptide linking' y ARGININE        ? 'C6 H15 N4 O2 1' 175.209 
ASN 'L-peptide linking' y ASPARAGINE      ? 'C4 H8 N2 O3'    132.118 
ASP 'L-peptide linking' y 'ASPARTIC ACID' ? 'C4 H7 N O4'     133.103 
CYS 'L-peptide linking' y CYSTEINE        ? 'C3 H7 N O2 S'   121.158 
GLN 'L-peptide linking' y GLUTAMINE       ? 'C5 H10 N2 O3'   146.144 
GLU 'L-peptide linking' y 'GLUTAMIC ACID' ? 'C5 H9 N O4'     147.129 
GLY 'peptide linking'   y GLYCINE         ? 'C2 H5 N O2'     75.067  
HIS 'L-peptide linking' y HISTIDINE       ? 'C6 H10 N3 O2 1' 156.162 
HOH non-polymer         . WATER           ? 'H2 O'           18.015  
ILE 'L-peptide linking' y ISOLEUCINE      ? 'C6 H13 N O2'    131.173 
LEU 'L-peptide linking' y LEUCINE         ? 'C6 H13 N O2'    131.173 
LYS 'L-peptide linking' y LYSINE          ? 'C6 H15 N2 O2 1' 147.195 
MET 'L-peptide linking' y METHIONINE      ? 'C5 H11 N O2 S'  149.211 
PHE 'L-peptide linking' y PHENYLALANINE   ? 'C9 H11 N O2'    165.189 
PRO 'L-peptide linking' y PROLINE         ? 'C5 H9 N O2'     115.130 
SER 'L-peptide linking' y SERINE          ? 'C3 H7 N O3'     105.093 
THR 'L-peptide linking' y THREONINE       ? 'C4 H9 N O3'     119.119 
TRP 'L-peptide linking' y TRYPTOPHAN      ? 'C11 H12 N2 O2'  204.225 
TYR 'L-peptide linking' y TYROSINE        ? 'C9 H11 N O3'    181.189 
VAL 'L-peptide linking' y VALINE          ? 'C5 H11 N O2'    117.146 
# 
loop_
_pdbx_poly_seq_scheme.asym_id 
_pdbx_poly_seq_scheme.entity_id 
_pdbx_poly_seq_scheme.seq_id 
_pdbx_poly_seq_scheme.mon_id 
_pdbx_poly_seq_scheme.ndb_seq_num 
_pdbx_poly_seq_scheme.pdb_seq_num 
_pdbx_poly_seq_scheme.auth_seq_num 
_pdbx_poly_seq_scheme.pdb_mon_id 
_pdbx_poly_seq_scheme.auth_mon_id 
_pdbx_poly_seq_scheme.pdb_strand_id 
_pdbx_poly_seq_scheme.pdb_ins_code 
_pdbx_poly_seq_scheme.hetero 
A 1 1   ALA 1   1   1   ALA ALA A . n 
A 1 2   SER 2   2   2   SER SER A . n 
A 1 3   LYS 3   3   3   LYS LYS A . n 
A 1 4   LYS 4   4   4   LYS LYS A . n 
A 1 5   GLU 5   5   5   GLU GLU A . n 
A 1 6   ASN 6   6   6   ASN ASN A . n 
A 1 7   LEU 7   7   7   LEU ALA A . n 
A 1 8   LEU 8   8   8   LEU LEU A . n 
A 1 9   ALA 9   9   9   ALA ALA A . n 
A 1 10  GLU 10  10  10  GLU GLU A . n 
A 1 11  LYS 11  11  11  LYS LYS A . n 
A 1 12  VAL 12  12  12  VAL VAL A . n 
A 1 13  GLU 13  13  13  GLU GLU A . n 
A 1 14  GLN 14  14  14  GLN GLN A . n 
A 1 15  LEU 15  15  15  LEU LEU A . n 
A 1 16  MET 16  16  16  MET MET A . n 
A 1 17  GLU 17  17  17  GLU GLU A . n 
A 1 18  TRP 18  18  18  TRP TRP A . n 
A 1 19  SER 19  19  19  SER SER A . n 
A 1 20  SER 20  20  20  SER SER A . n 
A 1 21  ARG 21  21  21  ARG ARG A . n 
A 1 22  ARG 22  22  22  ARG ARG A . n 
A 1 23  SER 23  23  23  SER SER A . n 
A 1 24  ILE 24  24  24  ILE ILE A . n 
A 1 25  PHE 25  25  25  PHE PHE A . n 
A 1 26  ARG 26  26  26  ARG ARG A . n 
A 1 27  MET 27  27  27  MET MET A . n 
A 1 28  ASN 28  28  28  ASN ASN A . n 
A 1 29  GLY 29  29  29  GLY GLY A . n 
A 1 30  ASP 30  30  30  ASP ASP A . n 
A 1 31  LYS 31  31  31  LYS LYS A . n 
A 1 32  PHE 32  32  32  PHE PHE A . n 
A 1 33  ARG 33  33  33  ARG ARG A . n 
A 1 34  LYS 34  34  34  LYS LYS A . n 
A 1 35  PHE 35  35  35  PHE PHE A . n 
A 1 36  ILE 36  36  36  ILE ILE A . n 
A 1 37  LYS 37  37  37  LYS LYS A . n 
A 1 38  ALA 38  38  38  ALA ALA A . n 
A 1 39  PRO 39  39  39  PRO PRO A . n 
A 1 40  PRO 40  40  40  PRO PRO A . n 
A 1 41  ARG 41  41  41  ARG ARG A . n 
A 1 42  ASN 42  42  42  ASN ASN A . n 
A 1 43  TYR 43  43  43  TYR TYR A . n 
A 1 44  SER 44  44  44  SER SER A . n 
A 1 45  MET 45  45  45  MET MET A . n 
A 1 46  ILE 46  46  46  ILE ILE A . n 
A 1 47  VAL 47  47  47  VAL VAL A . n 
A 1 48  MET 48  48  48  MET MET A . n 
A 1 49  PHE 49  49  49  PHE PHE A . n 
A 1 50  THR 50  50  50  THR THR A . n 
A 1 51  ALA 51  51  51  ALA ALA A . n 
A 1 52  LEU 52  52  52  LEU LEU A . n 
A 1 53  GLN 53  53  53  GLN GLN A . n 
A 1 54  PRO 54  54  54  PRO PRO A . n 
A 1 55  GLN 55  55  55  GLN GLN A . n 
A 1 56  ARG 56  56  56  ARG ARG A . n 
A 1 57  GLN 57  57  57  GLN GLN A . n 
A 1 58  CYS 58  58  58  CYS CYS A . n 
A 1 59  SER 59  59  59  SER SER A . n 
A 1 60  VAL 60  60  60  VAL VAL A . n 
A 1 61  SER 61  61  61  SER SER A . n 
A 1 62  ARG 62  62  62  ARG ARG A . n 
A 1 63  GLN 63  63  63  GLN GLN A . n 
A 1 64  ALA 64  64  64  ALA ALA A . n 
A 1 65  ASN 65  65  65  ASN ASN A . n 
A 1 66  GLU 66  66  66  GLU GLU A . n 
A 1 67  GLU 67  67  67  GLU GLU A . n 
A 1 68  TYR 68  68  68  TYR TYR A . n 
A 1 69  GLN 69  69  69  GLN GLN A . n 
A 1 70  ILE 70  70  70  ILE ILE A . n 
A 1 71  LEU 71  71  71  LEU LEU A . n 
A 1 72  ALA 72  72  72  ALA ALA A . n 
A 1 73  ASN 73  73  73  ASN ASN A . n 
A 1 74  SER 74  74  74  SER SER A . n 
A 1 75  TRP 75  75  75  TRP TRP A . n 
A 1 76  ARG 76  76  76  ARG ARG A . n 
A 1 77  TYR 77  77  77  TYR TYR A . n 
A 1 78  SER 78  78  78  SER SER A . n 
A 1 79  SER 79  79  79  SER SER A . n 
A 1 80  ALA 80  80  80  ALA ALA A . n 
A 1 81  PHE 81  81  81  PHE PHE A . n 
A 1 82  SER 82  82  82  SER SER A . n 
A 1 83  ASN 83  83  83  ASN ASN A . n 
A 1 84  LYS 84  84  84  LYS LYS A . n 
A 1 85  LEU 85  85  85  LEU LEU A . n 
A 1 86  PHE 86  86  86  PHE PHE A . n 
A 1 87  PHE 87  87  87  PHE PHE A . n 
A 1 88  SER 88  88  88  SER SER A . n 
A 1 89  MET 89  89  89  MET MET A . n 
A 1 90  VAL 90  90  90  VAL VAL A . n 
A 1 91  ASP 91  91  91  ASP ASP A . n 
A 1 92  TYR 92  92  92  TYR TYR A . n 
A 1 93  ASP 93  93  93  ASP ASP A . n 
A 1 94  GLU 94  94  94  GLU GLU A . n 
A 1 95  GLY 95  95  95  GLY GLY A . n 
A 1 96  THR 96  96  96  THR THR A . n 
A 1 97  ASP 97  97  97  ASP ASP A . n 
A 1 98  VAL 98  98  98  VAL VAL A . n 
A 1 99  PHE 99  99  99  PHE PHE A . n 
A 1 100 GLN 100 100 100 GLN GLN A . n 
A 1 101 GLN 101 101 101 GLN GLN A . n 
A 1 102 LEU 102 102 102 LEU LEU A . n 
A 1 103 ASN 103 103 103 ASN ASN A . n 
A 1 104 MET 104 104 104 MET MET A . n 
A 1 105 ASN 105 105 105 ASN ASN A . n 
A 1 106 SER 106 106 106 SER SER A . n 
A 1 107 ALA 107 107 107 ALA ALA A . n 
A 1 108 PRO 108 108 108 PRO PRO A . n 
A 1 109 THR 109 109 109 THR THR A . n 
A 1 110 PHE 110 110 110 PHE PHE A . n 
A 1 111 MET 111 111 111 MET MET A . n 
A 1 112 HIS 112 112 112 HIS HIS A . n 
A 1 113 PHE 113 113 113 PHE PHE A . n 
A 1 114 PRO 114 114 114 PRO PRO A . n 
A 1 115 PRO 115 115 115 PRO PRO A . n 
A 1 116 LYS 116 116 116 LYS LYS A . n 
A 1 117 GLY 117 117 117 GLY GLY A . n 
A 1 118 ARG 118 118 118 ARG ARG A . n 
A 1 119 PRO 119 119 119 PRO PRO A . n 
A 1 120 LYS 120 120 120 LYS LYS A . n 
A 1 121 ARG 121 121 121 ARG ARG A . n 
A 1 122 ALA 122 122 122 ALA ALA A . n 
A 1 123 ASP 123 123 123 ASP ASP A . n 
A 1 124 THR 124 124 124 THR THR A . n 
A 1 125 PHE 125 125 125 PHE PHE A . n 
A 1 126 ASP 126 126 126 ASP ASP A . n 
A 1 127 LEU 127 127 127 LEU LEU A . n 
A 1 128 GLN 128 128 128 GLN GLN A . n 
A 1 129 ARG 129 129 129 ARG ARG A . n 
A 1 130 ILE 130 130 130 ILE ILE A . n 
A 1 131 GLY 131 131 131 GLY GLY A . n 
A 1 132 PHE 132 132 132 PHE PHE A . n 
A 1 133 ALA 133 133 133 ALA ALA A . n 
A 1 134 ALA 134 134 134 ALA ALA A . n 
A 1 135 GLU 135 135 135 GLU GLU A . n 
A 1 136 GLN 136 136 136 GLN GLN A . n 
A 1 137 LEU 137 137 137 LEU LEU A . n 
A 1 138 ALA 138 138 138 ALA ALA A . n 
A 1 139 LYS 139 139 139 LYS LYS A . n 
A 1 140 TRP 140 140 140 TRP TRP A . n 
A 1 141 ILE 141 141 141 ILE ILE A . n 
A 1 142 ALA 142 142 142 ALA ALA A . n 
A 1 143 ASP 143 143 143 ASP ASP A . n 
A 1 144 ARG 144 144 144 ARG ARG A . n 
A 1 145 THR 145 145 145 THR THR A . n 
A 1 146 ASP 146 146 146 ASP ASP A . n 
A 1 147 VAL 147 147 147 VAL VAL A . n 
A 1 148 HIS 148 148 148 HIS HIS A . n 
A 1 149 ILE 149 149 149 ILE ILE A . n 
A 1 150 ARG 150 150 150 ARG ARG A . n 
A 1 151 VAL 151 151 151 VAL VAL A . n 
A 1 152 PHE 152 152 152 PHE PHE A . n 
A 1 153 ARG 153 153 153 ARG ALA A . n 
A 1 154 LEU 154 154 ?   ?   ?   A . n 
A 1 155 GLU 155 155 ?   ?   ?   A . n 
A 1 156 HIS 156 156 ?   ?   ?   A . n 
A 1 157 HIS 157 157 ?   ?   ?   A . n 
A 1 158 HIS 158 158 ?   ?   ?   A . n 
A 1 159 HIS 159 159 ?   ?   ?   A . n 
A 1 160 HIS 160 160 ?   ?   ?   A . n 
A 1 161 HIS 161 161 ?   ?   ?   A . n 
B 2 1   ARG 1   1   ?   ?   ?   B . n 
B 2 2   GLU 2   2   ?   ?   ?   B . n 
B 2 3   ASP 3   3   ?   ?   ?   B . n 
B 2 4   ASP 4   4   ?   ?   ?   B . n 
B 2 5   ILE 5   5   ?   ?   ?   B . n 
B 2 6   GLY 6   6   ?   ?   ?   B . n 
B 2 7   ASN 7   7   7   ASN ASN B . n 
B 2 8   TYR 8   8   8   TYR TYR B . n 
B 2 9   THR 9   9   9   THR THR B . n 
B 2 10  CYS 10  10  10  CYS CYS B . n 
B 2 11  GLU 11  11  11  GLU GLU B . n 
B 2 12  LEU 12  12  12  LEU LEU B . n 
B 2 13  LYS 13  13  13  LYS LYS B . n 
B 2 14  TYR 14  14  14  TYR TYR B . n 
B 2 15  GLY 15  15  15  GLY GLY B . n 
B 2 16  GLY 16  16  ?   ?   ?   B . n 
# 
loop_
_pdbx_nonpoly_scheme.asym_id 
_pdbx_nonpoly_scheme.entity_id 
_pdbx_nonpoly_scheme.mon_id 
_pdbx_nonpoly_scheme.ndb_seq_num 
_pdbx_nonpoly_scheme.pdb_seq_num 
_pdbx_nonpoly_scheme.auth_seq_num 
_pdbx_nonpoly_scheme.pdb_mon_id 
_pdbx_nonpoly_scheme.auth_mon_id 
_pdbx_nonpoly_scheme.pdb_strand_id 
_pdbx_nonpoly_scheme.pdb_ins_code 
C 3 HOH 1   201 1   HOH HOH A . 
C 3 HOH 2   202 2   HOH HOH A . 
C 3 HOH 3   203 3   HOH HOH A . 
C 3 HOH 4   204 4   HOH HOH A . 
C 3 HOH 5   205 5   HOH HOH A . 
C 3 HOH 6   206 6   HOH HOH A . 
C 3 HOH 7   207 7   HOH HOH A . 
C 3 HOH 8   208 8   HOH HOH A . 
C 3 HOH 9   209 9   HOH HOH A . 
C 3 HOH 10  210 10  HOH HOH A . 
C 3 HOH 11  211 11  HOH HOH A . 
C 3 HOH 12  212 12  HOH HOH A . 
C 3 HOH 13  213 13  HOH HOH A . 
C 3 HOH 14  214 14  HOH HOH A . 
C 3 HOH 15  215 15  HOH HOH A . 
C 3 HOH 16  216 16  HOH HOH A . 
C 3 HOH 17  217 17  HOH HOH A . 
C 3 HOH 18  218 18  HOH HOH A . 
C 3 HOH 19  219 19  HOH HOH A . 
C 3 HOH 20  220 20  HOH HOH A . 
C 3 HOH 21  221 21  HOH HOH A . 
C 3 HOH 22  222 22  HOH HOH A . 
C 3 HOH 23  223 23  HOH HOH A . 
C 3 HOH 24  224 24  HOH HOH A . 
C 3 HOH 25  225 25  HOH HOH A . 
C 3 HOH 26  226 26  HOH HOH A . 
C 3 HOH 27  227 27  HOH HOH A . 
C 3 HOH 28  228 28  HOH HOH A . 
C 3 HOH 29  229 29  HOH HOH A . 
C 3 HOH 30  230 30  HOH HOH A . 
C 3 HOH 31  231 31  HOH HOH A . 
C 3 HOH 32  232 32  HOH HOH A . 
C 3 HOH 33  233 33  HOH HOH A . 
C 3 HOH 34  234 34  HOH HOH A . 
C 3 HOH 35  235 35  HOH HOH A . 
C 3 HOH 36  236 36  HOH HOH A . 
C 3 HOH 37  237 37  HOH HOH A . 
C 3 HOH 38  238 38  HOH HOH A . 
C 3 HOH 39  239 39  HOH HOH A . 
C 3 HOH 40  240 40  HOH HOH A . 
C 3 HOH 41  241 41  HOH HOH A . 
C 3 HOH 42  242 42  HOH HOH A . 
C 3 HOH 43  243 43  HOH HOH A . 
C 3 HOH 44  244 44  HOH HOH A . 
C 3 HOH 45  245 45  HOH HOH A . 
C 3 HOH 46  246 46  HOH HOH A . 
C 3 HOH 47  247 47  HOH HOH A . 
C 3 HOH 48  248 48  HOH HOH A . 
C 3 HOH 49  249 49  HOH HOH A . 
C 3 HOH 50  250 50  HOH HOH A . 
C 3 HOH 51  251 51  HOH HOH A . 
C 3 HOH 52  252 52  HOH HOH A . 
C 3 HOH 53  253 53  HOH HOH A . 
C 3 HOH 54  254 54  HOH HOH A . 
C 3 HOH 55  255 55  HOH HOH A . 
C 3 HOH 56  256 56  HOH HOH A . 
C 3 HOH 57  257 57  HOH HOH A . 
C 3 HOH 58  258 58  HOH HOH A . 
C 3 HOH 59  259 59  HOH HOH A . 
C 3 HOH 60  260 60  HOH HOH A . 
C 3 HOH 61  261 61  HOH HOH A . 
C 3 HOH 62  262 62  HOH HOH A . 
C 3 HOH 63  263 63  HOH HOH A . 
C 3 HOH 64  264 64  HOH HOH A . 
C 3 HOH 65  265 65  HOH HOH A . 
C 3 HOH 66  266 66  HOH HOH A . 
C 3 HOH 67  267 67  HOH HOH A . 
C 3 HOH 68  268 68  HOH HOH A . 
C 3 HOH 69  269 69  HOH HOH A . 
C 3 HOH 70  270 70  HOH HOH A . 
C 3 HOH 71  271 71  HOH HOH A . 
C 3 HOH 72  272 72  HOH HOH A . 
C 3 HOH 73  273 73  HOH HOH A . 
C 3 HOH 74  274 75  HOH HOH A . 
C 3 HOH 75  275 76  HOH HOH A . 
C 3 HOH 76  276 77  HOH HOH A . 
C 3 HOH 77  277 79  HOH HOH A . 
C 3 HOH 78  278 80  HOH HOH A . 
C 3 HOH 79  279 81  HOH HOH A . 
C 3 HOH 80  280 82  HOH HOH A . 
C 3 HOH 81  281 83  HOH HOH A . 
C 3 HOH 82  282 84  HOH HOH A . 
C 3 HOH 83  283 85  HOH HOH A . 
C 3 HOH 84  284 86  HOH HOH A . 
C 3 HOH 85  285 87  HOH HOH A . 
C 3 HOH 86  286 88  HOH HOH A . 
C 3 HOH 87  287 89  HOH HOH A . 
C 3 HOH 88  288 90  HOH HOH A . 
C 3 HOH 89  289 91  HOH HOH A . 
C 3 HOH 90  290 92  HOH HOH A . 
C 3 HOH 91  291 93  HOH HOH A . 
C 3 HOH 92  292 94  HOH HOH A . 
C 3 HOH 93  293 95  HOH HOH A . 
C 3 HOH 94  294 96  HOH HOH A . 
C 3 HOH 95  295 97  HOH HOH A . 
C 3 HOH 96  296 98  HOH HOH A . 
C 3 HOH 97  297 99  HOH HOH A . 
C 3 HOH 98  298 100 HOH HOH A . 
C 3 HOH 99  299 101 HOH HOH A . 
C 3 HOH 100 300 102 HOH HOH A . 
C 3 HOH 101 301 103 HOH HOH A . 
C 3 HOH 102 302 104 HOH HOH A . 
C 3 HOH 103 303 105 HOH HOH A . 
C 3 HOH 104 304 107 HOH HOH A . 
C 3 HOH 105 305 108 HOH HOH A . 
C 3 HOH 106 306 109 HOH HOH A . 
C 3 HOH 107 307 110 HOH HOH A . 
C 3 HOH 108 308 111 HOH HOH A . 
C 3 HOH 109 309 112 HOH HOH A . 
C 3 HOH 110 310 113 HOH HOH A . 
C 3 HOH 111 311 114 HOH HOH A . 
C 3 HOH 112 312 115 HOH HOH A . 
C 3 HOH 113 313 116 HOH HOH A . 
C 3 HOH 114 314 117 HOH HOH A . 
C 3 HOH 115 315 119 HOH HOH A . 
C 3 HOH 116 316 120 HOH HOH A . 
C 3 HOH 117 317 121 HOH HOH A . 
C 3 HOH 118 318 122 HOH HOH A . 
C 3 HOH 119 319 124 HOH HOH A . 
C 3 HOH 120 320 125 HOH HOH A . 
C 3 HOH 121 321 126 HOH HOH A . 
C 3 HOH 122 322 127 HOH HOH A . 
C 3 HOH 123 323 128 HOH HOH A . 
C 3 HOH 124 324 129 HOH HOH A . 
C 3 HOH 125 325 130 HOH HOH A . 
C 3 HOH 126 326 131 HOH HOH A . 
C 3 HOH 127 327 132 HOH HOH A . 
C 3 HOH 128 328 133 HOH HOH A . 
C 3 HOH 129 329 134 HOH HOH A . 
C 3 HOH 130 330 135 HOH HOH A . 
C 3 HOH 131 331 136 HOH HOH A . 
C 3 HOH 132 332 137 HOH HOH A . 
C 3 HOH 133 333 138 HOH HOH A . 
C 3 HOH 134 334 139 HOH HOH A . 
C 3 HOH 135 335 140 HOH HOH A . 
C 3 HOH 136 336 141 HOH HOH A . 
C 3 HOH 137 337 142 HOH HOH A . 
C 3 HOH 138 338 143 HOH HOH A . 
C 3 HOH 139 339 144 HOH HOH A . 
C 3 HOH 140 340 145 HOH HOH A . 
C 3 HOH 141 341 146 HOH HOH A . 
C 3 HOH 142 342 147 HOH HOH A . 
C 3 HOH 143 343 148 HOH HOH A . 
C 3 HOH 144 344 149 HOH HOH A . 
C 3 HOH 145 345 150 HOH HOH A . 
C 3 HOH 146 346 151 HOH HOH A . 
C 3 HOH 147 347 152 HOH HOH A . 
C 3 HOH 148 348 153 HOH HOH A . 
C 3 HOH 149 349 154 HOH HOH A . 
C 3 HOH 150 350 155 HOH HOH A . 
C 3 HOH 151 351 156 HOH HOH A . 
C 3 HOH 152 352 157 HOH HOH A . 
C 3 HOH 153 353 158 HOH HOH A . 
C 3 HOH 154 354 159 HOH HOH A . 
C 3 HOH 155 355 160 HOH HOH A . 
C 3 HOH 156 356 161 HOH HOH A . 
C 3 HOH 157 357 162 HOH HOH A . 
C 3 HOH 158 358 163 HOH HOH A . 
C 3 HOH 159 359 164 HOH HOH A . 
C 3 HOH 160 360 165 HOH HOH A . 
C 3 HOH 161 361 166 HOH HOH A . 
C 3 HOH 162 362 167 HOH HOH A . 
C 3 HOH 163 363 168 HOH HOH A . 
C 3 HOH 164 364 169 HOH HOH A . 
C 3 HOH 165 365 171 HOH HOH A . 
C 3 HOH 166 366 172 HOH HOH A . 
C 3 HOH 167 367 173 HOH HOH A . 
C 3 HOH 168 368 174 HOH HOH A . 
C 3 HOH 169 369 175 HOH HOH A . 
C 3 HOH 170 370 176 HOH HOH A . 
C 3 HOH 171 371 178 HOH HOH A . 
C 3 HOH 172 372 179 HOH HOH A . 
C 3 HOH 173 373 180 HOH HOH A . 
C 3 HOH 174 374 181 HOH HOH A . 
C 3 HOH 175 375 182 HOH HOH A . 
C 3 HOH 176 376 183 HOH HOH A . 
C 3 HOH 177 377 184 HOH HOH A . 
C 3 HOH 178 378 185 HOH HOH A . 
C 3 HOH 179 379 186 HOH HOH A . 
C 3 HOH 180 380 187 HOH HOH A . 
C 3 HOH 181 381 188 HOH HOH A . 
C 3 HOH 182 382 189 HOH HOH A . 
C 3 HOH 183 383 190 HOH HOH A . 
C 3 HOH 184 384 191 HOH HOH A . 
C 3 HOH 185 385 192 HOH HOH A . 
C 3 HOH 186 386 193 HOH HOH A . 
C 3 HOH 187 387 194 HOH HOH A . 
C 3 HOH 188 388 195 HOH HOH A . 
C 3 HOH 189 389 196 HOH HOH A . 
C 3 HOH 190 390 198 HOH HOH A . 
C 3 HOH 191 391 200 HOH HOH A . 
C 3 HOH 192 392 201 HOH HOH A . 
C 3 HOH 193 393 202 HOH HOH A . 
C 3 HOH 194 394 203 HOH HOH A . 
C 3 HOH 195 395 204 HOH HOH A . 
C 3 HOH 196 396 205 HOH HOH A . 
C 3 HOH 197 397 206 HOH HOH A . 
C 3 HOH 198 398 208 HOH HOH A . 
C 3 HOH 199 399 209 HOH HOH A . 
C 3 HOH 200 400 210 HOH HOH A . 
C 3 HOH 201 401 211 HOH HOH A . 
C 3 HOH 202 402 212 HOH HOH A . 
C 3 HOH 203 403 213 HOH HOH A . 
C 3 HOH 204 404 214 HOH HOH A . 
C 3 HOH 205 405 215 HOH HOH A . 
C 3 HOH 206 406 216 HOH HOH A . 
C 3 HOH 207 407 217 HOH HOH A . 
C 3 HOH 208 408 218 HOH HOH A . 
C 3 HOH 209 409 219 HOH HOH A . 
C 3 HOH 210 410 224 HOH HOH A . 
C 3 HOH 211 411 225 HOH HOH A . 
C 3 HOH 212 412 226 HOH HOH A . 
C 3 HOH 213 413 227 HOH HOH A . 
C 3 HOH 214 414 228 HOH HOH A . 
C 3 HOH 215 415 229 HOH HOH A . 
C 3 HOH 216 416 231 HOH HOH A . 
C 3 HOH 217 417 233 HOH HOH A . 
C 3 HOH 218 418 237 HOH HOH A . 
C 3 HOH 219 419 238 HOH HOH A . 
C 3 HOH 220 420 239 HOH HOH A . 
C 3 HOH 221 421 240 HOH HOH A . 
C 3 HOH 222 422 241 HOH HOH A . 
C 3 HOH 223 423 242 HOH HOH A . 
C 3 HOH 224 424 243 HOH HOH A . 
D 3 HOH 1   101 74  HOH HOH B . 
D 3 HOH 2   102 78  HOH HOH B . 
D 3 HOH 3   103 106 HOH HOH B . 
D 3 HOH 4   104 118 HOH HOH B . 
D 3 HOH 5   105 123 HOH HOH B . 
D 3 HOH 6   106 170 HOH HOH B . 
D 3 HOH 7   107 177 HOH HOH B . 
D 3 HOH 8   108 197 HOH HOH B . 
D 3 HOH 9   109 199 HOH HOH B . 
D 3 HOH 10  110 207 HOH HOH B . 
D 3 HOH 11  111 220 HOH HOH B . 
D 3 HOH 12  112 221 HOH HOH B . 
D 3 HOH 13  113 222 HOH HOH B . 
D 3 HOH 14  114 223 HOH HOH B . 
D 3 HOH 15  115 230 HOH HOH B . 
D 3 HOH 16  116 232 HOH HOH B . 
D 3 HOH 17  117 234 HOH HOH B . 
D 3 HOH 18  118 235 HOH HOH B . 
D 3 HOH 19  119 236 HOH HOH B . 
# 
loop_
_pdbx_unobs_or_zero_occ_atoms.id 
_pdbx_unobs_or_zero_occ_atoms.PDB_model_num 
_pdbx_unobs_or_zero_occ_atoms.polymer_flag 
_pdbx_unobs_or_zero_occ_atoms.occupancy_flag 
_pdbx_unobs_or_zero_occ_atoms.auth_asym_id 
_pdbx_unobs_or_zero_occ_atoms.auth_comp_id 
_pdbx_unobs_or_zero_occ_atoms.auth_seq_id 
_pdbx_unobs_or_zero_occ_atoms.PDB_ins_code 
_pdbx_unobs_or_zero_occ_atoms.auth_atom_id 
_pdbx_unobs_or_zero_occ_atoms.label_alt_id 
_pdbx_unobs_or_zero_occ_atoms.label_asym_id 
_pdbx_unobs_or_zero_occ_atoms.label_comp_id 
_pdbx_unobs_or_zero_occ_atoms.label_seq_id 
_pdbx_unobs_or_zero_occ_atoms.label_atom_id 
1 1 Y 1 A LEU 7   ? CG  ? A LEU 7   CG  
2 1 Y 1 A LEU 7   ? CD1 ? A LEU 7   CD1 
3 1 Y 1 A LEU 7   ? CD2 ? A LEU 7   CD2 
4 1 Y 1 A ARG 153 ? CG  ? A ARG 153 CG  
5 1 Y 1 A ARG 153 ? CD  ? A ARG 153 CD  
6 1 Y 1 A ARG 153 ? NE  ? A ARG 153 NE  
7 1 Y 1 A ARG 153 ? CZ  ? A ARG 153 CZ  
8 1 Y 1 A ARG 153 ? NH1 ? A ARG 153 NH1 
9 1 Y 1 A ARG 153 ? NH2 ? A ARG 153 NH2 
# 
_software.name             REFMAC 
_software.classification   refinement 
_software.version          5.7.0032 
_software.citation_id      ? 
_software.pdbx_ordinal     1 
# 
_cell.entry_id           4M92 
_cell.length_a           39.850 
_cell.length_b           62.200 
_cell.length_c           64.610 
_cell.angle_alpha        90.00 
_cell.angle_beta         90.00 
_cell.angle_gamma        90.00 
_cell.Z_PDB              4 
_cell.pdbx_unique_axis   ? 
_cell.length_a_esd       ? 
_cell.length_b_esd       ? 
_cell.length_c_esd       ? 
_cell.angle_alpha_esd    ? 
_cell.angle_beta_esd     ? 
_cell.angle_gamma_esd    ? 
# 
_symmetry.entry_id                         4M92 
_symmetry.space_group_name_H-M             'P 21 21 21' 
_symmetry.pdbx_full_space_group_name_H-M   ? 
_symmetry.cell_setting                     ? 
_symmetry.Int_Tables_number                19 
_symmetry.space_group_name_Hall            ? 
# 
_exptl.entry_id          4M92 
_exptl.method            'X-RAY DIFFRACTION' 
_exptl.crystals_number   1 
# 
_exptl_crystal.id                    1 
_exptl_crystal.density_meas          ? 
_exptl_crystal.density_Matthews      1.91 
_exptl_crystal.density_percent_sol   35.60 
_exptl_crystal.description           ? 
_exptl_crystal.F_000                 ? 
_exptl_crystal.preparation           ? 
# 
_diffrn.id                     1 
_diffrn.ambient_temp           100 
_diffrn.ambient_temp_details   ? 
_diffrn.crystal_id             1 
# 
_diffrn_detector.diffrn_id              1 
_diffrn_detector.detector               PIXEL 
_diffrn_detector.type                   'DECTRIS PILATUS 6M' 
_diffrn_detector.pdbx_collection_date   2013-02-10 
_diffrn_detector.details                ? 
# 
_diffrn_radiation.diffrn_id                        1 
_diffrn_radiation.wavelength_id                    1 
_diffrn_radiation.pdbx_monochromatic_or_laue_m_l   M 
_diffrn_radiation.monochromator                    'Si(111)' 
_diffrn_radiation.pdbx_diffrn_protocol             'SINGLE WAVELENGTH' 
_diffrn_radiation.pdbx_scattering_type             x-ray 
# 
_diffrn_radiation_wavelength.id           1 
_diffrn_radiation_wavelength.wavelength   1.000 
_diffrn_radiation_wavelength.wt           1.0 
# 
_diffrn_source.diffrn_id                   1 
_diffrn_source.source                      SYNCHROTRON 
_diffrn_source.type                        'SLS BEAMLINE X06SA' 
_diffrn_source.pdbx_synchrotron_site       SLS 
_diffrn_source.pdbx_synchrotron_beamline   X06SA 
_diffrn_source.pdbx_wavelength             ? 
_diffrn_source.pdbx_wavelength_list        1.000 
# 
_reflns.entry_id                     4M92 
_reflns.observed_criterion_sigma_I   2.0 
_reflns.observed_criterion_sigma_F   2.0 
_reflns.d_resolution_low             25.1 
_reflns.d_resolution_high            1.6 
_reflns.number_obs                   21733 
_reflns.number_all                   21798 
_reflns.percent_possible_obs         99.7 
_reflns.pdbx_Rmerge_I_obs            0.098 
_reflns.pdbx_Rsym_value              0.098 
_reflns.pdbx_netI_over_sigmaI        9.2 
_reflns.B_iso_Wilson_estimate        ? 
_reflns.pdbx_redundancy              3.9 
_reflns.R_free_details               ? 
_reflns.limit_h_max                  ? 
_reflns.limit_h_min                  ? 
_reflns.limit_k_max                  ? 
_reflns.limit_k_min                  ? 
_reflns.limit_l_max                  ? 
_reflns.limit_l_min                  ? 
_reflns.observed_criterion_F_max     ? 
_reflns.observed_criterion_F_min     ? 
_reflns.pdbx_chi_squared             ? 
_reflns.pdbx_scaling_rejects         ? 
_reflns.pdbx_ordinal                 1 
_reflns.pdbx_diffrn_id               1 
# 
_reflns_shell.d_res_high             1.6 
_reflns_shell.d_res_low              1.69 
_reflns_shell.percent_possible_all   100 
_reflns_shell.Rmerge_I_obs           0.637 
_reflns_shell.pdbx_Rsym_value        0.637 
_reflns_shell.meanI_over_sigI_obs    2.1 
_reflns_shell.pdbx_redundancy        3.9 
_reflns_shell.percent_possible_obs   ? 
_reflns_shell.number_unique_all      ? 
_reflns_shell.number_measured_all    ? 
_reflns_shell.number_measured_obs    ? 
_reflns_shell.number_unique_obs      ? 
_reflns_shell.pdbx_chi_squared       ? 
_reflns_shell.pdbx_ordinal           1 
_reflns_shell.pdbx_diffrn_id         1 
# 
_refine.entry_id                                 4M92 
_refine.ls_number_reflns_obs                     21196 
_refine.ls_number_reflns_all                     21196 
_refine.pdbx_ls_sigma_I                          ? 
_refine.pdbx_ls_sigma_F                          . 
_refine.pdbx_data_cutoff_high_absF               ? 
_refine.pdbx_data_cutoff_low_absF                ? 
_refine.pdbx_data_cutoff_high_rms_absF           ? 
_refine.ls_d_res_low                             25.09 
_refine.ls_d_res_high                            1.60 
_refine.ls_percent_reflns_obs                    99.10 
_refine.ls_R_factor_obs                          0.19255 
_refine.ls_R_factor_all                          ? 
_refine.ls_R_factor_R_work                       0.19175 
_refine.ls_R_factor_R_free                       0.23206 
_refine.ls_R_factor_R_free_error                 ? 
_refine.ls_R_factor_R_free_error_details         ? 
_refine.ls_percent_reflns_R_free                 2.0 
_refine.ls_number_reflns_R_free                  435 
_refine.ls_number_parameters                     ? 
_refine.ls_number_restraints                     ? 
_refine.occupancy_min                            ? 
_refine.occupancy_max                            ? 
_refine.correlation_coeff_Fo_to_Fc               0.945 
_refine.correlation_coeff_Fo_to_Fc_free          0.931 
_refine.B_iso_mean                               17.668 
_refine.aniso_B[1][1]                            -0.27 
_refine.aniso_B[2][2]                            -0.88 
_refine.aniso_B[3][3]                            1.14 
_refine.aniso_B[1][2]                            0.00 
_refine.aniso_B[1][3]                            0.00 
_refine.aniso_B[2][3]                            -0.00 
_refine.solvent_model_details                    MASK 
_refine.solvent_model_param_ksol                 ? 
_refine.solvent_model_param_bsol                 ? 
_refine.pdbx_solvent_vdw_probe_radii             1.20 
_refine.pdbx_solvent_ion_probe_radii             0.80 
_refine.pdbx_solvent_shrinkage_radii             0.80 
_refine.pdbx_ls_cross_valid_method               THROUGHOUT 
_refine.details                                  'HYDROGENS HAVE BEEN ADDED IN THE RIDING POSITIONS' 
_refine.pdbx_starting_model                      'pdb entry 4M8G' 
_refine.pdbx_method_to_determine_struct          'MOLECULAR REPLACEMENT' 
_refine.pdbx_isotropic_thermal_model             ? 
_refine.pdbx_stereochemistry_target_values       'MAXIMUM LIKELIHOOD' 
_refine.pdbx_stereochem_target_val_spec_case     ? 
_refine.pdbx_R_Free_selection_details            RANDOM 
_refine.pdbx_overall_ESU_R                       0.101 
_refine.pdbx_overall_ESU_R_Free                  0.102 
_refine.overall_SU_ML                            0.072 
_refine.pdbx_overall_phase_error                 ? 
_refine.overall_SU_B                             2.026 
_refine.overall_SU_R_Cruickshank_DPI             ? 
_refine.ls_redundancy_reflns_obs                 ? 
_refine.B_iso_min                                ? 
_refine.B_iso_max                                ? 
_refine.overall_SU_R_free                        ? 
_refine.ls_wR_factor_R_free                      ? 
_refine.ls_wR_factor_R_work                      ? 
_refine.overall_FOM_free_R_set                   ? 
_refine.overall_FOM_work_R_set                   ? 
_refine.pdbx_diffrn_id                           1 
_refine.pdbx_refine_id                           'X-RAY DIFFRACTION' 
_refine.pdbx_TLS_residual_ADP_flag               ? 
_refine.pdbx_overall_SU_R_free_Cruickshank_DPI   ? 
_refine.pdbx_overall_SU_R_Blow_DPI               ? 
_refine.pdbx_overall_SU_R_free_Blow_DPI          ? 
# 
_refine_hist.pdbx_refine_id                   'X-RAY DIFFRACTION' 
_refine_hist.cycle_id                         LAST 
_refine_hist.pdbx_number_atoms_protein        1335 
_refine_hist.pdbx_number_atoms_nucleic_acid   0 
_refine_hist.pdbx_number_atoms_ligand         0 
_refine_hist.number_atoms_solvent             243 
_refine_hist.number_atoms_total               1578 
_refine_hist.d_res_high                       1.60 
_refine_hist.d_res_low                        25.09 
# 
loop_
_refine_ls_restr.type 
_refine_ls_restr.dev_ideal 
_refine_ls_restr.dev_ideal_target 
_refine_ls_restr.weight 
_refine_ls_restr.number 
_refine_ls_restr.pdbx_restraint_function 
_refine_ls_restr.pdbx_refine_id 
r_bond_refined_d             0.017  0.019  ? 1373 ? 'X-RAY DIFFRACTION' 
r_bond_other_d               0.005  0.020  ? 1289 ? 'X-RAY DIFFRACTION' 
r_angle_refined_deg          1.384  1.932  ? 1848 ? 'X-RAY DIFFRACTION' 
r_angle_other_deg            0.843  3.001  ? 2953 ? 'X-RAY DIFFRACTION' 
r_dihedral_angle_1_deg       5.596  5.000  ? 162  ? 'X-RAY DIFFRACTION' 
r_dihedral_angle_2_deg       31.158 23.151 ? 73   ? 'X-RAY DIFFRACTION' 
r_dihedral_angle_3_deg       12.109 15.000 ? 244  ? 'X-RAY DIFFRACTION' 
r_dihedral_angle_4_deg       14.535 15.000 ? 13   ? 'X-RAY DIFFRACTION' 
r_chiral_restr               0.099  0.200  ? 187  ? 'X-RAY DIFFRACTION' 
r_gen_planes_refined         0.008  0.021  ? 1566 ? 'X-RAY DIFFRACTION' 
r_gen_planes_other           0.001  0.020  ? 359  ? 'X-RAY DIFFRACTION' 
r_nbd_refined                ?      ?      ? ?    ? 'X-RAY DIFFRACTION' 
r_nbd_other                  ?      ?      ? ?    ? 'X-RAY DIFFRACTION' 
r_nbtor_refined              ?      ?      ? ?    ? 'X-RAY DIFFRACTION' 
r_nbtor_other                ?      ?      ? ?    ? 'X-RAY DIFFRACTION' 
r_xyhbond_nbd_refined        ?      ?      ? ?    ? 'X-RAY DIFFRACTION' 
r_xyhbond_nbd_other          ?      ?      ? ?    ? 'X-RAY DIFFRACTION' 
r_metal_ion_refined          ?      ?      ? ?    ? 'X-RAY DIFFRACTION' 
r_metal_ion_other            ?      ?      ? ?    ? 'X-RAY DIFFRACTION' 
r_symmetry_vdw_refined       ?      ?      ? ?    ? 'X-RAY DIFFRACTION' 
r_symmetry_vdw_other         ?      ?      ? ?    ? 'X-RAY DIFFRACTION' 
r_symmetry_hbond_refined     ?      ?      ? ?    ? 'X-RAY DIFFRACTION' 
r_symmetry_hbond_other       ?      ?      ? ?    ? 'X-RAY DIFFRACTION' 
r_symmetry_metal_ion_refined ?      ?      ? ?    ? 'X-RAY DIFFRACTION' 
r_symmetry_metal_ion_other   ?      ?      ? ?    ? 'X-RAY DIFFRACTION' 
r_mcbond_it                  1.882  1.380  ? 648  ? 'X-RAY DIFFRACTION' 
r_mcbond_other               1.871  1.374  ? 647  ? 'X-RAY DIFFRACTION' 
r_mcangle_it                 2.637  2.053  ? 807  ? 'X-RAY DIFFRACTION' 
r_mcangle_other              2.640  2.060  ? 808  ? 'X-RAY DIFFRACTION' 
r_scbond_it                  3.320  1.791  ? 725  ? 'X-RAY DIFFRACTION' 
r_scbond_other               3.317  1.796  ? 726  ? 'X-RAY DIFFRACTION' 
r_scangle_it                 ?      ?      ? ?    ? 'X-RAY DIFFRACTION' 
r_scangle_other              5.088  2.533  ? 1041 ? 'X-RAY DIFFRACTION' 
r_long_range_B_refined       7.092  14.045 ? 1839 ? 'X-RAY DIFFRACTION' 
r_long_range_B_other         7.064  12.942 ? 1701 ? 'X-RAY DIFFRACTION' 
r_rigid_bond_restr           ?      ?      ? ?    ? 'X-RAY DIFFRACTION' 
r_sphericity_free            ?      ?      ? ?    ? 'X-RAY DIFFRACTION' 
r_sphericity_bonded          ?      ?      ? ?    ? 'X-RAY DIFFRACTION' 
# 
_refine_ls_shell.pdbx_total_number_of_bins_used   20 
_refine_ls_shell.d_res_high                       1.600 
_refine_ls_shell.d_res_low                        1.641 
_refine_ls_shell.number_reflns_R_work             1533 
_refine_ls_shell.R_factor_R_work                  0.281 
_refine_ls_shell.percent_reflns_obs               99.87 
_refine_ls_shell.R_factor_R_free                  0.306 
_refine_ls_shell.R_factor_R_free_error            ? 
_refine_ls_shell.percent_reflns_R_free            ? 
_refine_ls_shell.number_reflns_R_free             30 
_refine_ls_shell.number_reflns_all                ? 
_refine_ls_shell.R_factor_all                     ? 
_refine_ls_shell.number_reflns_obs                ? 
_refine_ls_shell.redundancy_reflns_obs            ? 
_refine_ls_shell.pdbx_refine_id                   'X-RAY DIFFRACTION' 
# 
_struct.entry_id                  4M92 
_struct.title                     'Crystal structure of hN33/Tusc3-peptide 2' 
_struct.pdbx_model_details        ? 
_struct.pdbx_CASP_flag            ? 
_struct.pdbx_model_type_details   ? 
# 
_struct_keywords.entry_id        4M92 
_struct_keywords.pdbx_keywords   OXIDOREDUCTASE 
_struct_keywords.text            
;thioredoxin-like fold; thiol/disulfide oxidoreductase; thiol/disulfide exchange reactions; redox-active protein; oxidoreductase, OXIDOREDUCTASE
;
# 
loop_
_struct_asym.id 
_struct_asym.pdbx_blank_PDB_chainid_flag 
_struct_asym.pdbx_modified 
_struct_asym.entity_id 
_struct_asym.details 
A N N 1 ? 
B N N 2 ? 
C N N 3 ? 
D N N 3 ? 
# 
loop_
_struct_ref.id 
_struct_ref.db_name 
_struct_ref.db_code 
_struct_ref.pdbx_db_accession 
_struct_ref.entity_id 
_struct_ref.pdbx_seq_one_letter_code 
_struct_ref.pdbx_align_begin 
_struct_ref.pdbx_db_isoform 
1 UNP TUSC3_HUMAN Q13454 1 
;KKENLLAEKVEQLMEWSSRRSIFRMNGDKFRKFIKAPPRNYSMIVMFTALQPQRQCSVCRQANEEYQILANSWRYSSAFC
NKLFFSMVDYDEGTDVFQQLNMNSAPTFMHFPPKGRPKRADTFDLQRIGFAAEQLAKWIADRTDVHIRVFR
;
44  ? 
2 UNP IRPL1_HUMAN Q9NZN1 2 REDDIGNYTCELKYGG 207 ? 
# 
loop_
_struct_ref_seq.align_id 
_struct_ref_seq.ref_id 
_struct_ref_seq.pdbx_PDB_id_code 
_struct_ref_seq.pdbx_strand_id 
_struct_ref_seq.seq_align_beg 
_struct_ref_seq.pdbx_seq_align_beg_ins_code 
_struct_ref_seq.seq_align_end 
_struct_ref_seq.pdbx_seq_align_end_ins_code 
_struct_ref_seq.pdbx_db_accession 
_struct_ref_seq.db_align_beg 
_struct_ref_seq.pdbx_db_align_beg_ins_code 
_struct_ref_seq.db_align_end 
_struct_ref_seq.pdbx_db_align_end_ins_code 
_struct_ref_seq.pdbx_auth_seq_align_beg 
_struct_ref_seq.pdbx_auth_seq_align_end 
1 1 4M92 A 3 ? 153 ? Q13454 44  ? 194 ? 3 153 
2 2 4M92 B 1 ? 16  ? Q9NZN1 207 ? 222 ? 1 16  
# 
loop_
_struct_ref_seq_dif.align_id 
_struct_ref_seq_dif.pdbx_pdb_id_code 
_struct_ref_seq_dif.mon_id 
_struct_ref_seq_dif.pdbx_pdb_strand_id 
_struct_ref_seq_dif.seq_num 
_struct_ref_seq_dif.pdbx_pdb_ins_code 
_struct_ref_seq_dif.pdbx_seq_db_name 
_struct_ref_seq_dif.pdbx_seq_db_accession_code 
_struct_ref_seq_dif.db_mon_id 
_struct_ref_seq_dif.pdbx_seq_db_seq_num 
_struct_ref_seq_dif.details 
_struct_ref_seq_dif.pdbx_auth_seq_num 
_struct_ref_seq_dif.pdbx_ordinal 
1 4M92 ALA A 1   ? UNP Q13454 ?   ?   'expression tag'      1   1  
1 4M92 SER A 2   ? UNP Q13454 ?   ?   'expression tag'      2   2  
1 4M92 SER A 61  ? UNP Q13454 CYS 102 'engineered mutation' 61  3  
1 4M92 SER A 82  ? UNP Q13454 CYS 123 'engineered mutation' 82  4  
1 4M92 LEU A 154 ? UNP Q13454 ?   ?   'expression tag'      154 5  
1 4M92 GLU A 155 ? UNP Q13454 ?   ?   'expression tag'      155 6  
1 4M92 HIS A 156 ? UNP Q13454 ?   ?   'expression tag'      156 7  
1 4M92 HIS A 157 ? UNP Q13454 ?   ?   'expression tag'      157 8  
1 4M92 HIS A 158 ? UNP Q13454 ?   ?   'expression tag'      158 9  
1 4M92 HIS A 159 ? UNP Q13454 ?   ?   'expression tag'      159 10 
1 4M92 HIS A 160 ? UNP Q13454 ?   ?   'expression tag'      160 11 
1 4M92 HIS A 161 ? UNP Q13454 ?   ?   'expression tag'      161 12 
# 
_pdbx_struct_assembly.id                   1 
_pdbx_struct_assembly.details              author_and_software_defined_assembly 
_pdbx_struct_assembly.method_details       PISA 
_pdbx_struct_assembly.oligomeric_details   dimeric 
_pdbx_struct_assembly.oligomeric_count     2 
# 
loop_
_pdbx_struct_assembly_prop.biol_id 
_pdbx_struct_assembly_prop.type 
_pdbx_struct_assembly_prop.value 
_pdbx_struct_assembly_prop.details 
1 'ABSA (A^2)' 710  ? 
1 MORE         -4   ? 
1 'SSA (A^2)'  9410 ? 
# 
_pdbx_struct_assembly_gen.assembly_id       1 
_pdbx_struct_assembly_gen.oper_expression   1 
_pdbx_struct_assembly_gen.asym_id_list      A,B,C,D 
# 
_pdbx_struct_oper_list.id                   1 
_pdbx_struct_oper_list.type                 'identity operation' 
_pdbx_struct_oper_list.name                 1_555 
_pdbx_struct_oper_list.symmetry_operation   x,y,z 
_pdbx_struct_oper_list.matrix[1][1]         1.0000000000 
_pdbx_struct_oper_list.matrix[1][2]         0.0000000000 
_pdbx_struct_oper_list.matrix[1][3]         0.0000000000 
_pdbx_struct_oper_list.vector[1]            0.0000000000 
_pdbx_struct_oper_list.matrix[2][1]         0.0000000000 
_pdbx_struct_oper_list.matrix[2][2]         1.0000000000 
_pdbx_struct_oper_list.matrix[2][3]         0.0000000000 
_pdbx_struct_oper_list.vector[2]            0.0000000000 
_pdbx_struct_oper_list.matrix[3][1]         0.0000000000 
_pdbx_struct_oper_list.matrix[3][2]         0.0000000000 
_pdbx_struct_oper_list.matrix[3][3]         1.0000000000 
_pdbx_struct_oper_list.vector[3]            0.0000000000 
# 
_struct_biol.id        1 
_struct_biol.details   ? 
# 
loop_
_struct_conf.conf_type_id 
_struct_conf.id 
_struct_conf.pdbx_PDB_helix_id 
_struct_conf.beg_label_comp_id 
_struct_conf.beg_label_asym_id 
_struct_conf.beg_label_seq_id 
_struct_conf.pdbx_beg_PDB_ins_code 
_struct_conf.end_label_comp_id 
_struct_conf.end_label_asym_id 
_struct_conf.end_label_seq_id 
_struct_conf.pdbx_end_PDB_ins_code 
_struct_conf.beg_auth_comp_id 
_struct_conf.beg_auth_asym_id 
_struct_conf.beg_auth_seq_id 
_struct_conf.end_auth_comp_id 
_struct_conf.end_auth_asym_id 
_struct_conf.end_auth_seq_id 
_struct_conf.pdbx_PDB_helix_class 
_struct_conf.details 
_struct_conf.pdbx_PDB_helix_length 
HELX_P HELX_P1 1 SER A 2   ? ARG A 22  ? SER A 2   ARG A 22  1 ? 21 
HELX_P HELX_P2 2 ASN A 28  ? ILE A 36  ? ASN A 28  ILE A 36  1 ? 9  
HELX_P HELX_P3 3 GLN A 53  ? GLN A 57  ? GLN A 53  GLN A 57  5 ? 5  
HELX_P HELX_P4 4 CYS A 58  ? SER A 78  ? CYS A 58  SER A 78  1 ? 21 
HELX_P HELX_P5 5 GLY A 95  ? LEU A 102 ? GLY A 95  LEU A 102 1 ? 8  
HELX_P HELX_P6 6 LYS A 120 ? THR A 124 ? LYS A 120 THR A 124 5 ? 5  
HELX_P HELX_P7 7 ASP A 126 ? GLY A 131 ? ASP A 126 GLY A 131 1 ? 6  
HELX_P HELX_P8 8 ALA A 133 ? ASP A 146 ? ALA A 133 ASP A 146 1 ? 14 
# 
_struct_conf_type.id          HELX_P 
_struct_conf_type.criteria    ? 
_struct_conf_type.reference   ? 
# 
_struct_conn.id                            disulf1 
_struct_conn.conn_type_id                  disulf 
_struct_conn.pdbx_leaving_atom_flag        ? 
_struct_conn.pdbx_PDB_id                   ? 
_struct_conn.ptnr1_label_asym_id           A 
_struct_conn.ptnr1_label_comp_id           CYS 
_struct_conn.ptnr1_label_seq_id            58 
_struct_conn.ptnr1_label_atom_id           SG 
_struct_conn.pdbx_ptnr1_label_alt_id       ? 
_struct_conn.pdbx_ptnr1_PDB_ins_code       ? 
_struct_conn.pdbx_ptnr1_standard_comp_id   ? 
_struct_conn.ptnr1_symmetry                1_555 
_struct_conn.ptnr2_label_asym_id           B 
_struct_conn.ptnr2_label_comp_id           CYS 
_struct_conn.ptnr2_label_seq_id            10 
_struct_conn.ptnr2_label_atom_id           SG 
_struct_conn.pdbx_ptnr2_label_alt_id       ? 
_struct_conn.pdbx_ptnr2_PDB_ins_code       ? 
_struct_conn.ptnr1_auth_asym_id            A 
_struct_conn.ptnr1_auth_comp_id            CYS 
_struct_conn.ptnr1_auth_seq_id             58 
_struct_conn.ptnr2_auth_asym_id            B 
_struct_conn.ptnr2_auth_comp_id            CYS 
_struct_conn.ptnr2_auth_seq_id             10 
_struct_conn.ptnr2_symmetry                1_555 
_struct_conn.pdbx_ptnr3_label_atom_id      ? 
_struct_conn.pdbx_ptnr3_label_seq_id       ? 
_struct_conn.pdbx_ptnr3_label_comp_id      ? 
_struct_conn.pdbx_ptnr3_label_asym_id      ? 
_struct_conn.pdbx_ptnr3_label_alt_id       ? 
_struct_conn.pdbx_ptnr3_PDB_ins_code       ? 
_struct_conn.details                       ? 
_struct_conn.pdbx_dist_value               2.042 
_struct_conn.pdbx_value_order              ? 
_struct_conn.pdbx_role                     ? 
# 
_struct_conn_type.id          disulf 
_struct_conn_type.criteria    ? 
_struct_conn_type.reference   ? 
# 
_pdbx_modification_feature.ordinal                            1 
_pdbx_modification_feature.label_comp_id                      CYS 
_pdbx_modification_feature.label_asym_id                      A 
_pdbx_modification_feature.label_seq_id                       58 
_pdbx_modification_feature.label_alt_id                       ? 
_pdbx_modification_feature.modified_residue_label_comp_id     CYS 
_pdbx_modification_feature.modified_residue_label_asym_id     B 
_pdbx_modification_feature.modified_residue_label_seq_id      10 
_pdbx_modification_feature.modified_residue_label_alt_id      ? 
_pdbx_modification_feature.auth_comp_id                       CYS 
_pdbx_modification_feature.auth_asym_id                       A 
_pdbx_modification_feature.auth_seq_id                        58 
_pdbx_modification_feature.PDB_ins_code                       ? 
_pdbx_modification_feature.symmetry                           1_555 
_pdbx_modification_feature.modified_residue_auth_comp_id      CYS 
_pdbx_modification_feature.modified_residue_auth_asym_id      B 
_pdbx_modification_feature.modified_residue_auth_seq_id       10 
_pdbx_modification_feature.modified_residue_PDB_ins_code      ? 
_pdbx_modification_feature.modified_residue_symmetry          1_555 
_pdbx_modification_feature.comp_id_linking_atom               SG 
_pdbx_modification_feature.modified_residue_id_linking_atom   SG 
_pdbx_modification_feature.modified_residue_id                . 
_pdbx_modification_feature.ref_pcm_id                         . 
_pdbx_modification_feature.ref_comp_id                        . 
_pdbx_modification_feature.type                               None 
_pdbx_modification_feature.category                           'Disulfide bridge' 
# 
loop_
_struct_mon_prot_cis.pdbx_id 
_struct_mon_prot_cis.label_comp_id 
_struct_mon_prot_cis.label_seq_id 
_struct_mon_prot_cis.label_asym_id 
_struct_mon_prot_cis.label_alt_id 
_struct_mon_prot_cis.pdbx_PDB_ins_code 
_struct_mon_prot_cis.auth_comp_id 
_struct_mon_prot_cis.auth_seq_id 
_struct_mon_prot_cis.auth_asym_id 
_struct_mon_prot_cis.pdbx_label_comp_id_2 
_struct_mon_prot_cis.pdbx_label_seq_id_2 
_struct_mon_prot_cis.pdbx_label_asym_id_2 
_struct_mon_prot_cis.pdbx_PDB_ins_code_2 
_struct_mon_prot_cis.pdbx_auth_comp_id_2 
_struct_mon_prot_cis.pdbx_auth_seq_id_2 
_struct_mon_prot_cis.pdbx_auth_asym_id_2 
_struct_mon_prot_cis.pdbx_PDB_model_num 
_struct_mon_prot_cis.pdbx_omega_angle 
1 PRO 39  A . ? PRO 39  A PRO 40  A ? PRO 40  A 1 -5.26 
2 ALA 107 A . ? ALA 107 A PRO 108 A ? PRO 108 A 1 -0.33 
# 
_struct_sheet.id               A 
_struct_sheet.type             ? 
_struct_sheet.number_strands   4 
_struct_sheet.details          ? 
# 
loop_
_struct_sheet_order.sheet_id 
_struct_sheet_order.range_id_1 
_struct_sheet_order.range_id_2 
_struct_sheet_order.offset 
_struct_sheet_order.sense 
A 1 2 ? parallel      
A 2 3 ? parallel      
A 3 4 ? anti-parallel 
# 
loop_
_struct_sheet_range.sheet_id 
_struct_sheet_range.id 
_struct_sheet_range.beg_label_comp_id 
_struct_sheet_range.beg_label_asym_id 
_struct_sheet_range.beg_label_seq_id 
_struct_sheet_range.pdbx_beg_PDB_ins_code 
_struct_sheet_range.end_label_comp_id 
_struct_sheet_range.end_label_asym_id 
_struct_sheet_range.end_label_seq_id 
_struct_sheet_range.pdbx_end_PDB_ins_code 
_struct_sheet_range.beg_auth_comp_id 
_struct_sheet_range.beg_auth_asym_id 
_struct_sheet_range.beg_auth_seq_id 
_struct_sheet_range.end_auth_comp_id 
_struct_sheet_range.end_auth_asym_id 
_struct_sheet_range.end_auth_seq_id 
A 1 PHE A 25  ? ARG A 26  ? PHE A 25  ARG A 26  
A 2 LEU A 85  ? ASP A 91  ? LEU A 85  ASP A 91  
A 3 SER A 44  ? THR A 50  ? SER A 44  THR A 50  
A 4 THR A 109 ? PHE A 113 ? THR A 109 PHE A 113 
# 
loop_
_pdbx_struct_sheet_hbond.sheet_id 
_pdbx_struct_sheet_hbond.range_id_1 
_pdbx_struct_sheet_hbond.range_id_2 
_pdbx_struct_sheet_hbond.range_1_label_atom_id 
_pdbx_struct_sheet_hbond.range_1_label_comp_id 
_pdbx_struct_sheet_hbond.range_1_label_asym_id 
_pdbx_struct_sheet_hbond.range_1_label_seq_id 
_pdbx_struct_sheet_hbond.range_1_PDB_ins_code 
_pdbx_struct_sheet_hbond.range_1_auth_atom_id 
_pdbx_struct_sheet_hbond.range_1_auth_comp_id 
_pdbx_struct_sheet_hbond.range_1_auth_asym_id 
_pdbx_struct_sheet_hbond.range_1_auth_seq_id 
_pdbx_struct_sheet_hbond.range_2_label_atom_id 
_pdbx_struct_sheet_hbond.range_2_label_comp_id 
_pdbx_struct_sheet_hbond.range_2_label_asym_id 
_pdbx_struct_sheet_hbond.range_2_label_seq_id 
_pdbx_struct_sheet_hbond.range_2_PDB_ins_code 
_pdbx_struct_sheet_hbond.range_2_auth_atom_id 
_pdbx_struct_sheet_hbond.range_2_auth_comp_id 
_pdbx_struct_sheet_hbond.range_2_auth_asym_id 
_pdbx_struct_sheet_hbond.range_2_auth_seq_id 
A 1 2 N PHE A 25 ? N PHE A 25 O PHE A 87  ? O PHE A 87  
A 2 3 O SER A 88 ? O SER A 88 N ILE A 46  ? N ILE A 46  
A 3 4 N MET A 45 ? N MET A 45 O PHE A 113 ? O PHE A 113 
# 
_struct_site.id                   AC1 
_struct_site.pdbx_evidence_code   Software 
_struct_site.pdbx_auth_asym_id    ? 
_struct_site.pdbx_auth_comp_id    ? 
_struct_site.pdbx_auth_seq_id     ? 
_struct_site.pdbx_auth_ins_code   ? 
_struct_site.pdbx_num_residues    33 
_struct_site.details              'BINDING SITE FOR CHAIN B OF INTERLEUKIN-1 RECEPTOR ACCESSORY PROTEIN-LIKE 1' 
# 
loop_
_struct_site_gen.id 
_struct_site_gen.site_id 
_struct_site_gen.pdbx_num_res 
_struct_site_gen.label_comp_id 
_struct_site_gen.label_asym_id 
_struct_site_gen.label_seq_id 
_struct_site_gen.pdbx_auth_ins_code 
_struct_site_gen.auth_comp_id 
_struct_site_gen.auth_asym_id 
_struct_site_gen.auth_seq_id 
_struct_site_gen.label_atom_id 
_struct_site_gen.label_alt_id 
_struct_site_gen.symmetry 
_struct_site_gen.details 
1  AC1 33 LYS A 4   ? LYS A 4   . ? 3_544 ? 
2  AC1 33 GLU A 5   ? GLU A 5   . ? 3_544 ? 
3  AC1 33 PRO A 40  ? PRO A 40  . ? 3_544 ? 
4  AC1 33 ARG A 41  ? ARG A 41  . ? 3_544 ? 
5  AC1 33 ASN A 42  ? ASN A 42  . ? 3_544 ? 
6  AC1 33 ARG A 56  ? ARG A 56  . ? 1_555 ? 
7  AC1 33 CYS A 58  ? CYS A 58  . ? 1_555 ? 
8  AC1 33 TYR A 92  ? TYR A 92  . ? 1_555 ? 
9  AC1 33 ASP A 93  ? ASP A 93  . ? 1_555 ? 
10 AC1 33 THR A 96  ? THR A 96  . ? 1_555 ? 
11 AC1 33 ASN A 105 ? ASN A 105 . ? 1_555 ? 
12 AC1 33 SER A 106 ? SER A 106 . ? 1_555 ? 
13 AC1 33 ALA A 107 ? ALA A 107 . ? 1_555 ? 
14 AC1 33 LYS A 116 ? LYS A 116 . ? 3_544 ? 
15 AC1 33 ASP A 143 ? ASP A 143 . ? 1_455 ? 
16 AC1 33 THR A 145 ? THR A 145 . ? 1_455 ? 
17 AC1 33 ASP A 146 ? ASP A 146 . ? 1_455 ? 
18 AC1 33 HOH C .   ? HOH A 231 . ? 1_555 ? 
19 AC1 33 HOH C .   ? HOH A 345 . ? 3_544 ? 
20 AC1 33 HOH C .   ? HOH A 397 . ? 1_455 ? 
21 AC1 33 HOH D .   ? HOH B 101 . ? 1_555 ? 
22 AC1 33 HOH D .   ? HOH B 102 . ? 1_555 ? 
23 AC1 33 HOH D .   ? HOH B 103 . ? 1_555 ? 
24 AC1 33 HOH D .   ? HOH B 105 . ? 1_555 ? 
25 AC1 33 HOH D .   ? HOH B 107 . ? 1_555 ? 
26 AC1 33 HOH D .   ? HOH B 108 . ? 1_555 ? 
27 AC1 33 HOH D .   ? HOH B 109 . ? 1_555 ? 
28 AC1 33 HOH D .   ? HOH B 110 . ? 1_555 ? 
29 AC1 33 HOH D .   ? HOH B 111 . ? 1_555 ? 
30 AC1 33 HOH D .   ? HOH B 113 . ? 1_555 ? 
31 AC1 33 HOH D .   ? HOH B 114 . ? 1_555 ? 
32 AC1 33 HOH D .   ? HOH B 115 . ? 1_555 ? 
33 AC1 33 HOH D .   ? HOH B 119 . ? 1_555 ? 
# 
_pdbx_entry_details.entry_id                   4M92 
_pdbx_entry_details.compound_details           ? 
_pdbx_entry_details.source_details             ? 
_pdbx_entry_details.nonpolymer_details         ? 
_pdbx_entry_details.sequence_details           ? 
_pdbx_entry_details.has_ligand_of_interest     ? 
_pdbx_entry_details.has_protein_modification   Y 
# 
_pdbx_validate_close_contact.id               1 
_pdbx_validate_close_contact.PDB_model_num    1 
_pdbx_validate_close_contact.auth_atom_id_1   OE1 
_pdbx_validate_close_contact.auth_asym_id_1   A 
_pdbx_validate_close_contact.auth_comp_id_1   GLN 
_pdbx_validate_close_contact.auth_seq_id_1    53 
_pdbx_validate_close_contact.PDB_ins_code_1   ? 
_pdbx_validate_close_contact.label_alt_id_1   ? 
_pdbx_validate_close_contact.auth_atom_id_2   O 
_pdbx_validate_close_contact.auth_asym_id_2   A 
_pdbx_validate_close_contact.auth_comp_id_2   HOH 
_pdbx_validate_close_contact.auth_seq_id_2    421 
_pdbx_validate_close_contact.PDB_ins_code_2   ? 
_pdbx_validate_close_contact.label_alt_id_2   ? 
_pdbx_validate_close_contact.dist             2.19 
# 
_pdbx_validate_torsion.id              1 
_pdbx_validate_torsion.PDB_model_num   1 
_pdbx_validate_torsion.auth_comp_id    ASP 
_pdbx_validate_torsion.auth_asym_id    A 
_pdbx_validate_torsion.auth_seq_id     146 
_pdbx_validate_torsion.PDB_ins_code    ? 
_pdbx_validate_torsion.label_alt_id    ? 
_pdbx_validate_torsion.phi             59.91 
_pdbx_validate_torsion.psi             19.57 
# 
loop_
_pdbx_unobs_or_zero_occ_residues.id 
_pdbx_unobs_or_zero_occ_residues.PDB_model_num 
_pdbx_unobs_or_zero_occ_residues.polymer_flag 
_pdbx_unobs_or_zero_occ_residues.occupancy_flag 
_pdbx_unobs_or_zero_occ_residues.auth_asym_id 
_pdbx_unobs_or_zero_occ_residues.auth_comp_id 
_pdbx_unobs_or_zero_occ_residues.auth_seq_id 
_pdbx_unobs_or_zero_occ_residues.PDB_ins_code 
_pdbx_unobs_or_zero_occ_residues.label_asym_id 
_pdbx_unobs_or_zero_occ_residues.label_comp_id 
_pdbx_unobs_or_zero_occ_residues.label_seq_id 
1  1 Y 1 A LEU 154 ? A LEU 154 
2  1 Y 1 A GLU 155 ? A GLU 155 
3  1 Y 1 A HIS 156 ? A HIS 156 
4  1 Y 1 A HIS 157 ? A HIS 157 
5  1 Y 1 A HIS 158 ? A HIS 158 
6  1 Y 1 A HIS 159 ? A HIS 159 
7  1 Y 1 A HIS 160 ? A HIS 160 
8  1 Y 1 A HIS 161 ? A HIS 161 
9  1 Y 1 B ARG 1   ? B ARG 1   
10 1 Y 1 B GLU 2   ? B GLU 2   
11 1 Y 1 B ASP 3   ? B ASP 3   
12 1 Y 1 B ASP 4   ? B ASP 4   
13 1 Y 1 B ILE 5   ? B ILE 5   
14 1 Y 1 B GLY 6   ? B GLY 6   
15 1 Y 1 B GLY 16  ? B GLY 16  
# 
loop_
_chem_comp_atom.comp_id 
_chem_comp_atom.atom_id 
_chem_comp_atom.type_symbol 
_chem_comp_atom.pdbx_aromatic_flag 
_chem_comp_atom.pdbx_stereo_config 
_chem_comp_atom.pdbx_ordinal 
ALA N    N N N 1   
ALA CA   C N S 2   
ALA C    C N N 3   
ALA O    O N N 4   
ALA CB   C N N 5   
ALA OXT  O N N 6   
ALA H    H N N 7   
ALA H2   H N N 8   
ALA HA   H N N 9   
ALA HB1  H N N 10  
ALA HB2  H N N 11  
ALA HB3  H N N 12  
ALA HXT  H N N 13  
ARG N    N N N 14  
ARG CA   C N S 15  
ARG C    C N N 16  
ARG O    O N N 17  
ARG CB   C N N 18  
ARG CG   C N N 19  
ARG CD   C N N 20  
ARG NE   N N N 21  
ARG CZ   C N N 22  
ARG NH1  N N N 23  
ARG NH2  N N N 24  
ARG OXT  O N N 25  
ARG H    H N N 26  
ARG H2   H N N 27  
ARG HA   H N N 28  
ARG HB2  H N N 29  
ARG HB3  H N N 30  
ARG HG2  H N N 31  
ARG HG3  H N N 32  
ARG HD2  H N N 33  
ARG HD3  H N N 34  
ARG HE   H N N 35  
ARG HH11 H N N 36  
ARG HH12 H N N 37  
ARG HH21 H N N 38  
ARG HH22 H N N 39  
ARG HXT  H N N 40  
ASN N    N N N 41  
ASN CA   C N S 42  
ASN C    C N N 43  
ASN O    O N N 44  
ASN CB   C N N 45  
ASN CG   C N N 46  
ASN OD1  O N N 47  
ASN ND2  N N N 48  
ASN OXT  O N N 49  
ASN H    H N N 50  
ASN H2   H N N 51  
ASN HA   H N N 52  
ASN HB2  H N N 53  
ASN HB3  H N N 54  
ASN HD21 H N N 55  
ASN HD22 H N N 56  
ASN HXT  H N N 57  
ASP N    N N N 58  
ASP CA   C N S 59  
ASP C    C N N 60  
ASP O    O N N 61  
ASP CB   C N N 62  
ASP CG   C N N 63  
ASP OD1  O N N 64  
ASP OD2  O N N 65  
ASP OXT  O N N 66  
ASP H    H N N 67  
ASP H2   H N N 68  
ASP HA   H N N 69  
ASP HB2  H N N 70  
ASP HB3  H N N 71  
ASP HD2  H N N 72  
ASP HXT  H N N 73  
CYS N    N N N 74  
CYS CA   C N R 75  
CYS C    C N N 76  
CYS O    O N N 77  
CYS CB   C N N 78  
CYS SG   S N N 79  
CYS OXT  O N N 80  
CYS H    H N N 81  
CYS H2   H N N 82  
CYS HA   H N N 83  
CYS HB2  H N N 84  
CYS HB3  H N N 85  
CYS HG   H N N 86  
CYS HXT  H N N 87  
GLN N    N N N 88  
GLN CA   C N S 89  
GLN C    C N N 90  
GLN O    O N N 91  
GLN CB   C N N 92  
GLN CG   C N N 93  
GLN CD   C N N 94  
GLN OE1  O N N 95  
GLN NE2  N N N 96  
GLN OXT  O N N 97  
GLN H    H N N 98  
GLN H2   H N N 99  
GLN HA   H N N 100 
GLN HB2  H N N 101 
GLN HB3  H N N 102 
GLN HG2  H N N 103 
GLN HG3  H N N 104 
GLN HE21 H N N 105 
GLN HE22 H N N 106 
GLN HXT  H N N 107 
GLU N    N N N 108 
GLU CA   C N S 109 
GLU C    C N N 110 
GLU O    O N N 111 
GLU CB   C N N 112 
GLU CG   C N N 113 
GLU CD   C N N 114 
GLU OE1  O N N 115 
GLU OE2  O N N 116 
GLU OXT  O N N 117 
GLU H    H N N 118 
GLU H2   H N N 119 
GLU HA   H N N 120 
GLU HB2  H N N 121 
GLU HB3  H N N 122 
GLU HG2  H N N 123 
GLU HG3  H N N 124 
GLU HE2  H N N 125 
GLU HXT  H N N 126 
GLY N    N N N 127 
GLY CA   C N N 128 
GLY C    C N N 129 
GLY O    O N N 130 
GLY OXT  O N N 131 
GLY H    H N N 132 
GLY H2   H N N 133 
GLY HA2  H N N 134 
GLY HA3  H N N 135 
GLY HXT  H N N 136 
HIS N    N N N 137 
HIS CA   C N S 138 
HIS C    C N N 139 
HIS O    O N N 140 
HIS CB   C N N 141 
HIS CG   C Y N 142 
HIS ND1  N Y N 143 
HIS CD2  C Y N 144 
HIS CE1  C Y N 145 
HIS NE2  N Y N 146 
HIS OXT  O N N 147 
HIS H    H N N 148 
HIS H2   H N N 149 
HIS HA   H N N 150 
HIS HB2  H N N 151 
HIS HB3  H N N 152 
HIS HD1  H N N 153 
HIS HD2  H N N 154 
HIS HE1  H N N 155 
HIS HE2  H N N 156 
HIS HXT  H N N 157 
HOH O    O N N 158 
HOH H1   H N N 159 
HOH H2   H N N 160 
ILE N    N N N 161 
ILE CA   C N S 162 
ILE C    C N N 163 
ILE O    O N N 164 
ILE CB   C N S 165 
ILE CG1  C N N 166 
ILE CG2  C N N 167 
ILE CD1  C N N 168 
ILE OXT  O N N 169 
ILE H    H N N 170 
ILE H2   H N N 171 
ILE HA   H N N 172 
ILE HB   H N N 173 
ILE HG12 H N N 174 
ILE HG13 H N N 175 
ILE HG21 H N N 176 
ILE HG22 H N N 177 
ILE HG23 H N N 178 
ILE HD11 H N N 179 
ILE HD12 H N N 180 
ILE HD13 H N N 181 
ILE HXT  H N N 182 
LEU N    N N N 183 
LEU CA   C N S 184 
LEU C    C N N 185 
LEU O    O N N 186 
LEU CB   C N N 187 
LEU CG   C N N 188 
LEU CD1  C N N 189 
LEU CD2  C N N 190 
LEU OXT  O N N 191 
LEU H    H N N 192 
LEU H2   H N N 193 
LEU HA   H N N 194 
LEU HB2  H N N 195 
LEU HB3  H N N 196 
LEU HG   H N N 197 
LEU HD11 H N N 198 
LEU HD12 H N N 199 
LEU HD13 H N N 200 
LEU HD21 H N N 201 
LEU HD22 H N N 202 
LEU HD23 H N N 203 
LEU HXT  H N N 204 
LYS N    N N N 205 
LYS CA   C N S 206 
LYS C    C N N 207 
LYS O    O N N 208 
LYS CB   C N N 209 
LYS CG   C N N 210 
LYS CD   C N N 211 
LYS CE   C N N 212 
LYS NZ   N N N 213 
LYS OXT  O N N 214 
LYS H    H N N 215 
LYS H2   H N N 216 
LYS HA   H N N 217 
LYS HB2  H N N 218 
LYS HB3  H N N 219 
LYS HG2  H N N 220 
LYS HG3  H N N 221 
LYS HD2  H N N 222 
LYS HD3  H N N 223 
LYS HE2  H N N 224 
LYS HE3  H N N 225 
LYS HZ1  H N N 226 
LYS HZ2  H N N 227 
LYS HZ3  H N N 228 
LYS HXT  H N N 229 
MET N    N N N 230 
MET CA   C N S 231 
MET C    C N N 232 
MET O    O N N 233 
MET CB   C N N 234 
MET CG   C N N 235 
MET SD   S N N 236 
MET CE   C N N 237 
MET OXT  O N N 238 
MET H    H N N 239 
MET H2   H N N 240 
MET HA   H N N 241 
MET HB2  H N N 242 
MET HB3  H N N 243 
MET HG2  H N N 244 
MET HG3  H N N 245 
MET HE1  H N N 246 
MET HE2  H N N 247 
MET HE3  H N N 248 
MET HXT  H N N 249 
PHE N    N N N 250 
PHE CA   C N S 251 
PHE C    C N N 252 
PHE O    O N N 253 
PHE CB   C N N 254 
PHE CG   C Y N 255 
PHE CD1  C Y N 256 
PHE CD2  C Y N 257 
PHE CE1  C Y N 258 
PHE CE2  C Y N 259 
PHE CZ   C Y N 260 
PHE OXT  O N N 261 
PHE H    H N N 262 
PHE H2   H N N 263 
PHE HA   H N N 264 
PHE HB2  H N N 265 
PHE HB3  H N N 266 
PHE HD1  H N N 267 
PHE HD2  H N N 268 
PHE HE1  H N N 269 
PHE HE2  H N N 270 
PHE HZ   H N N 271 
PHE HXT  H N N 272 
PRO N    N N N 273 
PRO CA   C N S 274 
PRO C    C N N 275 
PRO O    O N N 276 
PRO CB   C N N 277 
PRO CG   C N N 278 
PRO CD   C N N 279 
PRO OXT  O N N 280 
PRO H    H N N 281 
PRO HA   H N N 282 
PRO HB2  H N N 283 
PRO HB3  H N N 284 
PRO HG2  H N N 285 
PRO HG3  H N N 286 
PRO HD2  H N N 287 
PRO HD3  H N N 288 
PRO HXT  H N N 289 
SER N    N N N 290 
SER CA   C N S 291 
SER C    C N N 292 
SER O    O N N 293 
SER CB   C N N 294 
SER OG   O N N 295 
SER OXT  O N N 296 
SER H    H N N 297 
SER H2   H N N 298 
SER HA   H N N 299 
SER HB2  H N N 300 
SER HB3  H N N 301 
SER HG   H N N 302 
SER HXT  H N N 303 
THR N    N N N 304 
THR CA   C N S 305 
THR C    C N N 306 
THR O    O N N 307 
THR CB   C N R 308 
THR OG1  O N N 309 
THR CG2  C N N 310 
THR OXT  O N N 311 
THR H    H N N 312 
THR H2   H N N 313 
THR HA   H N N 314 
THR HB   H N N 315 
THR HG1  H N N 316 
THR HG21 H N N 317 
THR HG22 H N N 318 
THR HG23 H N N 319 
THR HXT  H N N 320 
TRP N    N N N 321 
TRP CA   C N S 322 
TRP C    C N N 323 
TRP O    O N N 324 
TRP CB   C N N 325 
TRP CG   C Y N 326 
TRP CD1  C Y N 327 
TRP CD2  C Y N 328 
TRP NE1  N Y N 329 
TRP CE2  C Y N 330 
TRP CE3  C Y N 331 
TRP CZ2  C Y N 332 
TRP CZ3  C Y N 333 
TRP CH2  C Y N 334 
TRP OXT  O N N 335 
TRP H    H N N 336 
TRP H2   H N N 337 
TRP HA   H N N 338 
TRP HB2  H N N 339 
TRP HB3  H N N 340 
TRP HD1  H N N 341 
TRP HE1  H N N 342 
TRP HE3  H N N 343 
TRP HZ2  H N N 344 
TRP HZ3  H N N 345 
TRP HH2  H N N 346 
TRP HXT  H N N 347 
TYR N    N N N 348 
TYR CA   C N S 349 
TYR C    C N N 350 
TYR O    O N N 351 
TYR CB   C N N 352 
TYR CG   C Y N 353 
TYR CD1  C Y N 354 
TYR CD2  C Y N 355 
TYR CE1  C Y N 356 
TYR CE2  C Y N 357 
TYR CZ   C Y N 358 
TYR OH   O N N 359 
TYR OXT  O N N 360 
TYR H    H N N 361 
TYR H2   H N N 362 
TYR HA   H N N 363 
TYR HB2  H N N 364 
TYR HB3  H N N 365 
TYR HD1  H N N 366 
TYR HD2  H N N 367 
TYR HE1  H N N 368 
TYR HE2  H N N 369 
TYR HH   H N N 370 
TYR HXT  H N N 371 
VAL N    N N N 372 
VAL CA   C N S 373 
VAL C    C N N 374 
VAL O    O N N 375 
VAL CB   C N N 376 
VAL CG1  C N N 377 
VAL CG2  C N N 378 
VAL OXT  O N N 379 
VAL H    H N N 380 
VAL H2   H N N 381 
VAL HA   H N N 382 
VAL HB   H N N 383 
VAL HG11 H N N 384 
VAL HG12 H N N 385 
VAL HG13 H N N 386 
VAL HG21 H N N 387 
VAL HG22 H N N 388 
VAL HG23 H N N 389 
VAL HXT  H N N 390 
# 
loop_
_chem_comp_bond.comp_id 
_chem_comp_bond.atom_id_1 
_chem_comp_bond.atom_id_2 
_chem_comp_bond.value_order 
_chem_comp_bond.pdbx_aromatic_flag 
_chem_comp_bond.pdbx_stereo_config 
_chem_comp_bond.pdbx_ordinal 
ALA N   CA   sing N N 1   
ALA N   H    sing N N 2   
ALA N   H2   sing N N 3   
ALA CA  C    sing N N 4   
ALA CA  CB   sing N N 5   
ALA CA  HA   sing N N 6   
ALA C   O    doub N N 7   
ALA C   OXT  sing N N 8   
ALA CB  HB1  sing N N 9   
ALA CB  HB2  sing N N 10  
ALA CB  HB3  sing N N 11  
ALA OXT HXT  sing N N 12  
ARG N   CA   sing N N 13  
ARG N   H    sing N N 14  
ARG N   H2   sing N N 15  
ARG CA  C    sing N N 16  
ARG CA  CB   sing N N 17  
ARG CA  HA   sing N N 18  
ARG C   O    doub N N 19  
ARG C   OXT  sing N N 20  
ARG CB  CG   sing N N 21  
ARG CB  HB2  sing N N 22  
ARG CB  HB3  sing N N 23  
ARG CG  CD   sing N N 24  
ARG CG  HG2  sing N N 25  
ARG CG  HG3  sing N N 26  
ARG CD  NE   sing N N 27  
ARG CD  HD2  sing N N 28  
ARG CD  HD3  sing N N 29  
ARG NE  CZ   sing N N 30  
ARG NE  HE   sing N N 31  
ARG CZ  NH1  sing N N 32  
ARG CZ  NH2  doub N N 33  
ARG NH1 HH11 sing N N 34  
ARG NH1 HH12 sing N N 35  
ARG NH2 HH21 sing N N 36  
ARG NH2 HH22 sing N N 37  
ARG OXT HXT  sing N N 38  
ASN N   CA   sing N N 39  
ASN N   H    sing N N 40  
ASN N   H2   sing N N 41  
ASN CA  C    sing N N 42  
ASN CA  CB   sing N N 43  
ASN CA  HA   sing N N 44  
ASN C   O    doub N N 45  
ASN C   OXT  sing N N 46  
ASN CB  CG   sing N N 47  
ASN CB  HB2  sing N N 48  
ASN CB  HB3  sing N N 49  
ASN CG  OD1  doub N N 50  
ASN CG  ND2  sing N N 51  
ASN ND2 HD21 sing N N 52  
ASN ND2 HD22 sing N N 53  
ASN OXT HXT  sing N N 54  
ASP N   CA   sing N N 55  
ASP N   H    sing N N 56  
ASP N   H2   sing N N 57  
ASP CA  C    sing N N 58  
ASP CA  CB   sing N N 59  
ASP CA  HA   sing N N 60  
ASP C   O    doub N N 61  
ASP C   OXT  sing N N 62  
ASP CB  CG   sing N N 63  
ASP CB  HB2  sing N N 64  
ASP CB  HB3  sing N N 65  
ASP CG  OD1  doub N N 66  
ASP CG  OD2  sing N N 67  
ASP OD2 HD2  sing N N 68  
ASP OXT HXT  sing N N 69  
CYS N   CA   sing N N 70  
CYS N   H    sing N N 71  
CYS N   H2   sing N N 72  
CYS CA  C    sing N N 73  
CYS CA  CB   sing N N 74  
CYS CA  HA   sing N N 75  
CYS C   O    doub N N 76  
CYS C   OXT  sing N N 77  
CYS CB  SG   sing N N 78  
CYS CB  HB2  sing N N 79  
CYS CB  HB3  sing N N 80  
CYS SG  HG   sing N N 81  
CYS OXT HXT  sing N N 82  
GLN N   CA   sing N N 83  
GLN N   H    sing N N 84  
GLN N   H2   sing N N 85  
GLN CA  C    sing N N 86  
GLN CA  CB   sing N N 87  
GLN CA  HA   sing N N 88  
GLN C   O    doub N N 89  
GLN C   OXT  sing N N 90  
GLN CB  CG   sing N N 91  
GLN CB  HB2  sing N N 92  
GLN CB  HB3  sing N N 93  
GLN CG  CD   sing N N 94  
GLN CG  HG2  sing N N 95  
GLN CG  HG3  sing N N 96  
GLN CD  OE1  doub N N 97  
GLN CD  NE2  sing N N 98  
GLN NE2 HE21 sing N N 99  
GLN NE2 HE22 sing N N 100 
GLN OXT HXT  sing N N 101 
GLU N   CA   sing N N 102 
GLU N   H    sing N N 103 
GLU N   H2   sing N N 104 
GLU CA  C    sing N N 105 
GLU CA  CB   sing N N 106 
GLU CA  HA   sing N N 107 
GLU C   O    doub N N 108 
GLU C   OXT  sing N N 109 
GLU CB  CG   sing N N 110 
GLU CB  HB2  sing N N 111 
GLU CB  HB3  sing N N 112 
GLU CG  CD   sing N N 113 
GLU CG  HG2  sing N N 114 
GLU CG  HG3  sing N N 115 
GLU CD  OE1  doub N N 116 
GLU CD  OE2  sing N N 117 
GLU OE2 HE2  sing N N 118 
GLU OXT HXT  sing N N 119 
GLY N   CA   sing N N 120 
GLY N   H    sing N N 121 
GLY N   H2   sing N N 122 
GLY CA  C    sing N N 123 
GLY CA  HA2  sing N N 124 
GLY CA  HA3  sing N N 125 
GLY C   O    doub N N 126 
GLY C   OXT  sing N N 127 
GLY OXT HXT  sing N N 128 
HIS N   CA   sing N N 129 
HIS N   H    sing N N 130 
HIS N   H2   sing N N 131 
HIS CA  C    sing N N 132 
HIS CA  CB   sing N N 133 
HIS CA  HA   sing N N 134 
HIS C   O    doub N N 135 
HIS C   OXT  sing N N 136 
HIS CB  CG   sing N N 137 
HIS CB  HB2  sing N N 138 
HIS CB  HB3  sing N N 139 
HIS CG  ND1  sing Y N 140 
HIS CG  CD2  doub Y N 141 
HIS ND1 CE1  doub Y N 142 
HIS ND1 HD1  sing N N 143 
HIS CD2 NE2  sing Y N 144 
HIS CD2 HD2  sing N N 145 
HIS CE1 NE2  sing Y N 146 
HIS CE1 HE1  sing N N 147 
HIS NE2 HE2  sing N N 148 
HIS OXT HXT  sing N N 149 
HOH O   H1   sing N N 150 
HOH O   H2   sing N N 151 
ILE N   CA   sing N N 152 
ILE N   H    sing N N 153 
ILE N   H2   sing N N 154 
ILE CA  C    sing N N 155 
ILE CA  CB   sing N N 156 
ILE CA  HA   sing N N 157 
ILE C   O    doub N N 158 
ILE C   OXT  sing N N 159 
ILE CB  CG1  sing N N 160 
ILE CB  CG2  sing N N 161 
ILE CB  HB   sing N N 162 
ILE CG1 CD1  sing N N 163 
ILE CG1 HG12 sing N N 164 
ILE CG1 HG13 sing N N 165 
ILE CG2 HG21 sing N N 166 
ILE CG2 HG22 sing N N 167 
ILE CG2 HG23 sing N N 168 
ILE CD1 HD11 sing N N 169 
ILE CD1 HD12 sing N N 170 
ILE CD1 HD13 sing N N 171 
ILE OXT HXT  sing N N 172 
LEU N   CA   sing N N 173 
LEU N   H    sing N N 174 
LEU N   H2   sing N N 175 
LEU CA  C    sing N N 176 
LEU CA  CB   sing N N 177 
LEU CA  HA   sing N N 178 
LEU C   O    doub N N 179 
LEU C   OXT  sing N N 180 
LEU CB  CG   sing N N 181 
LEU CB  HB2  sing N N 182 
LEU CB  HB3  sing N N 183 
LEU CG  CD1  sing N N 184 
LEU CG  CD2  sing N N 185 
LEU CG  HG   sing N N 186 
LEU CD1 HD11 sing N N 187 
LEU CD1 HD12 sing N N 188 
LEU CD1 HD13 sing N N 189 
LEU CD2 HD21 sing N N 190 
LEU CD2 HD22 sing N N 191 
LEU CD2 HD23 sing N N 192 
LEU OXT HXT  sing N N 193 
LYS N   CA   sing N N 194 
LYS N   H    sing N N 195 
LYS N   H2   sing N N 196 
LYS CA  C    sing N N 197 
LYS CA  CB   sing N N 198 
LYS CA  HA   sing N N 199 
LYS C   O    doub N N 200 
LYS C   OXT  sing N N 201 
LYS CB  CG   sing N N 202 
LYS CB  HB2  sing N N 203 
LYS CB  HB3  sing N N 204 
LYS CG  CD   sing N N 205 
LYS CG  HG2  sing N N 206 
LYS CG  HG3  sing N N 207 
LYS CD  CE   sing N N 208 
LYS CD  HD2  sing N N 209 
LYS CD  HD3  sing N N 210 
LYS CE  NZ   sing N N 211 
LYS CE  HE2  sing N N 212 
LYS CE  HE3  sing N N 213 
LYS NZ  HZ1  sing N N 214 
LYS NZ  HZ2  sing N N 215 
LYS NZ  HZ3  sing N N 216 
LYS OXT HXT  sing N N 217 
MET N   CA   sing N N 218 
MET N   H    sing N N 219 
MET N   H2   sing N N 220 
MET CA  C    sing N N 221 
MET CA  CB   sing N N 222 
MET CA  HA   sing N N 223 
MET C   O    doub N N 224 
MET C   OXT  sing N N 225 
MET CB  CG   sing N N 226 
MET CB  HB2  sing N N 227 
MET CB  HB3  sing N N 228 
MET CG  SD   sing N N 229 
MET CG  HG2  sing N N 230 
MET CG  HG3  sing N N 231 
MET SD  CE   sing N N 232 
MET CE  HE1  sing N N 233 
MET CE  HE2  sing N N 234 
MET CE  HE3  sing N N 235 
MET OXT HXT  sing N N 236 
PHE N   CA   sing N N 237 
PHE N   H    sing N N 238 
PHE N   H2   sing N N 239 
PHE CA  C    sing N N 240 
PHE CA  CB   sing N N 241 
PHE CA  HA   sing N N 242 
PHE C   O    doub N N 243 
PHE C   OXT  sing N N 244 
PHE CB  CG   sing N N 245 
PHE CB  HB2  sing N N 246 
PHE CB  HB3  sing N N 247 
PHE CG  CD1  doub Y N 248 
PHE CG  CD2  sing Y N 249 
PHE CD1 CE1  sing Y N 250 
PHE CD1 HD1  sing N N 251 
PHE CD2 CE2  doub Y N 252 
PHE CD2 HD2  sing N N 253 
PHE CE1 CZ   doub Y N 254 
PHE CE1 HE1  sing N N 255 
PHE CE2 CZ   sing Y N 256 
PHE CE2 HE2  sing N N 257 
PHE CZ  HZ   sing N N 258 
PHE OXT HXT  sing N N 259 
PRO N   CA   sing N N 260 
PRO N   CD   sing N N 261 
PRO N   H    sing N N 262 
PRO CA  C    sing N N 263 
PRO CA  CB   sing N N 264 
PRO CA  HA   sing N N 265 
PRO C   O    doub N N 266 
PRO C   OXT  sing N N 267 
PRO CB  CG   sing N N 268 
PRO CB  HB2  sing N N 269 
PRO CB  HB3  sing N N 270 
PRO CG  CD   sing N N 271 
PRO CG  HG2  sing N N 272 
PRO CG  HG3  sing N N 273 
PRO CD  HD2  sing N N 274 
PRO CD  HD3  sing N N 275 
PRO OXT HXT  sing N N 276 
SER N   CA   sing N N 277 
SER N   H    sing N N 278 
SER N   H2   sing N N 279 
SER CA  C    sing N N 280 
SER CA  CB   sing N N 281 
SER CA  HA   sing N N 282 
SER C   O    doub N N 283 
SER C   OXT  sing N N 284 
SER CB  OG   sing N N 285 
SER CB  HB2  sing N N 286 
SER CB  HB3  sing N N 287 
SER OG  HG   sing N N 288 
SER OXT HXT  sing N N 289 
THR N   CA   sing N N 290 
THR N   H    sing N N 291 
THR N   H2   sing N N 292 
THR CA  C    sing N N 293 
THR CA  CB   sing N N 294 
THR CA  HA   sing N N 295 
THR C   O    doub N N 296 
THR C   OXT  sing N N 297 
THR CB  OG1  sing N N 298 
THR CB  CG2  sing N N 299 
THR CB  HB   sing N N 300 
THR OG1 HG1  sing N N 301 
THR CG2 HG21 sing N N 302 
THR CG2 HG22 sing N N 303 
THR CG2 HG23 sing N N 304 
THR OXT HXT  sing N N 305 
TRP N   CA   sing N N 306 
TRP N   H    sing N N 307 
TRP N   H2   sing N N 308 
TRP CA  C    sing N N 309 
TRP CA  CB   sing N N 310 
TRP CA  HA   sing N N 311 
TRP C   O    doub N N 312 
TRP C   OXT  sing N N 313 
TRP CB  CG   sing N N 314 
TRP CB  HB2  sing N N 315 
TRP CB  HB3  sing N N 316 
TRP CG  CD1  doub Y N 317 
TRP CG  CD2  sing Y N 318 
TRP CD1 NE1  sing Y N 319 
TRP CD1 HD1  sing N N 320 
TRP CD2 CE2  doub Y N 321 
TRP CD2 CE3  sing Y N 322 
TRP NE1 CE2  sing Y N 323 
TRP NE1 HE1  sing N N 324 
TRP CE2 CZ2  sing Y N 325 
TRP CE3 CZ3  doub Y N 326 
TRP CE3 HE3  sing N N 327 
TRP CZ2 CH2  doub Y N 328 
TRP CZ2 HZ2  sing N N 329 
TRP CZ3 CH2  sing Y N 330 
TRP CZ3 HZ3  sing N N 331 
TRP CH2 HH2  sing N N 332 
TRP OXT HXT  sing N N 333 
TYR N   CA   sing N N 334 
TYR N   H    sing N N 335 
TYR N   H2   sing N N 336 
TYR CA  C    sing N N 337 
TYR CA  CB   sing N N 338 
TYR CA  HA   sing N N 339 
TYR C   O    doub N N 340 
TYR C   OXT  sing N N 341 
TYR CB  CG   sing N N 342 
TYR CB  HB2  sing N N 343 
TYR CB  HB3  sing N N 344 
TYR CG  CD1  doub Y N 345 
TYR CG  CD2  sing Y N 346 
TYR CD1 CE1  sing Y N 347 
TYR CD1 HD1  sing N N 348 
TYR CD2 CE2  doub Y N 349 
TYR CD2 HD2  sing N N 350 
TYR CE1 CZ   doub Y N 351 
TYR CE1 HE1  sing N N 352 
TYR CE2 CZ   sing Y N 353 
TYR CE2 HE2  sing N N 354 
TYR CZ  OH   sing N N 355 
TYR OH  HH   sing N N 356 
TYR OXT HXT  sing N N 357 
VAL N   CA   sing N N 358 
VAL N   H    sing N N 359 
VAL N   H2   sing N N 360 
VAL CA  C    sing N N 361 
VAL CA  CB   sing N N 362 
VAL CA  HA   sing N N 363 
VAL C   O    doub N N 364 
VAL C   OXT  sing N N 365 
VAL CB  CG1  sing N N 366 
VAL CB  CG2  sing N N 367 
VAL CB  HB   sing N N 368 
VAL CG1 HG11 sing N N 369 
VAL CG1 HG12 sing N N 370 
VAL CG1 HG13 sing N N 371 
VAL CG2 HG21 sing N N 372 
VAL CG2 HG22 sing N N 373 
VAL CG2 HG23 sing N N 374 
VAL OXT HXT  sing N N 375 
# 
_pdbx_initial_refinement_model.id               1 
_pdbx_initial_refinement_model.entity_id_list   ? 
_pdbx_initial_refinement_model.type             'experimental model' 
_pdbx_initial_refinement_model.source_name      PDB 
_pdbx_initial_refinement_model.accession_code   4M8G 
_pdbx_initial_refinement_model.details          'pdb entry 4M8G' 
# 
_atom_sites.entry_id                    4M92 
_atom_sites.fract_transf_matrix[1][1]   0.01240988 
_atom_sites.fract_transf_matrix[1][2]   -0.00528273 
_atom_sites.fract_transf_matrix[1][3]   -0.02116120 
_atom_sites.fract_transf_matrix[2][1]   0.00691385 
_atom_sites.fract_transf_matrix[2][2]   0.01450797 
_atom_sites.fract_transf_matrix[2][3]   0.00043279 
_atom_sites.fract_transf_matrix[3][1]   0.01168995 
_atom_sites.fract_transf_matrix[3][2]   -0.00581875 
_atom_sites.fract_transf_matrix[3][3]   0.00830812 
_atom_sites.fract_transf_vector[1]      0.033821 
_atom_sites.fract_transf_vector[2]      -0.137867 
_atom_sites.fract_transf_vector[3]      -0.162861 
# 
loop_
_atom_type.symbol 
C 
N 
O 
S 
# 
loop_
_atom_site.group_PDB 
_atom_site.id 
_atom_site.type_symbol 
_atom_site.label_atom_id 
_atom_site.label_alt_id 
_atom_site.label_comp_id 
_atom_site.label_asym_id 
_atom_site.label_entity_id 
_atom_site.label_seq_id 
_atom_site.pdbx_PDB_ins_code 
_atom_site.Cartn_x 
_atom_site.Cartn_y 
_atom_site.Cartn_z 
_atom_site.occupancy 
_atom_site.B_iso_or_equiv 
_atom_site.pdbx_formal_charge 
_atom_site.auth_seq_id 
_atom_site.auth_comp_id 
_atom_site.auth_asym_id 
_atom_site.auth_atom_id 
_atom_site.pdbx_PDB_model_num 
ATOM   1    N N   . ALA A 1 1   ? 23.620  13.327  -8.337  1.00 47.51 ? 1   ALA A N   1 
ATOM   2    C CA  . ALA A 1 1   ? 24.432  14.529  -8.673  1.00 49.44 ? 1   ALA A CA  1 
ATOM   3    C C   . ALA A 1 1   ? 23.822  15.781  -8.036  1.00 44.74 ? 1   ALA A C   1 
ATOM   4    O O   . ALA A 1 1   ? 24.444  16.417  -7.175  1.00 48.24 ? 1   ALA A O   1 
ATOM   5    C CB  . ALA A 1 1   ? 24.533  14.681  -10.187 1.00 49.89 ? 1   ALA A CB  1 
ATOM   6    N N   . SER A 1 2   ? 22.589  16.113  -8.435  1.00 42.00 ? 2   SER A N   1 
ATOM   7    C CA  . SER A 1 2   ? 21.916  17.295  -7.896  1.00 37.31 ? 2   SER A CA  1 
ATOM   8    C C   . SER A 1 2   ? 21.450  17.053  -6.469  1.00 34.95 ? 2   SER A C   1 
ATOM   9    O O   . SER A 1 2   ? 21.332  15.917  -6.046  1.00 37.60 ? 2   SER A O   1 
ATOM   10   C CB  . SER A 1 2   ? 20.753  17.706  -8.786  1.00 37.62 ? 2   SER A CB  1 
ATOM   11   O OG  . SER A 1 2   ? 19.702  16.770  -8.691  1.00 36.12 ? 2   SER A OG  1 
ATOM   12   N N   . LYS A 1 3   ? 21.153  18.121  -5.742  1.00 33.36 ? 3   LYS A N   1 
ATOM   13   C CA  . LYS A 1 3   ? 20.669  18.011  -4.380  1.00 31.77 ? 3   LYS A CA  1 
ATOM   14   C C   . LYS A 1 3   ? 19.414  17.165  -4.320  1.00 29.98 ? 3   LYS A C   1 
ATOM   15   O O   . LYS A 1 3   ? 19.320  16.279  -3.475  1.00 28.02 ? 3   LYS A O   1 
ATOM   16   C CB  . LYS A 1 3   ? 20.389  19.370  -3.755  1.00 35.74 ? 3   LYS A CB  1 
ATOM   17   C CG  . LYS A 1 3   ? 19.595  19.283  -2.460  1.00 38.65 ? 3   LYS A CG  1 
ATOM   18   C CD  . LYS A 1 3   ? 19.878  20.436  -1.509  1.00 42.10 ? 3   LYS A CD  1 
ATOM   19   C CE  . LYS A 1 3   ? 18.971  20.404  -0.285  1.00 39.78 ? 3   LYS A CE  1 
ATOM   20   N NZ  . LYS A 1 3   ? 19.297  21.450  0.730   1.00 41.93 ? 3   LYS A NZ  1 
ATOM   21   N N   . LYS A 1 4   ? 18.473  17.417  -5.216  1.00 27.71 ? 4   LYS A N   1 
ATOM   22   C CA  . LYS A 1 4   ? 17.217  16.626  -5.238  1.00 27.16 ? 4   LYS A CA  1 
ATOM   23   C C   . LYS A 1 4   ? 17.457  15.167  -5.675  1.00 25.18 ? 4   LYS A C   1 
ATOM   24   O O   . LYS A 1 4   ? 16.838  14.201  -5.143  1.00 20.90 ? 4   LYS A O   1 
ATOM   25   C CB  . LYS A 1 4   ? 16.133  17.338  -6.080  1.00 30.69 ? 4   LYS A CB  1 
ATOM   26   C CG  . LYS A 1 4   ? 14.718  16.947  -5.663  1.00 35.18 ? 4   LYS A CG  1 
ATOM   27   C CD  . LYS A 1 4   ? 13.570  17.784  -6.264  1.00 38.39 ? 4   LYS A CD  1 
ATOM   28   C CE  . LYS A 1 4   ? 12.200  17.248  -5.767  1.00 38.01 ? 4   LYS A CE  1 
ATOM   29   N NZ  . LYS A 1 4   ? 10.914  17.946  -6.146  1.00 30.60 ? 4   LYS A NZ  1 
ATOM   30   N N   . GLU A 1 5   ? 18.380  14.959  -6.615  1.00 27.41 ? 5   GLU A N   1 
ATOM   31   C CA  . GLU A 1 5   ? 18.732  13.616  -7.045  1.00 29.40 ? 5   GLU A CA  1 
ATOM   32   C C   . GLU A 1 5   ? 19.354  12.819  -5.899  1.00 25.40 ? 5   GLU A C   1 
ATOM   33   O O   . GLU A 1 5   ? 19.017  11.648  -5.689  1.00 25.97 ? 5   GLU A O   1 
ATOM   34   C CB  . GLU A 1 5   ? 19.680  13.643  -8.250  1.00 35.33 ? 5   GLU A CB  1 
ATOM   35   C CG  . GLU A 1 5   ? 18.952  13.677  -9.589  1.00 42.31 ? 5   GLU A CG  1 
ATOM   36   C CD  . GLU A 1 5   ? 19.784  14.284  -10.732 1.00 51.41 ? 5   GLU A CD  1 
ATOM   37   O OE1 . GLU A 1 5   ? 21.025  14.479  -10.583 1.00 51.98 ? 5   GLU A OE1 1 
ATOM   38   O OE2 . GLU A 1 5   ? 19.184  14.585  -11.794 1.00 50.92 ? 5   GLU A OE2 1 
ATOM   39   N N   . ASN A 1 6   ? 20.238  13.443  -5.149  1.00 22.56 ? 6   ASN A N   1 
ATOM   40   C CA  . ASN A 1 6   ? 20.878  12.731  -4.022  1.00 23.51 ? 6   ASN A CA  1 
ATOM   41   C C   . ASN A 1 6   ? 19.877  12.402  -2.927  1.00 22.44 ? 6   ASN A C   1 
ATOM   42   O O   . ASN A 1 6   ? 19.913  11.311  -2.314  1.00 21.87 ? 6   ASN A O   1 
ATOM   43   C CB  . ASN A 1 6   ? 22.012  13.566  -3.454  1.00 28.42 ? 6   ASN A CB  1 
ATOM   44   C CG  . ASN A 1 6   ? 23.129  13.775  -4.457  1.00 31.11 ? 6   ASN A CG  1 
ATOM   45   O OD1 . ASN A 1 6   ? 23.946  14.699  -4.319  1.00 39.19 ? 6   ASN A OD1 1 
ATOM   46   N ND2 . ASN A 1 6   ? 23.194  12.920  -5.454  1.00 29.42 ? 6   ASN A ND2 1 
ATOM   47   N N   . LEU A 1 7   ? 18.969  13.325  -2.664  1.00 22.79 ? 7   LEU A N   1 
ATOM   48   C CA  . LEU A 1 7   ? 17.959  13.085  -1.627  1.00 22.50 ? 7   LEU A CA  1 
ATOM   49   C C   . LEU A 1 7   ? 17.076  11.910  -2.054  1.00 17.75 ? 7   LEU A C   1 
ATOM   50   O O   . LEU A 1 7   ? 16.749  11.083  -1.226  1.00 22.12 ? 7   LEU A O   1 
ATOM   51   C CB  . LEU A 1 7   ? 17.111  14.312  -1.400  1.00 24.66 ? 7   LEU A CB  1 
ATOM   52   N N   . LEU A 1 8   ? 16.689  11.869  -3.335  1.00 16.26 ? 8   LEU A N   1 
ATOM   53   C CA  . LEU A 1 8   ? 15.900  10.754  -3.820  1.00 16.70 ? 8   LEU A CA  1 
ATOM   54   C C   . LEU A 1 8   ? 16.602  9.397   -3.618  1.00 16.58 ? 8   LEU A C   1 
ATOM   55   O O   . LEU A 1 8   ? 15.978  8.378   -3.243  1.00 15.76 ? 8   LEU A O   1 
ATOM   56   C CB  . LEU A 1 8   ? 15.563  10.950  -5.284  1.00 18.07 ? 8   LEU A CB  1 
ATOM   57   C CG  . LEU A 1 8   ? 14.861  9.759   -5.935  1.00 19.02 ? 8   LEU A CG  1 
ATOM   58   C CD1 . LEU A 1 8   ? 13.518  9.485   -5.282  1.00 19.44 ? 8   LEU A CD1 1 
ATOM   59   C CD2 . LEU A 1 8   ? 14.687  10.042  -7.415  1.00 19.82 ? 8   LEU A CD2 1 
ATOM   60   N N   . ALA A 1 9   ? 17.862  9.328   -3.972  1.00 16.21 ? 9   ALA A N   1 
ATOM   61   C CA  . ALA A 1 9   ? 18.624  8.103   -3.841  1.00 21.19 ? 9   ALA A CA  1 
ATOM   62   C C   . ALA A 1 9   ? 18.743  7.668   -2.389  1.00 20.31 ? 9   ALA A C   1 
ATOM   63   O O   . ALA A 1 9   ? 18.638  6.499   -2.091  1.00 20.65 ? 9   ALA A O   1 
ATOM   64   C CB  . ALA A 1 9   ? 20.001  8.285   -4.467  1.00 24.08 ? 9   ALA A CB  1 
ATOM   65   N N   . GLU A 1 10  ? 18.910  8.620   -1.476  1.00 21.70 ? 10  GLU A N   1 
ATOM   66   C CA  . GLU A 1 10  ? 18.920  8.331   -0.047  1.00 23.53 ? 10  GLU A CA  1 
ATOM   67   C C   . GLU A 1 10  ? 17.562  7.818   0.435   1.00 22.34 ? 10  GLU A C   1 
ATOM   68   O O   . GLU A 1 10  ? 17.491  6.903   1.250   1.00 17.09 ? 10  GLU A O   1 
ATOM   69   C CB  . GLU A 1 10  ? 19.275  9.596   0.762   1.00 28.61 ? 10  GLU A CB  1 
ATOM   70   C CG  . GLU A 1 10  ? 20.726  10.017  0.659   1.00 37.17 ? 10  GLU A CG  1 
ATOM   71   C CD  . GLU A 1 10  ? 21.652  8.986   1.256   1.00 42.21 ? 10  GLU A CD  1 
ATOM   72   O OE1 . GLU A 1 10  ? 22.053  9.161   2.428   1.00 52.30 ? 10  GLU A OE1 1 
ATOM   73   O OE2 . GLU A 1 10  ? 21.962  8.000   0.557   1.00 47.96 ? 10  GLU A OE2 1 
ATOM   74   N N   . LYS A 1 11  ? 16.501  8.451   -0.037  1.00 16.87 ? 11  LYS A N   1 
ATOM   75   C CA  . LYS A 1 11  ? 15.135  8.050   0.357   1.00 15.63 ? 11  LYS A CA  1 
ATOM   76   C C   . LYS A 1 11  ? 14.893  6.597   -0.084  1.00 14.38 ? 11  LYS A C   1 
ATOM   77   O O   . LYS A 1 11  ? 14.334  5.793   0.689   1.00 13.66 ? 11  LYS A O   1 
ATOM   78   C CB  . LYS A 1 11  ? 14.118  8.997   -0.296  1.00 13.22 ? 11  LYS A CB  1 
ATOM   79   C CG  . LYS A 1 11  ? 12.701  8.709   0.080   1.00 16.58 ? 11  LYS A CG  1 
ATOM   80   C CD  . LYS A 1 11  ? 11.796  9.413   -0.916  1.00 22.02 ? 11  LYS A CD  1 
ATOM   81   C CE  . LYS A 1 11  ? 11.061  10.526  -0.279  1.00 21.81 ? 11  LYS A CE  1 
ATOM   82   N NZ  . LYS A 1 11  ? 10.292  11.221  -1.326  1.00 16.72 ? 11  LYS A NZ  1 
ATOM   83   N N   . VAL A 1 12  ? 15.289  6.242   -1.308  1.00 15.05 ? 12  VAL A N   1 
ATOM   84   C CA  . VAL A 1 12  ? 15.131  4.874   -1.793  1.00 13.14 ? 12  VAL A CA  1 
ATOM   85   C C   . VAL A 1 12  ? 15.969  3.903   -1.001  1.00 13.97 ? 12  VAL A C   1 
ATOM   86   O O   . VAL A 1 12  ? 15.515  2.796   -0.685  1.00 12.17 ? 12  VAL A O   1 
ATOM   87   C CB  . VAL A 1 12  ? 15.438  4.752   -3.303  1.00 15.98 ? 12  VAL A CB  1 
ATOM   88   C CG1 . VAL A 1 12  ? 15.353  3.273   -3.752  1.00 18.37 ? 12  VAL A CG1 1 
ATOM   89   C CG2 . VAL A 1 12  ? 14.449  5.639   -4.084  1.00 15.71 ? 12  VAL A CG2 1 
ATOM   90   N N   . GLU A 1 13  ? 17.204  4.286   -0.655  1.00 13.39 ? 13  GLU A N   1 
ATOM   91   C CA  . GLU A 1 13  ? 17.978  3.453   0.216   1.00 15.35 ? 13  GLU A CA  1 
ATOM   92   C C   . GLU A 1 13  ? 17.310  3.163   1.561   1.00 14.73 ? 13  GLU A C   1 
ATOM   93   O O   . GLU A 1 13  ? 17.390  2.062   2.090   1.00 15.61 ? 13  GLU A O   1 
ATOM   94   C CB  . GLU A 1 13  ? 19.391  4.066   0.397   1.00 16.69 ? 13  GLU A CB  1 
ATOM   95   C CG  . GLU A 1 13  ? 20.334  3.783   -0.729  1.00 17.06 ? 13  GLU A CG  1 
ATOM   96   C CD  . GLU A 1 13  ? 21.793  4.148   -0.452  1.00 23.34 ? 13  GLU A CD  1 
ATOM   97   O OE1 . GLU A 1 13  ? 22.016  4.869   0.544   1.00 22.13 ? 13  GLU A OE1 1 
ATOM   98   O OE2 . GLU A 1 13  ? 22.684  3.692   -1.233  1.00 20.63 ? 13  GLU A OE2 1 
ATOM   99   N N   . GLN A 1 14  ? 16.645  4.183   2.126   1.00 14.68 ? 14  GLN A N   1 
ATOM   100  C CA  . GLN A 1 14  ? 15.924  4.058   3.359   1.00 15.85 ? 14  GLN A CA  1 
ATOM   101  C C   . GLN A 1 14  ? 14.789  3.047   3.196   1.00 15.12 ? 14  GLN A C   1 
ATOM   102  O O   . GLN A 1 14  ? 14.536  2.254   4.111   1.00 14.89 ? 14  GLN A O   1 
ATOM   103  C CB  . GLN A 1 14  ? 15.378  5.405   3.842   1.00 17.59 ? 14  GLN A CB  1 
ATOM   104  C CG  . GLN A 1 14  ? 16.444  6.372   4.304   1.00 23.89 ? 14  GLN A CG  1 
ATOM   105  C CD  . GLN A 1 14  ? 15.851  7.721   4.682   1.00 31.55 ? 14  GLN A CD  1 
ATOM   106  O OE1 . GLN A 1 14  ? 16.209  8.748   4.107   1.00 42.15 ? 14  GLN A OE1 1 
ATOM   107  N NE2 . GLN A 1 14  ? 14.938  7.720   5.656   1.00 35.83 ? 14  GLN A NE2 1 
ATOM   108  N N   . LEU A 1 15  ? 14.074  3.094   2.064   1.00 13.40 ? 15  LEU A N   1 
ATOM   109  C CA  . LEU A 1 15  ? 13.023  2.108   1.838   1.00 11.09 ? 15  LEU A CA  1 
ATOM   110  C C   . LEU A 1 15  ? 13.576  0.730   1.628   1.00 10.46 ? 15  LEU A C   1 
ATOM   111  O O   . LEU A 1 15  ? 12.994  -0.278  2.078   1.00 11.62 ? 15  LEU A O   1 
ATOM   112  C CB  . LEU A 1 15  ? 12.205  2.531   0.605   1.00 14.39 ? 15  LEU A CB  1 
ATOM   113  C CG  . LEU A 1 15  ? 11.391  3.769   0.779   1.00 12.89 ? 15  LEU A CG  1 
ATOM   114  C CD1 . LEU A 1 15  ? 10.767  4.162   -0.558  1.00 14.43 ? 15  LEU A CD1 1 
ATOM   115  C CD2 . LEU A 1 15  ? 10.278  3.605   1.827   1.00 17.06 ? 15  LEU A CD2 1 
ATOM   116  N N   . MET A 1 16  ? 14.755  0.634   0.987   1.00 12.66 ? 16  MET A N   1 
ATOM   117  C CA  . MET A 1 16  ? 15.372  -0.696  0.829   1.00 15.35 ? 16  MET A CA  1 
ATOM   118  C C   . MET A 1 16  ? 15.872  -1.285  2.140   1.00 14.09 ? 16  MET A C   1 
ATOM   119  O O   . MET A 1 16  ? 15.787  -2.506  2.336   1.00 15.92 ? 16  MET A O   1 
ATOM   120  C CB  . MET A 1 16  ? 16.502  -0.652  -0.221  1.00 13.14 ? 16  MET A CB  1 
ATOM   121  C CG  . MET A 1 16  ? 16.019  -0.310  -1.599  1.00 13.73 ? 16  MET A CG  1 
ATOM   122  S SD  . MET A 1 16  ? 14.749  -1.476  -2.201  1.00 31.18 ? 16  MET A SD  1 
ATOM   123  C CE  . MET A 1 16  ? 15.649  -2.894  -2.736  1.00 28.00 ? 16  MET A CE  1 
ATOM   124  N N   . GLU A 1 17  ? 16.348  -0.438  3.059   1.00 15.89 ? 17  GLU A N   1 
ATOM   125  C CA  . GLU A 1 17  ? 16.739  -0.885  4.379   1.00 18.01 ? 17  GLU A CA  1 
ATOM   126  C C   . GLU A 1 17  ? 15.517  -1.390  5.175   1.00 16.03 ? 17  GLU A C   1 
ATOM   127  O O   . GLU A 1 17  ? 15.565  -2.443  5.811   1.00 16.63 ? 17  GLU A O   1 
ATOM   128  C CB  . GLU A 1 17  ? 17.426  0.244   5.144   1.00 23.42 ? 17  GLU A CB  1 
ATOM   129  C CG  . GLU A 1 17  ? 18.037  -0.165  6.491   1.00 28.51 ? 17  GLU A CG  1 
ATOM   130  C CD  . GLU A 1 17  ? 17.043  -0.232  7.663   1.00 38.14 ? 17  GLU A CD  1 
ATOM   131  O OE1 . GLU A 1 17  ? 15.880  0.275   7.553   1.00 43.07 ? 17  GLU A OE1 1 
ATOM   132  O OE2 . GLU A 1 17  ? 17.432  -0.811  8.726   1.00 44.15 ? 17  GLU A OE2 1 
ATOM   133  N N   . TRP A 1 18  ? 14.399  -0.671  5.047   1.00 16.05 ? 18  TRP A N   1 
ATOM   134  C CA  . TRP A 1 18  ? 13.101  -1.095  5.621   1.00 14.90 ? 18  TRP A CA  1 
ATOM   135  C C   . TRP A 1 18  ? 12.696  -2.435  5.072   1.00 14.36 ? 18  TRP A C   1 
ATOM   136  O O   . TRP A 1 18  ? 12.232  -3.289  5.808   1.00 12.95 ? 18  TRP A O   1 
ATOM   137  C CB  . TRP A 1 18  ? 12.037  -0.063  5.304   1.00 13.20 ? 18  TRP A CB  1 
ATOM   138  C CG  . TRP A 1 18  ? 10.861  0.001   6.243   1.00 15.08 ? 18  TRP A CG  1 
ATOM   139  C CD1 . TRP A 1 18  ? 10.496  -0.914  7.177   1.00 17.80 ? 18  TRP A CD1 1 
ATOM   140  C CD2 . TRP A 1 18  ? 9.882   1.057   6.313   1.00 17.12 ? 18  TRP A CD2 1 
ATOM   141  N NE1 . TRP A 1 18  ? 9.369   -0.492  7.846   1.00 21.11 ? 18  TRP A NE1 1 
ATOM   142  C CE2 . TRP A 1 18  ? 8.969   0.712   7.332   1.00 18.48 ? 18  TRP A CE2 1 
ATOM   143  C CE3 . TRP A 1 18  ? 9.724   2.266   5.642   1.00 18.19 ? 18  TRP A CE3 1 
ATOM   144  C CZ2 . TRP A 1 18  ? 7.904   1.546   7.692   1.00 18.60 ? 18  TRP A CZ2 1 
ATOM   145  C CZ3 . TRP A 1 18  ? 8.661   3.109   6.035   1.00 14.92 ? 18  TRP A CZ3 1 
ATOM   146  C CH2 . TRP A 1 18  ? 7.763   2.713   7.008   1.00 15.95 ? 18  TRP A CH2 1 
ATOM   147  N N   . SER A 1 19  ? 12.922  -2.632  3.782   1.00 10.95 ? 19  SER A N   1 
ATOM   148  C CA  . SER A 1 19  ? 12.640  -3.895  3.110   1.00 12.53 ? 19  SER A CA  1 
ATOM   149  C C   . SER A 1 19  ? 13.366  -5.116  3.714   1.00 11.19 ? 19  SER A C   1 
ATOM   150  O O   . SER A 1 19  ? 12.858  -6.237  3.699   1.00 10.76 ? 19  SER A O   1 
ATOM   151  C CB  . SER A 1 19  ? 12.959  -3.788  1.605   1.00 12.80 ? 19  SER A CB  1 
ATOM   152  O OG  . SER A 1 19  ? 12.146  -2.800  0.958   1.00 14.13 ? 19  SER A OG  1 
ATOM   153  N N   . SER A 1 20  ? 14.553  -4.893  4.285   1.00 11.01 ? 20  SER A N   1 
ATOM   154  C CA  . SER A 1 20  ? 15.244  -6.002  4.876   1.00 14.61 ? 20  SER A CA  1 
ATOM   155  C C   . SER A 1 20  ? 14.563  -6.507  6.134   1.00 13.50 ? 20  SER A C   1 
ATOM   156  O O   . SER A 1 20  ? 14.761  -7.638  6.515   1.00 13.58 ? 20  SER A O   1 
ATOM   157  C CB  . SER A 1 20  ? 16.680  -5.582  5.184   1.00 12.93 ? 20  SER A CB  1 
ATOM   158  O OG  . SER A 1 20  ? 16.744  -4.724  6.315   1.00 14.67 ? 20  SER A OG  1 
ATOM   159  N N   . ARG A 1 21  ? 13.748  -5.669  6.776   1.00 11.32 ? 21  ARG A N   1 
ATOM   160  C CA  . ARG A 1 21  ? 13.044  -6.016  7.982   1.00 12.44 ? 21  ARG A CA  1 
ATOM   161  C C   . ARG A 1 21  ? 11.537  -6.221  7.856   1.00 14.05 ? 21  ARG A C   1 
ATOM   162  O O   . ARG A 1 21  ? 10.923  -6.787  8.763   1.00 13.97 ? 21  ARG A O   1 
ATOM   163  C CB  . ARG A 1 21  ? 13.319  -4.955  9.040   1.00 17.56 ? 21  ARG A CB  1 
ATOM   164  C CG  . ARG A 1 21  ? 14.785  -4.745  9.359   1.00 25.33 ? 21  ARG A CG  1 
ATOM   165  C CD  . ARG A 1 21  ? 14.973  -3.668  10.417  1.00 30.48 ? 21  ARG A CD  1 
ATOM   166  N NE  . ARG A 1 21  ? 14.886  -2.328  9.853   1.00 33.73 ? 21  ARG A NE  1 
ATOM   167  C CZ  . ARG A 1 21  ? 13.792  -1.567  9.829   1.00 35.32 ? 21  ARG A CZ  1 
ATOM   168  N NH1 . ARG A 1 21  ? 13.856  -0.362  9.279   1.00 36.04 ? 21  ARG A NH1 1 
ATOM   169  N NH2 . ARG A 1 21  ? 12.629  -2.005  10.320  1.00 38.41 ? 21  ARG A NH2 1 
ATOM   170  N N   . ARG A 1 22  ? 10.952  -5.776  6.744   1.00 13.41 ? 22  ARG A N   1 
ATOM   171  C CA  . ARG A 1 22  ? 9.513   -5.865  6.492   1.00 12.10 ? 22  ARG A CA  1 
ATOM   172  C C   . ARG A 1 22  ? 9.212   -6.114  5.054   1.00 10.47 ? 22  ARG A C   1 
ATOM   173  O O   . ARG A 1 22  ? 9.943   -5.576  4.143   1.00 11.15 ? 22  ARG A O   1 
ATOM   174  C CB  . ARG A 1 22  ? 8.816   -4.586  6.950   1.00 10.61 ? 22  ARG A CB  1 
ATOM   175  C CG  . ARG A 1 22  ? 8.979   -4.234  8.438   1.00 13.75 ? 22  ARG A CG  1 
ATOM   176  C CD  . ARG A 1 22  ? 8.321   -5.205  9.383   1.00 18.60 ? 22  ARG A CD  1 
ATOM   177  N NE  . ARG A 1 22  ? 8.098   -4.632  10.719  1.00 17.68 ? 22  ARG A NE  1 
ATOM   178  C CZ  . ARG A 1 22  ? 8.944   -4.578  11.740  1.00 26.78 ? 22  ARG A CZ  1 
ATOM   179  N NH1 . ARG A 1 22  ? 10.199  -5.083  11.662  1.00 25.54 ? 22  ARG A NH1 1 
ATOM   180  N NH2 . ARG A 1 22  ? 8.516   -4.044  12.879  1.00 30.05 ? 22  ARG A NH2 1 
ATOM   181  N N   . SER A 1 23  ? 8.115   -6.798  4.781   1.00 11.13 ? 23  SER A N   1 
ATOM   182  C CA  . SER A 1 23  ? 7.587   -6.939  3.412   1.00 10.34 ? 23  SER A CA  1 
ATOM   183  C C   . SER A 1 23  ? 6.583   -5.873  3.135   1.00 8.61  ? 23  SER A C   1 
ATOM   184  O O   . SER A 1 23  ? 6.384   -5.520  1.998   1.00 10.29 ? 23  SER A O   1 
ATOM   185  C CB  . SER A 1 23  ? 6.940   -8.309  3.202   1.00 11.18 ? 23  SER A CB  1 
ATOM   186  O OG  . SER A 1 23  ? 7.958   -9.338  3.221   1.00 12.48 ? 23  SER A OG  1 
ATOM   187  N N   . ILE A 1 24  ? 5.942   -5.383  4.223   1.00 9.01  ? 24  ILE A N   1 
ATOM   188  C CA  . ILE A 1 24  ? 4.939   -4.334  4.142   1.00 8.85  ? 24  ILE A CA  1 
ATOM   189  C C   . ILE A 1 24  ? 5.302   -3.258  5.176   1.00 10.17 ? 24  ILE A C   1 
ATOM   190  O O   . ILE A 1 24  ? 5.518   -3.549  6.370   1.00 10.86 ? 24  ILE A O   1 
ATOM   191  C CB  . ILE A 1 24  ? 3.540   -4.916  4.422   1.00 8.72  ? 24  ILE A CB  1 
ATOM   192  C CG1 . ILE A 1 24  ? 3.136   -5.855  3.296   1.00 10.11 ? 24  ILE A CG1 1 
ATOM   193  C CG2 . ILE A 1 24  ? 2.548   -3.826  4.588   1.00 8.72  ? 24  ILE A CG2 1 
ATOM   194  C CD1 . ILE A 1 24  ? 2.019   -6.810  3.614   1.00 10.01 ? 24  ILE A CD1 1 
ATOM   195  N N   . PHE A 1 25  ? 5.321   -2.009  4.740   1.00 8.81  ? 25  PHE A N   1 
ATOM   196  C CA  . PHE A 1 25  ? 5.613   -0.867  5.570   1.00 8.79  ? 25  PHE A CA  1 
ATOM   197  C C   . PHE A 1 25  ? 4.390   -0.378  6.278   1.00 10.12 ? 25  PHE A C   1 
ATOM   198  O O   . PHE A 1 25  ? 3.484   0.065   5.658   1.00 9.43  ? 25  PHE A O   1 
ATOM   199  C CB  . PHE A 1 25  ? 6.210   0.259   4.759   1.00 9.47  ? 25  PHE A CB  1 
ATOM   200  C CG  . PHE A 1 25  ? 7.443   -0.134  3.932   1.00 9.65  ? 25  PHE A CG  1 
ATOM   201  C CD1 . PHE A 1 25  ? 8.257   -1.168  4.348   1.00 10.83 ? 25  PHE A CD1 1 
ATOM   202  C CD2 . PHE A 1 25  ? 7.732   0.480   2.726   1.00 10.40 ? 25  PHE A CD2 1 
ATOM   203  C CE1 . PHE A 1 25  ? 9.359   -1.580  3.578   1.00 11.93 ? 25  PHE A CE1 1 
ATOM   204  C CE2 . PHE A 1 25  ? 8.842   0.112   1.967   1.00 10.19 ? 25  PHE A CE2 1 
ATOM   205  C CZ  . PHE A 1 25  ? 9.667   -0.930  2.431   1.00 12.45 ? 25  PHE A CZ  1 
ATOM   206  N N   . ARG A 1 26  ? 4.393   -0.454  7.570   1.00 9.40  ? 26  ARG A N   1 
ATOM   207  C CA  . ARG A 1 26  ? 3.262   -0.005  8.411   1.00 10.91 ? 26  ARG A CA  1 
ATOM   208  C C   . ARG A 1 26  ? 3.427   1.486   8.703   1.00 11.59 ? 26  ARG A C   1 
ATOM   209  O O   . ARG A 1 26  ? 4.371   1.871   9.390   1.00 14.93 ? 26  ARG A O   1 
ATOM   210  C CB  . ARG A 1 26  ? 3.272   -0.800  9.696   1.00 17.31 ? 26  ARG A CB  1 
ATOM   211  C CG  . ARG A 1 26  ? 2.002   -0.696  10.453  1.00 24.57 ? 26  ARG A CG  1 
ATOM   212  C CD  . ARG A 1 26  ? 2.344   -0.370  11.901  1.00 35.37 ? 26  ARG A CD  1 
ATOM   213  N NE  . ARG A 1 26  ? 1.227   -0.686  12.773  1.00 43.51 ? 26  ARG A NE  1 
ATOM   214  C CZ  . ARG A 1 26  ? 0.827   -1.911  13.037  1.00 53.05 ? 26  ARG A CZ  1 
ATOM   215  N NH1 . ARG A 1 26  ? -0.199  -2.113  13.865  1.00 60.46 ? 26  ARG A NH1 1 
ATOM   216  N NH2 . ARG A 1 26  ? 1.479   -2.925  12.494  1.00 59.07 ? 26  ARG A NH2 1 
ATOM   217  N N   . MET A 1 27  ? 2.519   2.299   8.195   1.00 11.14 ? 27  MET A N   1 
ATOM   218  C CA  . MET A 1 27  ? 2.723   3.739   8.227   1.00 12.59 ? 27  MET A CA  1 
ATOM   219  C C   . MET A 1 27  ? 1.682   4.528   9.023   1.00 12.31 ? 27  MET A C   1 
ATOM   220  O O   . MET A 1 27  ? 0.455   4.288   8.915   1.00 14.57 ? 27  MET A O   1 
ATOM   221  C CB  . MET A 1 27  ? 2.773   4.270   6.812   1.00 13.37 ? 27  MET A CB  1 
ATOM   222  C CG  . MET A 1 27  ? 3.976   3.781   6.027   1.00 14.24 ? 27  MET A CG  1 
ATOM   223  S SD  . MET A 1 27  ? 3.923   4.575   4.473   1.00 18.42 ? 27  MET A SD  1 
ATOM   224  C CE  . MET A 1 27  ? 5.455   3.996   3.739   1.00 17.13 ? 27  MET A CE  1 
ATOM   225  N N   . ASN A 1 28  ? 2.170   5.537   9.749   1.00 13.84 ? 28  ASN A N   1 
ATOM   226  C CA  . ASN A 1 28  ? 1.348   6.567   10.290  1.00 13.55 ? 28  ASN A CA  1 
ATOM   227  C C   . ASN A 1 28  ? 1.337   7.734   9.316   1.00 11.69 ? 28  ASN A C   1 
ATOM   228  O O   . ASN A 1 28  ? 1.812   7.608   8.170   1.00 12.19 ? 28  ASN A O   1 
ATOM   229  C CB  . ASN A 1 28  ? 1.855   7.019   11.652  1.00 13.19 ? 28  ASN A CB  1 
ATOM   230  C CG  . ASN A 1 28  ? 3.251   7.567   11.611  1.00 14.27 ? 28  ASN A CG  1 
ATOM   231  O OD1 . ASN A 1 28  ? 3.832   7.764   10.582  1.00 13.71 ? 28  ASN A OD1 1 
ATOM   232  N ND2 . ASN A 1 28  ? 3.811   7.809   12.807  1.00 18.96 ? 28  ASN A ND2 1 
ATOM   233  N N   . GLY A 1 29  ? 0.758   8.868   9.721   1.00 11.46 ? 29  GLY A N   1 
ATOM   234  C CA  . GLY A 1 29  ? 0.601   9.963   8.788   1.00 13.16 ? 29  GLY A CA  1 
ATOM   235  C C   . GLY A 1 29  ? 1.928   10.552  8.395   1.00 10.92 ? 29  GLY A C   1 
ATOM   236  O O   . GLY A 1 29  ? 2.162   10.885  7.234   1.00 12.05 ? 29  GLY A O   1 
ATOM   237  N N   . ASP A 1 30  ? 2.846   10.692  9.359   1.00 12.23 ? 30  ASP A N   1 
ATOM   238  C CA  . ASP A 1 30  ? 4.198   11.225  9.062   1.00 14.75 ? 30  ASP A CA  1 
ATOM   239  C C   . ASP A 1 30  ? 4.933   10.407  7.997   1.00 14.27 ? 30  ASP A C   1 
ATOM   240  O O   . ASP A 1 30  ? 5.473   10.950  7.044   1.00 12.03 ? 30  ASP A O   1 
ATOM   241  C CB  . ASP A 1 30  ? 5.054   11.404  10.334  1.00 16.97 ? 30  ASP A CB  1 
ATOM   242  C CG  . ASP A 1 30  ? 4.566   12.532  11.236  1.00 21.65 ? 30  ASP A CG  1 
ATOM   243  O OD1 . ASP A 1 30  ? 3.964   13.506  10.747  1.00 22.41 ? 30  ASP A OD1 1 
ATOM   244  O OD2 . ASP A 1 30  ? 4.814   12.436  12.445  1.00 26.94 ? 30  ASP A OD2 1 
ATOM   245  N N   . LYS A 1 31  ? 4.972   9.091   8.164   1.00 12.57 ? 31  LYS A N   1 
ATOM   246  C CA  . LYS A 1 31  ? 5.631   8.233   7.213   1.00 12.36 ? 31  LYS A CA  1 
ATOM   247  C C   . LYS A 1 31  ? 4.930   8.180   5.857   1.00 12.24 ? 31  LYS A C   1 
ATOM   248  O O   . LYS A 1 31  ? 5.590   8.117   4.800   1.00 11.19 ? 31  LYS A O   1 
ATOM   249  C CB  . LYS A 1 31  ? 5.834   6.831   7.778   1.00 14.48 ? 31  LYS A CB  1 
ATOM   250  C CG  . LYS A 1 31  ? 6.729   6.813   9.018   1.00 17.44 ? 31  LYS A CG  1 
ATOM   251  C CD  . LYS A 1 31  ? 6.911   5.426   9.570   1.00 20.85 ? 31  LYS A CD  1 
ATOM   252  C CE  . LYS A 1 31  ? 7.851   5.407   10.763  1.00 24.06 ? 31  LYS A CE  1 
ATOM   253  N NZ  . LYS A 1 31  ? 8.234   4.027   11.202  1.00 31.06 ? 31  LYS A NZ  1 
ATOM   254  N N   . PHE A 1 32  ? 3.613   8.154   5.867   1.00 8.67  ? 32  PHE A N   1 
ATOM   255  C CA  . PHE A 1 32  ? 2.811   8.212   4.675   1.00 8.63  ? 32  PHE A CA  1 
ATOM   256  C C   . PHE A 1 32  ? 3.173   9.449   3.876   1.00 9.43  ? 32  PHE A C   1 
ATOM   257  O O   . PHE A 1 32  ? 3.371   9.416   2.644   1.00 9.88  ? 32  PHE A O   1 
ATOM   258  C CB  . PHE A 1 32  ? 1.331   8.146   5.011   1.00 10.22 ? 32  PHE A CB  1 
ATOM   259  C CG  . PHE A 1 32  ? 0.440   8.196   3.794   1.00 9.76  ? 32  PHE A CG  1 
ATOM   260  C CD1 . PHE A 1 32  ? 0.121   7.011   3.085   1.00 12.24 ? 32  PHE A CD1 1 
ATOM   261  C CD2 . PHE A 1 32  ? -0.079  9.372   3.325   1.00 11.45 ? 32  PHE A CD2 1 
ATOM   262  C CE1 . PHE A 1 32  ? -0.691  7.063   1.984   1.00 14.57 ? 32  PHE A CE1 1 
ATOM   263  C CE2 . PHE A 1 32  ? -0.879  9.418   2.214   1.00 15.07 ? 32  PHE A CE2 1 
ATOM   264  C CZ  . PHE A 1 32  ? -1.202  8.269   1.542   1.00 14.43 ? 32  PHE A CZ  1 
ATOM   265  N N   . ARG A 1 33  ? 3.192   10.595  4.571   1.00 10.14 ? 33  ARG A N   1 
ATOM   266  C CA  . ARG A 1 33  ? 3.489   11.841  3.883   1.00 9.82  ? 33  ARG A CA  1 
ATOM   267  C C   . ARG A 1 33  ? 4.909   11.849  3.344   1.00 10.96 ? 33  ARG A C   1 
ATOM   268  O O   . ARG A 1 33  ? 5.140   12.282  2.222   1.00 12.35 ? 33  ARG A O   1 
ATOM   269  C CB  . ARG A 1 33  ? 3.182   13.034  4.740   1.00 11.25 ? 33  ARG A CB  1 
ATOM   270  C CG  . ARG A 1 33  ? 1.683   13.329  4.901   1.00 10.62 ? 33  ARG A CG  1 
ATOM   271  C CD  . ARG A 1 33  ? 1.424   14.574  5.727   1.00 10.72 ? 33  ARG A CD  1 
ATOM   272  N NE  . ARG A 1 33  ? 1.793   14.417  7.101   1.00 12.16 ? 33  ARG A NE  1 
ATOM   273  C CZ  . ARG A 1 33  ? 1.001   13.894  8.017   1.00 16.32 ? 33  ARG A CZ  1 
ATOM   274  N NH1 . ARG A 1 33  ? -0.190  13.496  7.713   1.00 16.50 ? 33  ARG A NH1 1 
ATOM   275  N NH2 . ARG A 1 33  ? 1.435   13.782  9.246   1.00 20.55 ? 33  ARG A NH2 1 
ATOM   276  N N   . LYS A 1 34  ? 5.864   11.371  4.136   1.00 10.58 ? 34  LYS A N   1 
ATOM   277  C CA  . LYS A 1 34  ? 7.268   11.399  3.789   1.00 11.66 ? 34  LYS A CA  1 
ATOM   278  C C   . LYS A 1 34  ? 7.626   10.451  2.614   1.00 10.02 ? 34  LYS A C   1 
ATOM   279  O O   . LYS A 1 34  ? 8.364   10.834  1.724   1.00 12.43 ? 34  LYS A O   1 
ATOM   280  C CB  . LYS A 1 34  ? 8.107   10.996  4.997   1.00 13.78 ? 34  LYS A CB  1 
ATOM   281  C CG  . LYS A 1 34  ? 9.587   10.838  4.736   1.00 20.85 ? 34  LYS A CG  1 
ATOM   282  C CD  . LYS A 1 34  ? 10.286  10.126  5.878   1.00 26.59 ? 34  LYS A CD  1 
ATOM   283  C CE  . LYS A 1 34  ? 11.790  10.057  5.702   1.00 32.57 ? 34  LYS A CE  1 
ATOM   284  N NZ  . LYS A 1 34  ? 12.435  11.382  5.883   1.00 37.29 ? 34  LYS A NZ  1 
ATOM   285  N N   . PHE A 1 35  ? 7.038   9.270   2.603   1.00 11.07 ? 35  PHE A N   1 
ATOM   286  C CA  . PHE A 1 35  ? 7.407   8.247   1.641   1.00 10.96 ? 35  PHE A CA  1 
ATOM   287  C C   . PHE A 1 35  ? 6.445   8.068   0.479   1.00 9.70  ? 35  PHE A C   1 
ATOM   288  O O   . PHE A 1 35  ? 6.793   7.447   -0.532  1.00 10.54 ? 35  PHE A O   1 
ATOM   289  C CB  . PHE A 1 35  ? 7.658   6.925   2.337   1.00 11.10 ? 35  PHE A CB  1 
ATOM   290  C CG  . PHE A 1 35  ? 8.913   6.902   3.170   1.00 14.28 ? 35  PHE A CG  1 
ATOM   291  C CD1 . PHE A 1 35  ? 10.155  7.045   2.568   1.00 15.73 ? 35  PHE A CD1 1 
ATOM   292  C CD2 . PHE A 1 35  ? 8.843   6.772   4.534   1.00 16.44 ? 35  PHE A CD2 1 
ATOM   293  C CE1 . PHE A 1 35  ? 11.333  7.013   3.332   1.00 18.61 ? 35  PHE A CE1 1 
ATOM   294  C CE2 . PHE A 1 35  ? 9.999   6.736   5.310   1.00 20.64 ? 35  PHE A CE2 1 
ATOM   295  C CZ  . PHE A 1 35  ? 11.245  6.880   4.700   1.00 19.99 ? 35  PHE A CZ  1 
ATOM   296  N N   . ILE A 1 36  ? 5.202   8.588   0.613   1.00 11.28 ? 36  ILE A N   1 
ATOM   297  C CA  . ILE A 1 36  ? 4.209   8.394   -0.427  1.00 10.58 ? 36  ILE A CA  1 
ATOM   298  C C   . ILE A 1 36  ? 3.705   9.700   -1.016  1.00 11.29 ? 36  ILE A C   1 
ATOM   299  O O   . ILE A 1 36  ? 3.520   9.807   -2.254  1.00 12.37 ? 36  ILE A O   1 
ATOM   300  C CB  . ILE A 1 36  ? 3.049   7.496   0.072   1.00 12.65 ? 36  ILE A CB  1 
ATOM   301  C CG1 . ILE A 1 36  ? 3.650   6.212   0.688   1.00 12.44 ? 36  ILE A CG1 1 
ATOM   302  C CG2 . ILE A 1 36  ? 2.082   7.175   -1.023  1.00 11.38 ? 36  ILE A CG2 1 
ATOM   303  C CD1 . ILE A 1 36  ? 2.622   5.290   1.260   1.00 13.32 ? 36  ILE A CD1 1 
ATOM   304  N N   . LYS A 1 37  ? 3.495   10.714  -0.195  1.00 9.53  ? 37  LYS A N   1 
ATOM   305  C CA  . LYS A 1 37  ? 3.005   11.999  -0.720  1.00 12.03 ? 37  LYS A CA  1 
ATOM   306  C C   . LYS A 1 37  ? 4.104   12.942  -1.173  1.00 13.19 ? 37  LYS A C   1 
ATOM   307  O O   . LYS A 1 37  ? 3.948   13.683  -2.162  1.00 13.61 ? 37  LYS A O   1 
ATOM   308  C CB  . LYS A 1 37  ? 2.105   12.678  0.307   1.00 11.37 ? 37  LYS A CB  1 
ATOM   309  C CG  . LYS A 1 37  ? 0.743   12.066  0.511   1.00 14.67 ? 37  LYS A CG  1 
ATOM   310  C CD  . LYS A 1 37  ? -0.023  11.955  -0.810  1.00 21.29 ? 37  LYS A CD  1 
ATOM   311  C CE  . LYS A 1 37  ? -1.427  11.458  -0.644  1.00 26.99 ? 37  LYS A CE  1 
ATOM   312  N NZ  . LYS A 1 37  ? -2.385  12.494  -0.128  1.00 34.06 ? 37  LYS A NZ  1 
ATOM   313  N N   . ALA A 1 38  ? 5.191   12.976  -0.426  1.00 12.04 ? 38  ALA A N   1 
ATOM   314  C CA  . ALA A 1 38  ? 6.227   13.973  -0.661  1.00 12.94 ? 38  ALA A CA  1 
ATOM   315  C C   . ALA A 1 38  ? 7.022   13.683  -1.925  1.00 12.63 ? 38  ALA A C   1 
ATOM   316  O O   . ALA A 1 38  ? 7.336   12.510  -2.219  1.00 12.61 ? 38  ALA A O   1 
ATOM   317  C CB  . ALA A 1 38  ? 7.135   14.103  0.515   1.00 14.28 ? 38  ALA A CB  1 
ATOM   318  N N   . PRO A 1 39  ? 7.370   14.716  -2.692  1.00 11.04 ? 39  PRO A N   1 
ATOM   319  C CA  . PRO A 1 39  ? 8.273   14.562  -3.818  1.00 14.40 ? 39  PRO A CA  1 
ATOM   320  C C   . PRO A 1 39  ? 9.706   14.669  -3.353  1.00 16.83 ? 39  PRO A C   1 
ATOM   321  O O   . PRO A 1 39  ? 9.940   15.160  -2.244  1.00 16.54 ? 39  PRO A O   1 
ATOM   322  C CB  . PRO A 1 39  ? 7.901   15.725  -4.736  1.00 14.30 ? 39  PRO A CB  1 
ATOM   323  C CG  . PRO A 1 39  ? 7.555   16.830  -3.746  1.00 14.01 ? 39  PRO A CG  1 
ATOM   324  C CD  . PRO A 1 39  ? 6.924   16.127  -2.548  1.00 12.12 ? 39  PRO A CD  1 
ATOM   325  N N   . PRO A 1 40  ? 10.655  14.198  -4.147  1.00 18.84 ? 40  PRO A N   1 
ATOM   326  C CA  . PRO A 1 40  ? 10.390  13.468  -5.416  1.00 17.49 ? 40  PRO A CA  1 
ATOM   327  C C   . PRO A 1 40  ? 10.302  11.942  -5.159  1.00 12.27 ? 40  PRO A C   1 
ATOM   328  O O   . PRO A 1 40  ? 10.775  11.421  -4.073  1.00 13.35 ? 40  PRO A O   1 
ATOM   329  C CB  . PRO A 1 40  ? 11.626  13.796  -6.257  1.00 22.84 ? 40  PRO A CB  1 
ATOM   330  C CG  . PRO A 1 40  ? 12.718  13.815  -5.236  1.00 22.81 ? 40  PRO A CG  1 
ATOM   331  C CD  . PRO A 1 40  ? 12.100  14.340  -3.911  1.00 22.67 ? 40  PRO A CD  1 
ATOM   332  N N   . ARG A 1 41  ? 9.798   11.209  -6.124  1.00 12.69 ? 41  ARG A N   1 
ATOM   333  C CA  . ARG A 1 41  ? 9.806   9.744   -6.030  1.00 9.48  ? 41  ARG A CA  1 
ATOM   334  C C   . ARG A 1 41  ? 10.017  9.164   -7.422  1.00 10.01 ? 41  ARG A C   1 
ATOM   335  O O   . ARG A 1 41  ? 9.595   9.746   -8.406  1.00 13.45 ? 41  ARG A O   1 
ATOM   336  C CB  . ARG A 1 41  ? 8.440   9.233   -5.488  1.00 9.69  ? 41  ARG A CB  1 
ATOM   337  C CG  . ARG A 1 41  ? 8.099   9.654   -4.107  1.00 9.04  ? 41  ARG A CG  1 
ATOM   338  C CD  . ARG A 1 41  ? 6.736   9.121   -3.644  1.00 10.33 ? 41  ARG A CD  1 
ATOM   339  N NE  . ARG A 1 41  ? 5.673   9.312   -4.611  1.00 9.58  ? 41  ARG A NE  1 
ATOM   340  C CZ  . ARG A 1 41  ? 5.095   10.481  -4.911  1.00 10.64 ? 41  ARG A CZ  1 
ATOM   341  N NH1 . ARG A 1 41  ? 5.507   11.613  -4.353  1.00 11.90 ? 41  ARG A NH1 1 
ATOM   342  N NH2 . ARG A 1 41  ? 4.136   10.516  -5.824  1.00 14.29 ? 41  ARG A NH2 1 
ATOM   343  N N   . ASN A 1 42  ? 10.658  8.013   -7.501  1.00 11.02 ? 42  ASN A N   1 
ATOM   344  C CA  . ASN A 1 42  ? 10.782  7.318   -8.769  1.00 9.67  ? 42  ASN A CA  1 
ATOM   345  C C   . ASN A 1 42  ? 10.235  5.885   -8.710  1.00 9.98  ? 42  ASN A C   1 
ATOM   346  O O   . ASN A 1 42  ? 10.502  5.068   -9.622  1.00 10.50 ? 42  ASN A O   1 
ATOM   347  C CB  . ASN A 1 42  ? 12.228  7.345   -9.223  1.00 11.33 ? 42  ASN A CB  1 
ATOM   348  C CG  . ASN A 1 42  ? 13.143  6.669   -8.262  1.00 13.07 ? 42  ASN A CG  1 
ATOM   349  O OD1 . ASN A 1 42  ? 12.708  6.150   -7.185  1.00 17.37 ? 42  ASN A OD1 1 
ATOM   350  N ND2 . ASN A 1 42  ? 14.447  6.626   -8.588  1.00 17.52 ? 42  ASN A ND2 1 
ATOM   351  N N   . TYR A 1 43  ? 9.455   5.603   -7.696  1.00 10.52 ? 43  TYR A N   1 
ATOM   352  C CA  . TYR A 1 43  ? 8.924   4.280   -7.346  1.00 9.32  ? 43  TYR A CA  1 
ATOM   353  C C   . TYR A 1 43  ? 7.416   4.429   -7.207  1.00 8.00  ? 43  TYR A C   1 
ATOM   354  O O   . TYR A 1 43  ? 6.915   5.499   -6.834  1.00 9.62  ? 43  TYR A O   1 
ATOM   355  C CB  . TYR A 1 43  ? 9.523   3.730   -6.045  1.00 10.36 ? 43  TYR A CB  1 
ATOM   356  C CG  . TYR A 1 43  ? 9.471   4.673   -4.848  1.00 10.65 ? 43  TYR A CG  1 
ATOM   357  C CD1 . TYR A 1 43  ? 8.323   4.753   -4.041  1.00 10.36 ? 43  TYR A CD1 1 
ATOM   358  C CD2 . TYR A 1 43  ? 10.492  5.601   -4.613  1.00 11.58 ? 43  TYR A CD2 1 
ATOM   359  C CE1 . TYR A 1 43  ? 8.256   5.643   -3.013  1.00 8.70  ? 43  TYR A CE1 1 
ATOM   360  C CE2 . TYR A 1 43  ? 10.414  6.510   -3.600  1.00 10.36 ? 43  TYR A CE2 1 
ATOM   361  C CZ  . TYR A 1 43  ? 9.279   6.518   -2.792  1.00 9.22  ? 43  TYR A CZ  1 
ATOM   362  O OH  . TYR A 1 43  ? 9.192   7.416   -1.727  1.00 9.87  ? 43  TYR A OH  1 
ATOM   363  N N   . SER A 1 44  ? 6.710   3.334   -7.474  1.00 7.60  ? 44  SER A N   1 
ATOM   364  C CA  . SER A 1 44  ? 5.288   3.205   -7.187  1.00 9.79  ? 44  SER A CA  1 
ATOM   365  C C   . SER A 1 44  ? 5.099   2.657   -5.760  1.00 11.15 ? 44  SER A C   1 
ATOM   366  O O   . SER A 1 44  ? 5.904   1.904   -5.269  1.00 10.43 ? 44  SER A O   1 
ATOM   367  C CB  . SER A 1 44  ? 4.645   2.264   -8.176  1.00 13.78 ? 44  SER A CB  1 
ATOM   368  O OG  . SER A 1 44  ? 4.366   2.843   -9.440  1.00 15.11 ? 44  SER A OG  1 
ATOM   369  N N   . MET A 1 45  ? 4.011   3.074   -5.101  1.00 8.79  ? 45  MET A N   1 
ATOM   370  C CA  . MET A 1 45  ? 3.636   2.590   -3.827  1.00 9.88  ? 45  MET A CA  1 
ATOM   371  C C   . MET A 1 45  ? 2.262   1.988   -3.872  1.00 9.73  ? 45  MET A C   1 
ATOM   372  O O   . MET A 1 45  ? 1.329   2.653   -4.348  1.00 9.00  ? 45  MET A O   1 
ATOM   373  C CB  . MET A 1 45  ? 3.667   3.692   -2.783  1.00 12.24 ? 45  MET A CB  1 
ATOM   374  C CG  . MET A 1 45  ? 3.480   3.211   -1.342  1.00 17.75 ? 45  MET A CG  1 
ATOM   375  S SD  . MET A 1 45  ? 4.916   2.313   -0.733  1.00 25.27 ? 45  MET A SD  1 
ATOM   376  C CE  . MET A 1 45  ? 6.165   3.225   -1.644  1.00 14.05 ? 45  MET A CE  1 
ATOM   377  N N   . ILE A 1 46  ? 2.121   0.754   -3.414  1.00 9.53  ? 46  ILE A N   1 
ATOM   378  C CA  . ILE A 1 46  ? 0.827   0.190   -3.186  1.00 8.71  ? 46  ILE A CA  1 
ATOM   379  C C   . ILE A 1 46  ? 0.542   0.348   -1.701  1.00 8.02  ? 46  ILE A C   1 
ATOM   380  O O   . ILE A 1 46  ? 1.397   0.108   -0.874  1.00 9.35  ? 46  ILE A O   1 
ATOM   381  C CB  . ILE A 1 46  ? 0.745   -1.318  -3.574  1.00 8.78  ? 46  ILE A CB  1 
ATOM   382  C CG1 . ILE A 1 46  ? 1.236   -1.553  -4.989  1.00 8.58  ? 46  ILE A CG1 1 
ATOM   383  C CG2 . ILE A 1 46  ? -0.687  -1.849  -3.327  1.00 9.32  ? 46  ILE A CG2 1 
ATOM   384  C CD1 . ILE A 1 46  ? 0.466   -0.759  -6.007  1.00 7.86  ? 46  ILE A CD1 1 
ATOM   385  N N   . VAL A 1 47  ? -0.696  0.772   -1.392  1.00 9.83  ? 47  VAL A N   1 
ATOM   386  C CA  . VAL A 1 47  ? -1.114  0.961   0.002   1.00 9.06  ? 47  VAL A CA  1 
ATOM   387  C C   . VAL A 1 47  ? -2.393  0.251   0.259   1.00 8.38  ? 47  VAL A C   1 
ATOM   388  O O   . VAL A 1 47  ? -3.331  0.379   -0.489  1.00 8.98  ? 47  VAL A O   1 
ATOM   389  C CB  . VAL A 1 47  ? -1.273  2.457   0.330   1.00 9.45  ? 47  VAL A CB  1 
ATOM   390  C CG1 . VAL A 1 47  ? -1.521  2.691   1.824   1.00 10.60 ? 47  VAL A CG1 1 
ATOM   391  C CG2 . VAL A 1 47  ? -0.053  3.293   -0.085  1.00 9.67  ? 47  VAL A CG2 1 
ATOM   392  N N   . MET A 1 48  ? -2.422  -0.551  1.328   1.00 7.42  ? 48  MET A N   1 
ATOM   393  C CA  . MET A 1 48  ? -3.646  -1.078  1.878   1.00 7.82  ? 48  MET A CA  1 
ATOM   394  C C   . MET A 1 48  ? -4.085  -0.260  3.079   1.00 7.46  ? 48  MET A C   1 
ATOM   395  O O   . MET A 1 48  ? -3.413  -0.172  4.068   1.00 9.71  ? 48  MET A O   1 
ATOM   396  C CB  . MET A 1 48  ? -3.531  -2.543  2.263   1.00 9.35  ? 48  MET A CB  1 
ATOM   397  C CG  . MET A 1 48  ? -4.774  -3.185  2.826   1.00 9.08  ? 48  MET A CG  1 
ATOM   398  S SD  . MET A 1 48  ? -4.485  -4.865  3.417   1.00 9.11  ? 48  MET A SD  1 
ATOM   399  C CE  . MET A 1 48  ? -3.492  -4.609  4.865   1.00 11.94 ? 48  MET A CE  1 
ATOM   400  N N   . PHE A 1 49  ? -5.241  0.371   2.924   1.00 7.29  ? 49  PHE A N   1 
ATOM   401  C CA  . PHE A 1 49  ? -5.875  1.113   4.029   1.00 8.45  ? 49  PHE A CA  1 
ATOM   402  C C   . PHE A 1 49  ? -6.772  0.104   4.756   1.00 8.43  ? 49  PHE A C   1 
ATOM   403  O O   . PHE A 1 49  ? -7.633  -0.533  4.121   1.00 9.31  ? 49  PHE A O   1 
ATOM   404  C CB  . PHE A 1 49  ? -6.684  2.233   3.484   1.00 9.96  ? 49  PHE A CB  1 
ATOM   405  C CG  . PHE A 1 49  ? -5.829  3.249   2.752   1.00 9.61  ? 49  PHE A CG  1 
ATOM   406  C CD1 . PHE A 1 49  ? -5.569  3.088   1.360   1.00 12.44 ? 49  PHE A CD1 1 
ATOM   407  C CD2 . PHE A 1 49  ? -5.307  4.336   3.410   1.00 10.35 ? 49  PHE A CD2 1 
ATOM   408  C CE1 . PHE A 1 49  ? -4.816  4.006   0.695   1.00 11.27 ? 49  PHE A CE1 1 
ATOM   409  C CE2 . PHE A 1 49  ? -4.483  5.217   2.735   1.00 10.25 ? 49  PHE A CE2 1 
ATOM   410  C CZ  . PHE A 1 49  ? -4.257  5.085   1.417   1.00 9.08  ? 49  PHE A CZ  1 
ATOM   411  N N   . THR A 1 50  ? -6.580  -0.016  6.034   1.00 7.74  ? 50  THR A N   1 
ATOM   412  C CA  . THR A 1 50  ? -7.157  -1.134  6.764   1.00 8.02  ? 50  THR A CA  1 
ATOM   413  C C   . THR A 1 50  ? -7.617  -0.696  8.149   1.00 9.51  ? 50  THR A C   1 
ATOM   414  O O   . THR A 1 50  ? -7.333  0.401   8.582   1.00 9.16  ? 50  THR A O   1 
ATOM   415  C CB  . THR A 1 50  ? -6.149  -2.301  6.889   1.00 8.89  ? 50  THR A CB  1 
ATOM   416  O OG1 . THR A 1 50  ? -6.844  -3.489  7.288   1.00 9.27  ? 50  THR A OG1 1 
ATOM   417  C CG2 . THR A 1 50  ? -5.033  -1.983  7.866   1.00 8.99  ? 50  THR A CG2 1 
ATOM   418  N N   . ALA A 1 51  ? -8.369  -1.556  8.822   1.00 9.18  ? 51  ALA A N   1 
ATOM   419  C CA  . ALA A 1 51  ? -8.704  -1.314  10.238  1.00 9.24  ? 51  ALA A CA  1 
ATOM   420  C C   . ALA A 1 51  ? -8.693  -2.674  10.930  1.00 10.08 ? 51  ALA A C   1 
ATOM   421  O O   . ALA A 1 51  ? -9.653  -3.385  10.966  1.00 10.62 ? 51  ALA A O   1 
ATOM   422  C CB  . ALA A 1 51  ? -10.082 -0.673  10.314  1.00 9.48  ? 51  ALA A CB  1 
ATOM   423  N N   . LEU A 1 52  ? -7.522  -3.027  11.465  1.00 9.52  ? 52  LEU A N   1 
ATOM   424  C CA  . LEU A 1 52  ? -7.276  -4.379  11.947  1.00 9.85  ? 52  LEU A CA  1 
ATOM   425  C C   . LEU A 1 52  ? -7.329  -4.545  13.477  1.00 10.80 ? 52  LEU A C   1 
ATOM   426  O O   . LEU A 1 52  ? -7.108  -5.652  13.977  1.00 10.29 ? 52  LEU A O   1 
ATOM   427  C CB  . LEU A 1 52  ? -5.924  -4.918  11.457  1.00 10.42 ? 52  LEU A CB  1 
ATOM   428  C CG  . LEU A 1 52  ? -5.814  -5.138  9.967   1.00 10.24 ? 52  LEU A CG  1 
ATOM   429  C CD1 . LEU A 1 52  ? -4.385  -5.426  9.574   1.00 10.88 ? 52  LEU A CD1 1 
ATOM   430  C CD2 . LEU A 1 52  ? -6.747  -6.242  9.488   1.00 11.52 ? 52  LEU A CD2 1 
ATOM   431  N N   . GLN A 1 53  ? -7.662  -3.477  14.187  1.00 11.85 ? 53  GLN A N   1 
ATOM   432  C CA  . GLN A 1 53  ? -7.697  -3.561  15.636  1.00 11.35 ? 53  GLN A CA  1 
ATOM   433  C C   . GLN A 1 53  ? -8.816  -4.528  16.035  1.00 10.72 ? 53  GLN A C   1 
ATOM   434  O O   . GLN A 1 53  ? -9.903  -4.511  15.474  1.00 12.80 ? 53  GLN A O   1 
ATOM   435  C CB  . GLN A 1 53  ? -7.871  -2.194  16.275  1.00 11.31 ? 53  GLN A CB  1 
ATOM   436  C CG  . GLN A 1 53  ? -6.574  -1.384  16.317  1.00 12.14 ? 53  GLN A CG  1 
ATOM   437  C CD  . GLN A 1 53  ? -5.532  -1.956  17.205  1.00 18.43 ? 53  GLN A CD  1 
ATOM   438  O OE1 . GLN A 1 53  ? -5.711  -2.006  18.439  1.00 24.55 ? 53  GLN A OE1 1 
ATOM   439  N NE2 . GLN A 1 53  ? -4.499  -2.471  16.637  1.00 19.37 ? 53  GLN A NE2 1 
ATOM   440  N N   . PRO A 1 54  ? -8.524  -5.400  17.027  1.00 10.77 ? 54  PRO A N   1 
ATOM   441  C CA  . PRO A 1 54  ? -9.529  -6.459  17.291  1.00 10.04 ? 54  PRO A CA  1 
ATOM   442  C C   . PRO A 1 54  ? -10.916 -5.991  17.664  1.00 12.03 ? 54  PRO A C   1 
ATOM   443  O O   . PRO A 1 54  ? -11.914 -6.572  17.261  1.00 15.37 ? 54  PRO A O   1 
ATOM   444  C CB  . PRO A 1 54  ? -8.898  -7.268  18.442  1.00 12.24 ? 54  PRO A CB  1 
ATOM   445  C CG  . PRO A 1 54  ? -7.856  -6.386  19.019  1.00 13.19 ? 54  PRO A CG  1 
ATOM   446  C CD  . PRO A 1 54  ? -7.339  -5.549  17.883  1.00 13.37 ? 54  PRO A CD  1 
ATOM   447  N N   . GLN A 1 55  ? -10.992 -4.872  18.406  1.00 11.97 ? 55  GLN A N   1 
ATOM   448  C CA  . GLN A 1 55  ? -12.266 -4.411  18.915  1.00 13.99 ? 55  GLN A CA  1 
ATOM   449  C C   . GLN A 1 55  ? -13.224 -3.977  17.842  1.00 11.69 ? 55  GLN A C   1 
ATOM   450  O O   . GLN A 1 55  ? -14.404 -3.952  18.074  1.00 12.49 ? 55  GLN A O   1 
ATOM   451  C CB  . GLN A 1 55  ? -12.055 -3.257  19.893  1.00 14.94 ? 55  GLN A CB  1 
ATOM   452  C CG  . GLN A 1 55  ? -11.305 -2.063  19.338  1.00 18.83 ? 55  GLN A CG  1 
ATOM   453  C CD  . GLN A 1 55  ? -9.779  -2.191  19.427  1.00 23.05 ? 55  GLN A CD  1 
ATOM   454  O OE1 . GLN A 1 55  ? -9.214  -3.269  19.693  1.00 23.72 ? 55  GLN A OE1 1 
ATOM   455  N NE2 . GLN A 1 55  ? -9.099  -1.080  19.210  1.00 26.42 ? 55  GLN A NE2 1 
ATOM   456  N N   . ARG A 1 56  ? -12.694 -3.598  16.667  1.00 9.45  ? 56  ARG A N   1 
ATOM   457  C CA  . ARG A 1 56  ? -13.555 -3.173  15.603  1.00 9.60  ? 56  ARG A CA  1 
ATOM   458  C C   . ARG A 1 56  ? -14.179 -4.352  14.867  1.00 12.13 ? 56  ARG A C   1 
ATOM   459  O O   . ARG A 1 56  ? -15.159 -4.181  14.187  1.00 11.65 ? 56  ARG A O   1 
ATOM   460  C CB  . ARG A 1 56  ? -12.840 -2.245  14.620  1.00 9.17  ? 56  ARG A CB  1 
ATOM   461  C CG  . ARG A 1 56  ? -12.353 -0.939  15.200  1.00 9.75  ? 56  ARG A CG  1 
ATOM   462  C CD  . ARG A 1 56  ? -11.862 -0.032  14.131  1.00 9.33  ? 56  ARG A CD  1 
ATOM   463  N NE  . ARG A 1 56  ? -11.408 1.286   14.628  1.00 9.73  ? 56  ARG A NE  1 
ATOM   464  C CZ  . ARG A 1 56  ? -12.205 2.308   14.901  1.00 15.19 ? 56  ARG A CZ  1 
ATOM   465  N NH1 . ARG A 1 56  ? -13.525 2.239   14.642  1.00 16.94 ? 56  ARG A NH1 1 
ATOM   466  N NH2 . ARG A 1 56  ? -11.701 3.450   15.381  1.00 14.69 ? 56  ARG A NH2 1 
ATOM   467  N N   . GLN A 1 57  ? -13.525 -5.482  14.933  1.00 12.51 ? 57  GLN A N   1 
ATOM   468  C CA  . GLN A 1 57  ? -14.012 -6.749  14.349  1.00 14.13 ? 57  GLN A CA  1 
ATOM   469  C C   . GLN A 1 57  ? -14.310 -6.602  12.867  1.00 15.04 ? 57  GLN A C   1 
ATOM   470  O O   . GLN A 1 57  ? -15.347 -7.073  12.368  1.00 12.22 ? 57  GLN A O   1 
ATOM   471  C CB  . GLN A 1 57  ? -15.268 -7.243  15.131  1.00 15.79 ? 57  GLN A CB  1 
ATOM   472  C CG  . GLN A 1 57  ? -14.993 -7.720  16.505  1.00 19.11 ? 57  GLN A CG  1 
ATOM   473  C CD  . GLN A 1 57  ? -16.251 -8.229  17.232  1.00 21.78 ? 57  GLN A CD  1 
ATOM   474  O OE1 . GLN A 1 57  ? -17.362 -8.198  16.702  1.00 30.28 ? 57  GLN A OE1 1 
ATOM   475  N NE2 . GLN A 1 57  ? -16.072 -8.617  18.473  1.00 22.72 ? 57  GLN A NE2 1 
ATOM   476  N N   . CYS A 1 58  ? -13.415 -5.898  12.149  1.00 11.27 ? 58  CYS A N   1 
ATOM   477  C CA  . CYS A 1 58  ? -13.606 -5.649  10.703  1.00 11.32 ? 58  CYS A CA  1 
ATOM   478  C C   . CYS A 1 58  ? -13.152 -6.886  9.919   1.00 12.26 ? 58  CYS A C   1 
ATOM   479  O O   . CYS A 1 58  ? -11.975 -7.034  9.536   1.00 13.37 ? 58  CYS A O   1 
ATOM   480  C CB  . CYS A 1 58  ? -12.948 -4.385  10.220  1.00 12.45 ? 58  CYS A CB  1 
ATOM   481  S SG  . CYS A 1 58  ? -13.765 -2.935  10.949  1.00 16.52 ? 58  CYS A SG  1 
ATOM   482  N N   . SER A 1 59  ? -14.060 -7.825  9.719   1.00 11.45 ? 59  SER A N   1 
ATOM   483  C CA  . SER A 1 59  ? -13.753 -9.077  9.089   1.00 14.18 ? 59  SER A CA  1 
ATOM   484  C C   . SER A 1 59  ? -13.146 -8.947  7.685   1.00 12.40 ? 59  SER A C   1 
ATOM   485  O O   . SER A 1 59  ? -12.277 -9.730  7.302   1.00 11.59 ? 59  SER A O   1 
ATOM   486  C CB  . SER A 1 59  ? -14.989 -9.985  9.050   1.00 17.32 ? 59  SER A CB  1 
ATOM   487  O OG  . SER A 1 59  ? -15.867 -9.646  7.998   1.00 24.60 ? 59  SER A OG  1 
ATOM   488  N N   . VAL A 1 60  ? -13.671 -8.010  6.903   1.00 9.22  ? 60  VAL A N   1 
ATOM   489  C CA  . VAL A 1 60  ? -13.179 -7.787  5.556   1.00 9.35  ? 60  VAL A CA  1 
ATOM   490  C C   . VAL A 1 60  ? -11.725 -7.383  5.594   1.00 9.07  ? 60  VAL A C   1 
ATOM   491  O O   . VAL A 1 60  ? -10.865 -7.920  4.862   1.00 9.56  ? 60  VAL A O   1 
ATOM   492  C CB  . VAL A 1 60  ? -14.052 -6.828  4.711   1.00 11.42 ? 60  VAL A CB  1 
ATOM   493  C CG1 . VAL A 1 60  ? -13.436 -6.664  3.355   1.00 12.29 ? 60  VAL A CG1 1 
ATOM   494  C CG2 . VAL A 1 60  ? -15.449 -7.376  4.630   1.00 10.80 ? 60  VAL A CG2 1 
ATOM   495  N N   . SER A 1 61  ? -11.401 -6.398  6.437   1.00 8.95  ? 61  SER A N   1 
ATOM   496  C CA  . SER A 1 61  ? -10.028 -5.965  6.590   1.00 9.16  ? 61  SER A CA  1 
ATOM   497  C C   . SER A 1 61  ? -9.128  -7.129  6.965   1.00 8.49  ? 61  SER A C   1 
ATOM   498  O O   . SER A 1 61  ? -8.040  -7.250  6.462   1.00 8.29  ? 61  SER A O   1 
ATOM   499  C CB  . SER A 1 61  ? -9.870  -4.837  7.632   1.00 13.12 ? 61  SER A CB  1 
ATOM   500  O OG  . SER A 1 61  ? -10.463 -3.604  7.160   1.00 15.58 ? 61  SER A OG  1 
ATOM   501  N N   . ARG A 1 62  ? -9.595  -8.001  7.846   1.00 9.12  ? 62  ARG A N   1 
ATOM   502  C CA  . ARG A 1 62  ? -8.783  -9.112  8.265   1.00 9.35  ? 62  ARG A CA  1 
ATOM   503  C C   . ARG A 1 62  ? -8.449  -10.060 7.107   1.00 7.99  ? 62  ARG A C   1 
ATOM   504  O O   . ARG A 1 62  ? -7.303  -10.419 6.907   1.00 8.29  ? 62  ARG A O   1 
ATOM   505  C CB  . ARG A 1 62  ? -9.471  -9.910  9.365   1.00 10.85 ? 62  ARG A CB  1 
ATOM   506  C CG  . ARG A 1 62  ? -8.681  -11.103 9.856   1.00 11.52 ? 62  ARG A CG  1 
ATOM   507  C CD  . ARG A 1 62  ? -9.432  -11.774 10.981  1.00 13.01 ? 62  ARG A CD  1 
ATOM   508  N NE  . ARG A 1 62  ? -8.658  -12.860 11.540  1.00 14.58 ? 62  ARG A NE  1 
ATOM   509  C CZ  . ARG A 1 62  ? -7.692  -12.699 12.445  1.00 13.24 ? 62  ARG A CZ  1 
ATOM   510  N NH1 . ARG A 1 62  ? -7.004  -13.752 12.898  1.00 15.77 ? 62  ARG A NH1 1 
ATOM   511  N NH2 . ARG A 1 62  ? -7.416  -11.502 12.898  1.00 11.24 ? 62  ARG A NH2 1 
ATOM   512  N N   . GLN A 1 63  ? -9.459  -10.429 6.331   1.00 7.92  ? 63  GLN A N   1 
ATOM   513  C CA  . GLN A 1 63  ? -9.257  -11.372 5.247   1.00 9.64  ? 63  GLN A CA  1 
ATOM   514  C C   . GLN A 1 63  ? -8.375  -10.700 4.169   1.00 8.03  ? 63  GLN A C   1 
ATOM   515  O O   . GLN A 1 63  ? -7.506  -11.340 3.595   1.00 9.29  ? 63  GLN A O   1 
ATOM   516  C CB  . GLN A 1 63  ? -10.612 -11.813 4.639   1.00 11.01 ? 63  GLN A CB  1 
ATOM   517  C CG  . GLN A 1 63  ? -10.436 -12.975 3.737   1.00 14.65 ? 63  GLN A CG  1 
ATOM   518  C CD  . GLN A 1 63  ? -11.746 -13.416 3.106   1.00 22.72 ? 63  GLN A CD  1 
ATOM   519  O OE1 . GLN A 1 63  ? -12.812 -13.221 3.672   1.00 27.73 ? 63  GLN A OE1 1 
ATOM   520  N NE2 . GLN A 1 63  ? -11.644 -14.049 1.918   1.00 26.97 ? 63  GLN A NE2 1 
ATOM   521  N N   . ALA A 1 64  ? -8.693  -9.439  3.845   1.00 7.76  ? 64  ALA A N   1 
ATOM   522  C CA  . ALA A 1 64  ? -7.923  -8.712  2.855   1.00 8.50  ? 64  ALA A CA  1 
ATOM   523  C C   . ALA A 1 64  ? -6.448  -8.598  3.204   1.00 10.98 ? 64  ALA A C   1 
ATOM   524  O O   . ALA A 1 64  ? -5.573  -8.693  2.363   1.00 10.80 ? 64  ALA A O   1 
ATOM   525  C CB  . ALA A 1 64  ? -8.569  -7.300  2.601   1.00 9.05  ? 64  ALA A CB  1 
ATOM   526  N N   . ASN A 1 65  ? -6.121  -8.376  4.505   1.00 10.14 ? 65  ASN A N   1 
ATOM   527  C CA  . ASN A 1 65  ? -4.781  -8.351  4.935   1.00 11.04 ? 65  ASN A CA  1 
ATOM   528  C C   . ASN A 1 65  ? -4.055  -9.694  4.746   1.00 11.46 ? 65  ASN A C   1 
ATOM   529  O O   . ASN A 1 65  ? -2.898  -9.724  4.380   1.00 10.14 ? 65  ASN A O   1 
ATOM   530  C CB  . ASN A 1 65  ? -4.667  -7.927  6.423   1.00 11.02 ? 65  ASN A CB  1 
ATOM   531  C CG  . ASN A 1 65  ? -3.256  -8.047  6.954   1.00 12.39 ? 65  ASN A CG  1 
ATOM   532  O OD1 . ASN A 1 65  ? -2.344  -7.392  6.422   1.00 14.62 ? 65  ASN A OD1 1 
ATOM   533  N ND2 . ASN A 1 65  ? -3.050  -8.848  8.028   1.00 11.99 ? 65  ASN A ND2 1 
ATOM   534  N N   . GLU A 1 66  ? -4.786  -10.785 4.931   1.00 10.49 ? 66  GLU A N   1 
ATOM   535  C CA  . GLU A 1 66  ? -4.171  -12.103 4.723   1.00 10.23 ? 66  GLU A CA  1 
ATOM   536  C C   . GLU A 1 66  ? -3.713  -12.244 3.260   1.00 8.65  ? 66  GLU A C   1 
ATOM   537  O O   . GLU A 1 66  ? -2.626  -12.690 3.018   1.00 9.94  ? 66  GLU A O   1 
ATOM   538  C CB  . GLU A 1 66  ? -5.204  -13.192 5.069   1.00 12.53 ? 66  GLU A CB  1 
ATOM   539  C CG  . GLU A 1 66  ? -5.459  -13.399 6.541   1.00 16.57 ? 66  GLU A CG  1 
ATOM   540  C CD  . GLU A 1 66  ? -6.694  -14.279 6.769   1.00 21.79 ? 66  GLU A CD  1 
ATOM   541  O OE1 . GLU A 1 66  ? -7.547  -14.400 5.827   1.00 24.57 ? 66  GLU A OE1 1 
ATOM   542  O OE2 . GLU A 1 66  ? -6.883  -14.793 7.886   1.00 25.19 ? 66  GLU A OE2 1 
ATOM   543  N N   . GLU A 1 67  ? -4.550  -11.811 2.329   1.00 9.09  ? 67  GLU A N   1 
ATOM   544  C CA  . GLU A 1 67  ? -4.201  -11.815 0.910   1.00 8.99  ? 67  GLU A CA  1 
ATOM   545  C C   . GLU A 1 67  ? -3.059  -10.882 0.587   1.00 9.52  ? 67  GLU A C   1 
ATOM   546  O O   . GLU A 1 67  ? -2.115  -11.236 -0.170  1.00 10.61 ? 67  GLU A O   1 
ATOM   547  C CB  . GLU A 1 67  ? -5.408  -11.519 0.055   1.00 9.89  ? 67  GLU A CB  1 
ATOM   548  C CG  . GLU A 1 67  ? -6.496  -12.583 0.153   1.00 9.95  ? 67  GLU A CG  1 
ATOM   549  C CD  . GLU A 1 67  ? -6.015  -13.947 -0.267  1.00 13.08 ? 67  GLU A CD  1 
ATOM   550  O OE1 . GLU A 1 67  ? -5.428  -14.076 -1.324  1.00 11.03 ? 67  GLU A OE1 1 
ATOM   551  O OE2 . GLU A 1 67  ? -6.213  -14.913 0.507   1.00 18.08 ? 67  GLU A OE2 1 
ATOM   552  N N   . TYR A 1 68  ? -3.092  -9.685  1.166   1.00 8.79  ? 68  TYR A N   1 
ATOM   553  C CA  . TYR A 1 68  ? -2.027  -8.695  0.955   1.00 7.79  ? 68  TYR A CA  1 
ATOM   554  C C   . TYR A 1 68  ? -0.679  -9.177  1.456   1.00 9.06  ? 68  TYR A C   1 
ATOM   555  O O   . TYR A 1 68  ? 0.287   -8.978  0.798   1.00 8.18  ? 68  TYR A O   1 
ATOM   556  C CB  . TYR A 1 68  ? -2.408  -7.369  1.686   1.00 9.44  ? 68  TYR A CB  1 
ATOM   557  C CG  . TYR A 1 68  ? -1.629  -6.155  1.267   1.00 8.30  ? 68  TYR A CG  1 
ATOM   558  C CD1 . TYR A 1 68  ? -1.569  -5.751  -0.072  1.00 7.43  ? 68  TYR A CD1 1 
ATOM   559  C CD2 . TYR A 1 68  ? -1.048  -5.307  2.217   1.00 9.00  ? 68  TYR A CD2 1 
ATOM   560  C CE1 . TYR A 1 68  ? -0.902  -4.583  -0.442  1.00 8.29  ? 68  TYR A CE1 1 
ATOM   561  C CE2 . TYR A 1 68  ? -0.345  -4.143  1.830   1.00 7.41  ? 68  TYR A CE2 1 
ATOM   562  C CZ  . TYR A 1 68  ? -0.325  -3.770  0.526   1.00 7.96  ? 68  TYR A CZ  1 
ATOM   563  O OH  . TYR A 1 68  ? 0.344   -2.619  0.155   1.00 8.88  ? 68  TYR A OH  1 
ATOM   564  N N   . GLN A 1 69  ? -0.680  -9.941  2.541   1.00 10.78 ? 69  GLN A N   1 
ATOM   565  C CA  . GLN A 1 69  ? 0.510   -10.560 3.047   1.00 8.45  ? 69  GLN A CA  1 
ATOM   566  C C   . GLN A 1 69  ? 1.092   -11.544 2.059   1.00 10.11 ? 69  GLN A C   1 
ATOM   567  O O   . GLN A 1 69  ? 2.300   -11.536 1.778   1.00 10.60 ? 69  GLN A O   1 
ATOM   568  C CB  . GLN A 1 69  ? 0.262   -11.252 4.395   1.00 11.97 ? 69  GLN A CB  1 
ATOM   569  C CG  . GLN A 1 69  ? -0.174  -10.282 5.486   1.00 15.27 ? 69  GLN A CG  1 
ATOM   570  C CD  . GLN A 1 69  ? 0.918   -9.463  6.019   1.00 17.43 ? 69  GLN A CD  1 
ATOM   571  O OE1 . GLN A 1 69  ? 2.135   -9.822  5.904   1.00 17.51 ? 69  GLN A OE1 1 
ATOM   572  N NE2 . GLN A 1 69  ? 0.549   -8.390  6.664   1.00 18.62 ? 69  GLN A NE2 1 
ATOM   573  N N   . ILE A 1 70  ? 0.238   -12.386 1.493   1.00 10.59 ? 70  ILE A N   1 
ATOM   574  C CA  . ILE A 1 70  ? 0.640   -13.365 0.478   1.00 10.38 ? 70  ILE A CA  1 
ATOM   575  C C   . ILE A 1 70  ? 1.223   -12.672 -0.762  1.00 10.34 ? 70  ILE A C   1 
ATOM   576  O O   . ILE A 1 70  ? 2.274   -13.049 -1.263  1.00 10.19 ? 70  ILE A O   1 
ATOM   577  C CB  . ILE A 1 70  ? -0.526  -14.247 0.079   1.00 10.06 ? 70  ILE A CB  1 
ATOM   578  C CG1 . ILE A 1 70  ? -0.843  -15.209 1.259   1.00 12.42 ? 70  ILE A CG1 1 
ATOM   579  C CG2 . ILE A 1 70  ? -0.258  -14.960 -1.204  1.00 9.17  ? 70  ILE A CG2 1 
ATOM   580  C CD1 . ILE A 1 70  ? -2.171  -15.872 1.205   1.00 13.87 ? 70  ILE A CD1 1 
ATOM   581  N N   . LEU A 1 71  ? 0.572   -11.604 -1.191  1.00 7.72  ? 71  LEU A N   1 
ATOM   582  C CA  . LEU A 1 71  ? 1.057   -10.805 -2.277  1.00 7.78  ? 71  LEU A CA  1 
ATOM   583  C C   . LEU A 1 71  ? 2.434   -10.249 -2.036  1.00 8.74  ? 71  LEU A C   1 
ATOM   584  O O   . LEU A 1 71  ? 3.333   -10.333 -2.880  1.00 6.93  ? 71  LEU A O   1 
ATOM   585  C CB  . LEU A 1 71  ? 0.054   -9.641  -2.515  1.00 8.60  ? 71  LEU A CB  1 
ATOM   586  C CG  . LEU A 1 71  ? 0.366   -8.678  -3.663  1.00 10.19 ? 71  LEU A CG  1 
ATOM   587  C CD1 . LEU A 1 71  ? 0.242   -9.375  -5.031  1.00 11.32 ? 71  LEU A CD1 1 
ATOM   588  C CD2 . LEU A 1 71  ? -0.547  -7.476  -3.534  1.00 10.92 ? 71  LEU A CD2 1 
ATOM   589  N N   . ALA A 1 72  ? 2.623   -9.579  -0.899  1.00 9.46  ? 72  ALA A N   1 
ATOM   590  C CA  . ALA A 1 72  ? 3.864   -8.867  -0.606  1.00 12.01 ? 72  ALA A CA  1 
ATOM   591  C C   . ALA A 1 72  ? 4.993   -9.902  -0.355  1.00 11.96 ? 72  ALA A C   1 
ATOM   592  O O   . ALA A 1 72  ? 6.143   -9.652  -0.679  1.00 12.24 ? 72  ALA A O   1 
ATOM   593  C CB  . ALA A 1 72  ? 3.701   -7.975  0.589   1.00 12.67 ? 72  ALA A CB  1 
ATOM   594  N N   . ASN A 1 73  ? 4.616   -11.070 0.129   1.00 11.64 ? 73  ASN A N   1 
ATOM   595  C CA  . ASN A 1 73  ? 5.583   -12.150 0.282   1.00 14.32 ? 73  ASN A CA  1 
ATOM   596  C C   . ASN A 1 73  ? 6.034   -12.651 -1.112  1.00 10.96 ? 73  ASN A C   1 
ATOM   597  O O   . ASN A 1 73  ? 7.195   -12.879 -1.329  1.00 12.08 ? 73  ASN A O   1 
ATOM   598  C CB  . ASN A 1 73  ? 5.011   -13.297 1.108   1.00 15.84 ? 73  ASN A CB  1 
ATOM   599  C CG  . ASN A 1 73  ? 6.011   -14.369 1.376   1.00 19.95 ? 73  ASN A CG  1 
ATOM   600  O OD1 . ASN A 1 73  ? 5.978   -15.453 0.752   1.00 23.81 ? 73  ASN A OD1 1 
ATOM   601  N ND2 . ASN A 1 73  ? 6.957   -14.079 2.277   1.00 21.21 ? 73  ASN A ND2 1 
ATOM   602  N N   . SER A 1 74  ? 5.079   -12.784 -2.041  1.00 10.91 ? 74  SER A N   1 
ATOM   603  C CA  . SER A 1 74  ? 5.375   -13.194 -3.408  1.00 10.07 ? 74  SER A CA  1 
ATOM   604  C C   . SER A 1 74  ? 6.347   -12.220 -4.040  1.00 12.00 ? 74  SER A C   1 
ATOM   605  O O   . SER A 1 74  ? 7.218   -12.628 -4.817  1.00 12.17 ? 74  SER A O   1 
ATOM   606  C CB  . SER A 1 74  ? 4.065   -13.301 -4.227  1.00 11.01 ? 74  SER A CB  1 
ATOM   607  O OG  . SER A 1 74  ? 3.247   -14.343 -3.697  1.00 13.37 ? 74  SER A OG  1 
ATOM   608  N N   . TRP A 1 75  ? 6.140   -10.930 -3.776  1.00 11.90 ? 75  TRP A N   1 
ATOM   609  C CA  . TRP A 1 75  ? 7.023   -9.867  -4.267  1.00 9.77  ? 75  TRP A CA  1 
ATOM   610  C C   . TRP A 1 75  ? 8.428   -10.036 -3.782  1.00 11.00 ? 75  TRP A C   1 
ATOM   611  O O   . TRP A 1 75  ? 9.361   -9.977  -4.523  1.00 9.63  ? 75  TRP A O   1 
ATOM   612  C CB  . TRP A 1 75  ? 6.485   -8.492  -3.902  1.00 9.69  ? 75  TRP A CB  1 
ATOM   613  C CG  . TRP A 1 75  ? 7.356   -7.341  -4.212  1.00 8.48  ? 75  TRP A CG  1 
ATOM   614  C CD1 . TRP A 1 75  ? 7.824   -6.417  -3.347  1.00 10.45 ? 75  TRP A CD1 1 
ATOM   615  C CD2 . TRP A 1 75  ? 7.844   -6.949  -5.498  1.00 9.91  ? 75  TRP A CD2 1 
ATOM   616  N NE1 . TRP A 1 75  ? 8.560   -5.472  -3.987  1.00 11.37 ? 75  TRP A NE1 1 
ATOM   617  C CE2 . TRP A 1 75  ? 8.580   -5.742  -5.321  1.00 11.35 ? 75  TRP A CE2 1 
ATOM   618  C CE3 . TRP A 1 75  ? 7.710   -7.463  -6.784  1.00 9.09  ? 75  TRP A CE3 1 
ATOM   619  C CZ2 . TRP A 1 75  ? 9.220   -5.107  -6.357  1.00 12.25 ? 75  TRP A CZ2 1 
ATOM   620  C CZ3 . TRP A 1 75  ? 8.359   -6.809  -7.823  1.00 11.13 ? 75  TRP A CZ3 1 
ATOM   621  C CH2 . TRP A 1 75  ? 9.073   -5.651  -7.617  1.00 13.30 ? 75  TRP A CH2 1 
ATOM   622  N N   . ARG A 1 76  ? 8.543   -10.208 -2.456  1.00 13.35 ? 76  ARG A N   1 
ATOM   623  C CA  . ARG A 1 76  ? 9.812   -10.373 -1.811  1.00 9.96  ? 76  ARG A CA  1 
ATOM   624  C C   . ARG A 1 76  ? 10.706  -11.467 -2.490  1.00 9.66  ? 76  ARG A C   1 
ATOM   625  O O   . ARG A 1 76  ? 11.917  -11.280 -2.633  1.00 13.77 ? 76  ARG A O   1 
ATOM   626  C CB  . ARG A 1 76  ? 9.580   -10.725 -0.325  1.00 11.81 ? 76  ARG A CB  1 
ATOM   627  C CG  . ARG A 1 76  ? 10.857  -10.893 0.473   1.00 12.08 ? 76  ARG A CG  1 
ATOM   628  C CD  . ARG A 1 76  ? 10.545  -11.120 1.950   1.00 11.49 ? 76  ARG A CD  1 
ATOM   629  N NE  . ARG A 1 76  ? 11.658  -10.704 2.779   1.00 11.50 ? 76  ARG A NE  1 
ATOM   630  C CZ  . ARG A 1 76  ? 11.894  -9.465  3.235   1.00 12.78 ? 76  ARG A CZ  1 
ATOM   631  N NH1 . ARG A 1 76  ? 11.031  -8.486  3.035   1.00 15.47 ? 76  ARG A NH1 1 
ATOM   632  N NH2 . ARG A 1 76  ? 12.990  -9.226  3.891   1.00 12.35 ? 76  ARG A NH2 1 
ATOM   633  N N   . TYR A 1 77  ? 10.119  -12.622 -2.808  1.00 12.02 ? 77  TYR A N   1 
ATOM   634  C CA  . TYR A 1 77  ? 10.792  -13.724 -3.399  1.00 14.46 ? 77  TYR A CA  1 
ATOM   635  C C   . TYR A 1 77  ? 10.850  -13.686 -4.932  1.00 18.14 ? 77  TYR A C   1 
ATOM   636  O O   . TYR A 1 77  ? 11.522  -14.523 -5.535  1.00 23.16 ? 77  TYR A O   1 
ATOM   637  C CB  . TYR A 1 77  ? 10.090  -14.993 -2.942  1.00 15.73 ? 77  TYR A CB  1 
ATOM   638  C CG  . TYR A 1 77  ? 10.336  -15.365 -1.511  1.00 15.05 ? 77  TYR A CG  1 
ATOM   639  C CD1 . TYR A 1 77  ? 9.623   -14.776 -0.499  1.00 16.66 ? 77  TYR A CD1 1 
ATOM   640  C CD2 . TYR A 1 77  ? 11.323  -16.316 -1.145  1.00 13.93 ? 77  TYR A CD2 1 
ATOM   641  C CE1 . TYR A 1 77  ? 9.788   -15.116 0.828   1.00 14.27 ? 77  TYR A CE1 1 
ATOM   642  C CE2 . TYR A 1 77  ? 11.479  -16.675 0.193   1.00 12.64 ? 77  TYR A CE2 1 
ATOM   643  C CZ  . TYR A 1 77  ? 10.729  -16.055 1.181   1.00 10.60 ? 77  TYR A CZ  1 
ATOM   644  O OH  . TYR A 1 77  ? 10.931  -16.394 2.517   1.00 16.02 ? 77  TYR A OH  1 
ATOM   645  N N   . SER A 1 78  ? 10.203  -12.672 -5.553  1.00 13.42 ? 78  SER A N   1 
ATOM   646  C CA  . SER A 1 78  ? 10.141  -12.578 -6.976  1.00 14.51 ? 78  SER A CA  1 
ATOM   647  C C   . SER A 1 78  ? 11.499  -12.313 -7.628  1.00 16.60 ? 78  SER A C   1 
ATOM   648  O O   . SER A 1 78  ? 12.285  -11.542 -7.119  1.00 17.76 ? 78  SER A O   1 
ATOM   649  C CB  . SER A 1 78  ? 9.155   -11.465 -7.371  1.00 15.31 ? 78  SER A CB  1 
ATOM   650  O OG  . SER A 1 78  ? 8.995   -11.297 -8.762  1.00 19.86 ? 78  SER A OG  1 
ATOM   651  N N   . SER A 1 79  ? 11.728  -12.936 -8.798  1.00 17.12 ? 79  SER A N   1 
ATOM   652  C CA  . SER A 1 79  ? 12.892  -12.570 -9.598  1.00 19.61 ? 79  SER A CA  1 
ATOM   653  C C   . SER A 1 79  ? 12.699  -11.148 -10.174 1.00 20.14 ? 79  SER A C   1 
ATOM   654  O O   . SER A 1 79  ? 13.619  -10.556 -10.676 1.00 26.76 ? 79  SER A O   1 
ATOM   655  C CB  . SER A 1 79  ? 13.157  -13.605 -10.741 1.00 22.73 ? 79  SER A CB  1 
ATOM   656  O OG  . SER A 1 79  ? 13.694  -14.820 -10.166 1.00 25.27 ? 79  SER A OG  1 
ATOM   657  N N   . ALA A 1 80  ? 11.474  -10.615 -10.101 1.00 18.19 ? 80  ALA A N   1 
ATOM   658  C CA  . ALA A 1 80  ? 11.191  -9.258  -10.552 1.00 16.46 ? 80  ALA A CA  1 
ATOM   659  C C   . ALA A 1 80  ? 11.348  -8.224  -9.425  1.00 14.50 ? 80  ALA A C   1 
ATOM   660  O O   . ALA A 1 80  ? 11.186  -7.014  -9.663  1.00 15.00 ? 80  ALA A O   1 
ATOM   661  C CB  . ALA A 1 80  ? 9.801   -9.137  -11.085 1.00 19.44 ? 80  ALA A CB  1 
ATOM   662  N N   . PHE A 1 81  ? 11.703  -8.687  -8.228  1.00 11.27 ? 81  PHE A N   1 
ATOM   663  C CA  . PHE A 1 81  ? 11.884  -7.738  -7.111  1.00 9.67  ? 81  PHE A CA  1 
ATOM   664  C C   . PHE A 1 81  ? 12.785  -6.579  -7.494  1.00 11.83 ? 81  PHE A C   1 
ATOM   665  O O   . PHE A 1 81  ? 13.886  -6.784  -8.068  1.00 12.75 ? 81  PHE A O   1 
ATOM   666  C CB  . PHE A 1 81  ? 12.457  -8.467  -5.893  1.00 9.68  ? 81  PHE A CB  1 
ATOM   667  C CG  . PHE A 1 81  ? 12.544  -7.620  -4.671  1.00 8.73  ? 81  PHE A CG  1 
ATOM   668  C CD1 . PHE A 1 81  ? 11.468  -7.389  -3.892  1.00 9.30  ? 81  PHE A CD1 1 
ATOM   669  C CD2 . PHE A 1 81  ? 13.766  -7.023  -4.314  1.00 8.01  ? 81  PHE A CD2 1 
ATOM   670  C CE1 . PHE A 1 81  ? 11.523  -6.558  -2.820  1.00 11.09 ? 81  PHE A CE1 1 
ATOM   671  C CE2 . PHE A 1 81  ? 13.845  -6.186  -3.227  1.00 9.03  ? 81  PHE A CE2 1 
ATOM   672  C CZ  . PHE A 1 81  ? 12.772  -5.992  -2.441  1.00 9.65  ? 81  PHE A CZ  1 
ATOM   673  N N   . SER A 1 82  ? 12.441  -5.383  -7.035  1.00 12.14 ? 82  SER A N   1 
ATOM   674  C CA  . SER A 1 82  ? 13.221  -4.195  -7.314  1.00 13.60 ? 82  SER A CA  1 
ATOM   675  C C   . SER A 1 82  ? 12.941  -3.090  -6.314  1.00 12.70 ? 82  SER A C   1 
ATOM   676  O O   . SER A 1 82  ? 12.108  -3.218  -5.432  1.00 11.53 ? 82  SER A O   1 
ATOM   677  C CB  . SER A 1 82  ? 12.900  -3.631  -8.692  1.00 12.36 ? 82  SER A CB  1 
ATOM   678  O OG  . SER A 1 82  ? 11.587  -3.019  -8.693  1.00 13.28 ? 82  SER A OG  1 
ATOM   679  N N   . ASN A 1 83  ? 13.659  -2.008  -6.497  1.00 12.65 ? 83  ASN A N   1 
ATOM   680  C CA  . ASN A 1 83  ? 13.439  -0.778  -5.700  1.00 11.96 ? 83  ASN A CA  1 
ATOM   681  C C   . ASN A 1 83  ? 12.446  0.210   -6.325  1.00 12.32 ? 83  ASN A C   1 
ATOM   682  O O   . ASN A 1 83  ? 12.427  1.386   -5.959  1.00 12.21 ? 83  ASN A O   1 
ATOM   683  C CB  . ASN A 1 83  ? 14.771  -0.087  -5.423  1.00 14.32 ? 83  ASN A CB  1 
ATOM   684  C CG  . ASN A 1 83  ? 15.478  0.407   -6.697  1.00 12.88 ? 83  ASN A CG  1 
ATOM   685  O OD1 . ASN A 1 83  ? 14.923  0.347   -7.784  1.00 14.91 ? 83  ASN A OD1 1 
ATOM   686  N ND2 . ASN A 1 83  ? 16.722  0.815   -6.546  1.00 17.76 ? 83  ASN A ND2 1 
ATOM   687  N N   . LYS A 1 84  ? 11.656  -0.276  -7.269  1.00 13.28 ? 84  LYS A N   1 
ATOM   688  C CA  . LYS A 1 84  ? 10.732  0.555   -8.052  1.00 10.76 ? 84  LYS A CA  1 
ATOM   689  C C   . LYS A 1 84  ? 9.293   0.365   -7.612  1.00 11.52 ? 84  LYS A C   1 
ATOM   690  O O   . LYS A 1 84  ? 8.379   1.002   -8.141  1.00 10.14 ? 84  LYS A O   1 
ATOM   691  C CB  . LYS A 1 84  ? 10.875  0.230   -9.516  1.00 13.43 ? 84  LYS A CB  1 
ATOM   692  C CG  . LYS A 1 84  ? 12.270  0.579   -10.091 1.00 16.93 ? 84  LYS A CG  1 
ATOM   693  C CD  . LYS A 1 84  ? 12.561  2.061   -9.880  1.00 19.08 ? 84  LYS A CD  1 
ATOM   694  C CE  . LYS A 1 84  ? 13.764  2.515   -10.690 1.00 24.57 ? 84  LYS A CE  1 
ATOM   695  N NZ  . LYS A 1 84  ? 14.096  3.913   -10.348 1.00 27.33 ? 84  LYS A NZ  1 
ATOM   696  N N   . LEU A 1 85  ? 9.061   -0.513  -6.652  1.00 10.65 ? 85  LEU A N   1 
ATOM   697  C CA  . LEU A 1 85  ? 7.724   -0.824  -6.178  1.00 10.21 ? 85  LEU A CA  1 
ATOM   698  C C   . LEU A 1 85  ? 7.825   -1.258  -4.718  1.00 8.36  ? 85  LEU A C   1 
ATOM   699  O O   . LEU A 1 85  ? 8.752   -2.025  -4.346  1.00 10.86 ? 85  LEU A O   1 
ATOM   700  C CB  . LEU A 1 85  ? 7.081   -1.944  -6.975  1.00 9.17  ? 85  LEU A CB  1 
ATOM   701  C CG  . LEU A 1 85  ? 5.652   -2.311  -6.670  1.00 10.31 ? 85  LEU A CG  1 
ATOM   702  C CD1 . LEU A 1 85  ? 4.735   -1.184  -7.047  1.00 12.85 ? 85  LEU A CD1 1 
ATOM   703  C CD2 . LEU A 1 85  ? 5.216   -3.584  -7.401  1.00 13.12 ? 85  LEU A CD2 1 
ATOM   704  N N   . PHE A 1 86  ? 6.940   -0.731  -3.867  1.00 9.45  ? 86  PHE A N   1 
ATOM   705  C CA  . PHE A 1 86  ? 6.868   -1.045  -2.464  1.00 8.63  ? 86  PHE A CA  1 
ATOM   706  C C   . PHE A 1 86  ? 5.448   -1.235  -2.005  1.00 8.33  ? 86  PHE A C   1 
ATOM   707  O O   . PHE A 1 86  ? 4.539   -0.719  -2.641  1.00 9.47  ? 86  PHE A O   1 
ATOM   708  C CB  . PHE A 1 86  ? 7.578   0.026   -1.623  1.00 10.25 ? 86  PHE A CB  1 
ATOM   709  C CG  . PHE A 1 86  ? 9.031   0.219   -1.984  1.00 9.87  ? 86  PHE A CG  1 
ATOM   710  C CD1 . PHE A 1 86  ? 10.014  -0.570  -1.425  1.00 11.34 ? 86  PHE A CD1 1 
ATOM   711  C CD2 . PHE A 1 86  ? 9.396   1.247   -2.833  1.00 11.13 ? 86  PHE A CD2 1 
ATOM   712  C CE1 . PHE A 1 86  ? 11.361  -0.396  -1.782  1.00 12.20 ? 86  PHE A CE1 1 
ATOM   713  C CE2 . PHE A 1 86  ? 10.735  1.415   -3.157  1.00 10.70 ? 86  PHE A CE2 1 
ATOM   714  C CZ  . PHE A 1 86  ? 11.707  0.598   -2.635  1.00 11.89 ? 86  PHE A CZ  1 
ATOM   715  N N   . PHE A 1 87  ? 5.255   -1.977  -0.927  1.00 6.38  ? 87  PHE A N   1 
ATOM   716  C CA  . PHE A 1 87  ? 3.982   -2.217  -0.317  1.00 6.64  ? 87  PHE A CA  1 
ATOM   717  C C   . PHE A 1 87  ? 3.905   -1.579  1.085   1.00 8.79  ? 87  PHE A C   1 
ATOM   718  O O   . PHE A 1 87  ? 4.762   -1.831  1.929   1.00 8.09  ? 87  PHE A O   1 
ATOM   719  C CB  . PHE A 1 87  ? 3.702   -3.695  -0.225  1.00 7.13  ? 87  PHE A CB  1 
ATOM   720  C CG  . PHE A 1 87  ? 3.496   -4.359  -1.577  1.00 8.34  ? 87  PHE A CG  1 
ATOM   721  C CD1 . PHE A 1 87  ? 4.609   -4.832  -2.282  1.00 9.74  ? 87  PHE A CD1 1 
ATOM   722  C CD2 . PHE A 1 87  ? 2.280   -4.436  -2.113  1.00 10.93 ? 87  PHE A CD2 1 
ATOM   723  C CE1 . PHE A 1 87  ? 4.430   -5.380  -3.530  1.00 10.58 ? 87  PHE A CE1 1 
ATOM   724  C CE2 . PHE A 1 87  ? 2.072   -5.023  -3.366  1.00 9.96  ? 87  PHE A CE2 1 
ATOM   725  C CZ  . PHE A 1 87  ? 3.162   -5.495  -4.049  1.00 11.98 ? 87  PHE A CZ  1 
ATOM   726  N N   . SER A 1 88  ? 2.860   -0.828  1.328   1.00 9.08  ? 88  SER A N   1 
ATOM   727  C CA  A SER A 1 88  ? 2.608   -0.211  2.628   0.67 9.05  ? 88  SER A CA  1 
ATOM   728  C CA  B SER A 1 88  ? 2.611   -0.233  2.639   0.33 9.47  ? 88  SER A CA  1 
ATOM   729  C C   . SER A 1 88  ? 1.174   -0.524  3.116   1.00 9.99  ? 88  SER A C   1 
ATOM   730  O O   . SER A 1 88  ? 0.335   -0.973  2.371   1.00 8.59  ? 88  SER A O   1 
ATOM   731  C CB  A SER A 1 88  ? 2.801   1.314   2.619   0.67 9.15  ? 88  SER A CB  1 
ATOM   732  C CB  B SER A 1 88  ? 2.847   1.278   2.630   0.33 9.61  ? 88  SER A CB  1 
ATOM   733  O OG  A SER A 1 88  ? 4.078   1.626   2.107   0.67 8.62  ? 88  SER A OG  1 
ATOM   734  O OG  B SER A 1 88  ? 2.083   1.845   1.593   0.33 9.98  ? 88  SER A OG  1 
ATOM   735  N N   . MET A 1 89  ? 0.954   -0.298  4.416   1.00 10.41 ? 89  MET A N   1 
ATOM   736  C CA  . MET A 1 89  ? -0.390  -0.344  4.954   1.00 9.23  ? 89  MET A CA  1 
ATOM   737  C C   . MET A 1 89  ? -0.560  0.826   5.856   1.00 9.07  ? 89  MET A C   1 
ATOM   738  O O   . MET A 1 89  ? 0.391   1.287   6.468   1.00 10.43 ? 89  MET A O   1 
ATOM   739  C CB  . MET A 1 89  ? -0.658  -1.640  5.690   1.00 15.00 ? 89  MET A CB  1 
ATOM   740  C CG  . MET A 1 89  ? -0.134  -1.740  7.115   1.00 17.92 ? 89  MET A CG  1 
ATOM   741  S SD  . MET A 1 89  ? -0.856  -3.152  8.066   1.00 25.37 ? 89  MET A SD  1 
ATOM   742  C CE  . MET A 1 89  ? -0.108  -4.517  7.169   1.00 32.18 ? 89  MET A CE  1 
ATOM   743  N N   . VAL A 1 90  ? -1.790  1.334   5.937   1.00 7.94  ? 90  VAL A N   1 
ATOM   744  C CA  . VAL A 1 90  ? -2.142  2.399   6.895   1.00 7.39  ? 90  VAL A CA  1 
ATOM   745  C C   . VAL A 1 90  ? -3.398  1.909   7.649   1.00 8.35  ? 90  VAL A C   1 
ATOM   746  O O   . VAL A 1 90  ? -4.446  1.738   7.038   1.00 8.53  ? 90  VAL A O   1 
ATOM   747  C CB  . VAL A 1 90  ? -2.431  3.722   6.202   1.00 7.51  ? 90  VAL A CB  1 
ATOM   748  C CG1 . VAL A 1 90  ? -2.886  4.761   7.184   1.00 9.23  ? 90  VAL A CG1 1 
ATOM   749  C CG2 . VAL A 1 90  ? -1.179  4.217   5.505   1.00 9.30  ? 90  VAL A CG2 1 
ATOM   750  N N   . ASP A 1 91  ? -3.265  1.720   8.931   1.00 10.14 ? 91  ASP A N   1 
ATOM   751  C CA  . ASP A 1 91  ? -4.384  1.313   9.797   1.00 10.43 ? 91  ASP A CA  1 
ATOM   752  C C   . ASP A 1 91  ? -5.112  2.546   10.242  1.00 9.67  ? 91  ASP A C   1 
ATOM   753  O O   . ASP A 1 91  ? -4.487  3.573   10.638  1.00 12.17 ? 91  ASP A O   1 
ATOM   754  C CB  . ASP A 1 91  ? -3.888  0.523   11.001  1.00 11.09 ? 91  ASP A CB  1 
ATOM   755  C CG  . ASP A 1 91  ? -4.991  -0.069  11.818  1.00 12.20 ? 91  ASP A CG  1 
ATOM   756  O OD1 . ASP A 1 91  ? -5.665  0.676   12.564  1.00 15.77 ? 91  ASP A OD1 1 
ATOM   757  O OD2 . ASP A 1 91  ? -5.223  -1.305  11.674  1.00 11.67 ? 91  ASP A OD2 1 
ATOM   758  N N   . TYR A 1 92  ? -6.441  2.517   10.201  1.00 9.28  ? 92  TYR A N   1 
ATOM   759  C CA  . TYR A 1 92  ? -7.272  3.628   10.597  1.00 11.77 ? 92  TYR A CA  1 
ATOM   760  C C   . TYR A 1 92  ? -6.919  4.220   11.947  1.00 11.57 ? 92  TYR A C   1 
ATOM   761  O O   . TYR A 1 92  ? -6.921  5.455   12.135  1.00 11.33 ? 92  TYR A O   1 
ATOM   762  C CB  . TYR A 1 92  ? -8.750  3.274   10.541  1.00 11.05 ? 92  TYR A CB  1 
ATOM   763  C CG  . TYR A 1 92  ? -9.648  4.415   11.004  1.00 12.23 ? 92  TYR A CG  1 
ATOM   764  C CD1 . TYR A 1 92  ? -9.852  5.526   10.163  1.00 13.96 ? 92  TYR A CD1 1 
ATOM   765  C CD2 . TYR A 1 92  ? -10.247 4.402   12.252  1.00 15.08 ? 92  TYR A CD2 1 
ATOM   766  C CE1 . TYR A 1 92  ? -10.672 6.564   10.537  1.00 16.19 ? 92  TYR A CE1 1 
ATOM   767  C CE2 . TYR A 1 92  ? -11.088 5.465   12.631  1.00 15.41 ? 92  TYR A CE2 1 
ATOM   768  C CZ  . TYR A 1 92  ? -11.266 6.541   11.766  1.00 17.74 ? 92  TYR A CZ  1 
ATOM   769  O OH  . TYR A 1 92  ? -12.065 7.628   12.141  1.00 19.02 ? 92  TYR A OH  1 
ATOM   770  N N   . ASP A 1 93  ? -6.600  3.355   12.916  1.00 11.50 ? 93  ASP A N   1 
ATOM   771  C CA  . ASP A 1 93  ? -6.390  3.814   14.298  1.00 11.27 ? 93  ASP A CA  1 
ATOM   772  C C   . ASP A 1 93  ? -4.972  4.390   14.529  1.00 14.96 ? 93  ASP A C   1 
ATOM   773  O O   . ASP A 1 93  ? -4.695  4.933   15.591  1.00 18.16 ? 93  ASP A O   1 
ATOM   774  C CB  . ASP A 1 93  ? -6.731  2.690   15.266  1.00 12.52 ? 93  ASP A CB  1 
ATOM   775  C CG  . ASP A 1 93  ? -8.200  2.494   15.433  1.00 11.34 ? 93  ASP A CG  1 
ATOM   776  O OD1 . ASP A 1 93  ? -8.905  3.512   15.711  1.00 12.42 ? 93  ASP A OD1 1 
ATOM   777  O OD2 . ASP A 1 93  ? -8.687  1.369   15.294  1.00 12.32 ? 93  ASP A OD2 1 
ATOM   778  N N   . GLU A 1 94  ? -4.107  4.317   13.524  1.00 13.35 ? 94  GLU A N   1 
ATOM   779  C CA  . GLU A 1 94  ? -2.765  4.804   13.585  1.00 14.53 ? 94  GLU A CA  1 
ATOM   780  C C   . GLU A 1 94  ? -2.527  5.951   12.581  1.00 17.84 ? 94  GLU A C   1 
ATOM   781  O O   . GLU A 1 94  ? -1.596  6.744   12.777  1.00 18.37 ? 94  GLU A O   1 
ATOM   782  C CB  . GLU A 1 94  ? -1.784  3.705   13.189  1.00 19.98 ? 94  GLU A CB  1 
ATOM   783  C CG  . GLU A 1 94  ? -1.863  2.477   14.065  1.00 26.09 ? 94  GLU A CG  1 
ATOM   784  C CD  . GLU A 1 94  ? -0.993  1.316   13.580  1.00 30.14 ? 94  GLU A CD  1 
ATOM   785  O OE1 . GLU A 1 94  ? -0.119  1.467   12.667  1.00 29.40 ? 94  GLU A OE1 1 
ATOM   786  O OE2 . GLU A 1 94  ? -1.184  0.247   14.124  1.00 30.87 ? 94  GLU A OE2 1 
ATOM   787  N N   . GLY A 1 95  ? -3.308  5.978   11.502  1.00 13.48 ? 95  GLY A N   1 
ATOM   788  C CA  . GLY A 1 95  ? -3.243  6.970   10.491  1.00 12.18 ? 95  GLY A CA  1 
ATOM   789  C C   . GLY A 1 95  ? -4.559  7.575   10.186  1.00 11.40 ? 95  GLY A C   1 
ATOM   790  O O   . GLY A 1 95  ? -4.881  7.825   9.036   1.00 10.94 ? 95  GLY A O   1 
ATOM   791  N N   . THR A 1 96  ? -5.297  7.919   11.240  1.00 12.22 ? 96  THR A N   1 
ATOM   792  C CA  . THR A 1 96  ? -6.584  8.528   11.103  1.00 12.86 ? 96  THR A CA  1 
ATOM   793  C C   . THR A 1 96  ? -6.580  9.785   10.258  1.00 13.40 ? 96  THR A C   1 
ATOM   794  O O   . THR A 1 96  ? -7.507  10.020  9.493   1.00 14.17 ? 96  THR A O   1 
ATOM   795  C CB  . THR A 1 96  ? -7.222  8.840   12.476  1.00 14.88 ? 96  THR A CB  1 
ATOM   796  O OG1 . THR A 1 96  ? -7.084  7.695   13.341  1.00 17.64 ? 96  THR A OG1 1 
ATOM   797  C CG2 . THR A 1 96  ? -8.651  9.225   12.300  1.00 16.88 ? 96  THR A CG2 1 
ATOM   798  N N   . ASP A 1 97  ? -5.501  10.575  10.399  1.00 13.51 ? 97  ASP A N   1 
ATOM   799  C CA  . ASP A 1 97  ? -5.353  11.799  9.613   1.00 11.98 ? 97  ASP A CA  1 
ATOM   800  C C   . ASP A 1 97  ? -5.230  11.532  8.104   1.00 13.78 ? 97  ASP A C   1 
ATOM   801  O O   . ASP A 1 97  ? -5.638  12.334  7.313   1.00 13.41 ? 97  ASP A O   1 
ATOM   802  C CB  . ASP A 1 97  ? -4.184  12.636  10.156  1.00 15.68 ? 97  ASP A CB  1 
ATOM   803  C CG  . ASP A 1 97  ? -2.870  11.921  10.057  1.00 17.47 ? 97  ASP A CG  1 
ATOM   804  O OD1 . ASP A 1 97  ? -2.791  10.644  10.228  1.00 18.72 ? 97  ASP A OD1 1 
ATOM   805  O OD2 . ASP A 1 97  ? -1.833  12.599  9.840   1.00 18.95 ? 97  ASP A OD2 1 
ATOM   806  N N   . VAL A 1 98  ? -4.674  10.386  7.749   1.00 11.49 ? 98  VAL A N   1 
ATOM   807  C CA  . VAL A 1 98  ? -4.554  10.010  6.382   1.00 12.70 ? 98  VAL A CA  1 
ATOM   808  C C   . VAL A 1 98  ? -5.941  9.643   5.824   1.00 11.91 ? 98  VAL A C   1 
ATOM   809  O O   . VAL A 1 98  ? -6.293  10.014  4.722   1.00 11.44 ? 98  VAL A O   1 
ATOM   810  C CB  . VAL A 1 98  ? -3.575  8.821   6.182   1.00 13.41 ? 98  VAL A CB  1 
ATOM   811  C CG1 . VAL A 1 98  ? -3.545  8.407   4.713   1.00 13.83 ? 98  VAL A CG1 1 
ATOM   812  C CG2 . VAL A 1 98  ? -2.194  9.128   6.705   1.00 11.91 ? 98  VAL A CG2 1 
ATOM   813  N N   . PHE A 1 99  ? -6.736  8.883   6.591   1.00 10.36 ? 99  PHE A N   1 
ATOM   814  C CA  . PHE A 1 99  ? -8.046  8.524   6.162   1.00 9.76  ? 99  PHE A CA  1 
ATOM   815  C C   . PHE A 1 99  ? -8.896  9.761   5.903   1.00 10.98 ? 99  PHE A C   1 
ATOM   816  O O   . PHE A 1 99  ? -9.615  9.853   4.923   1.00 14.05 ? 99  PHE A O   1 
ATOM   817  C CB  . PHE A 1 99  ? -8.719  7.613   7.178   1.00 11.09 ? 99  PHE A CB  1 
ATOM   818  C CG  . PHE A 1 99  ? -8.424  6.148   6.993   1.00 10.87 ? 99  PHE A CG  1 
ATOM   819  C CD1 . PHE A 1 99  ? -7.144  5.651   7.230   1.00 11.20 ? 99  PHE A CD1 1 
ATOM   820  C CD2 . PHE A 1 99  ? -9.454  5.249   6.657   1.00 10.28 ? 99  PHE A CD2 1 
ATOM   821  C CE1 . PHE A 1 99  ? -6.897  4.328   7.115   1.00 11.74 ? 99  PHE A CE1 1 
ATOM   822  C CE2 . PHE A 1 99  ? -9.186  3.892   6.549   1.00 9.60  ? 99  PHE A CE2 1 
ATOM   823  C CZ  . PHE A 1 99  ? -7.921  3.460   6.775   1.00 10.18 ? 99  PHE A CZ  1 
ATOM   824  N N   . GLN A 1 100 ? -8.754  10.746  6.761   1.00 12.56 ? 100 GLN A N   1 
ATOM   825  C CA  . GLN A 1 100 ? -9.513  11.995  6.624   1.00 13.61 ? 100 GLN A CA  1 
ATOM   826  C C   . GLN A 1 100 ? -9.091  12.790  5.432   1.00 12.04 ? 100 GLN A C   1 
ATOM   827  O O   . GLN A 1 100 ? -9.962  13.326  4.717   1.00 12.72 ? 100 GLN A O   1 
ATOM   828  C CB  . GLN A 1 100 ? -9.444  12.776  7.925   1.00 15.87 ? 100 GLN A CB  1 
ATOM   829  C CG  . GLN A 1 100 ? -10.060 12.021  9.084   1.00 23.92 ? 100 GLN A CG  1 
ATOM   830  C CD  . GLN A 1 100 ? -10.127 12.809  10.385  1.00 32.95 ? 100 GLN A CD  1 
ATOM   831  O OE1 . GLN A 1 100 ? -9.232  13.570  10.725  1.00 39.84 ? 100 GLN A OE1 1 
ATOM   832  N NE2 . GLN A 1 100 ? -11.176 12.568  11.148  1.00 38.33 ? 100 GLN A NE2 1 
ATOM   833  N N   . GLN A 1 101 ? -7.817  12.832  5.127   1.00 11.35 ? 101 GLN A N   1 
ATOM   834  C CA  . GLN A 1 101 ? -7.295  13.551  3.963   1.00 12.64 ? 101 GLN A CA  1 
ATOM   835  C C   . GLN A 1 101 ? -7.857  12.927  2.704   1.00 14.14 ? 101 GLN A C   1 
ATOM   836  O O   . GLN A 1 101 ? -8.120  13.614  1.699   1.00 14.13 ? 101 GLN A O   1 
ATOM   837  C CB  . GLN A 1 101 ? -5.762  13.500  3.930   1.00 14.36 ? 101 GLN A CB  1 
ATOM   838  C CG  . GLN A 1 101 ? -5.117  14.255  2.783   1.00 14.36 ? 101 GLN A CG  1 
ATOM   839  C CD  . GLN A 1 101 ? -5.404  15.733  2.825   1.00 17.56 ? 101 GLN A CD  1 
ATOM   840  O OE1 . GLN A 1 101 ? -5.516  16.313  3.875   1.00 19.30 ? 101 GLN A OE1 1 
ATOM   841  N NE2 . GLN A 1 101 ? -5.457  16.337  1.652   1.00 18.43 ? 101 GLN A NE2 1 
ATOM   842  N N   . LEU A 1 102 ? -7.986  11.613  2.699   1.00 13.15 ? 102 LEU A N   1 
ATOM   843  C CA  . LEU A 1 102 ? -8.462  10.844  1.542   1.00 17.71 ? 102 LEU A CA  1 
ATOM   844  C C   . LEU A 1 102 ? -9.954  10.598  1.582   1.00 20.38 ? 102 LEU A C   1 
ATOM   845  O O   . LEU A 1 102 ? -10.507 9.924   0.692   1.00 21.67 ? 102 LEU A O   1 
ATOM   846  C CB  . LEU A 1 102 ? -7.704  9.512   1.421   1.00 17.92 ? 102 LEU A CB  1 
ATOM   847  C CG  . LEU A 1 102 ? -6.204  9.601   1.148   1.00 18.26 ? 102 LEU A CG  1 
ATOM   848  C CD1 . LEU A 1 102 ? -5.597  8.227   1.278   1.00 14.98 ? 102 LEU A CD1 1 
ATOM   849  C CD2 . LEU A 1 102 ? -5.939  10.162  -0.221  1.00 17.67 ? 102 LEU A CD2 1 
ATOM   850  N N   . ASN A 1 103 ? -10.614 11.177  2.590   1.00 16.77 ? 103 ASN A N   1 
ATOM   851  C CA  . ASN A 1 103 ? -12.060 11.083  2.693   1.00 21.45 ? 103 ASN A CA  1 
ATOM   852  C C   . ASN A 1 103 ? -12.561 9.668   2.738   1.00 18.35 ? 103 ASN A C   1 
ATOM   853  O O   . ASN A 1 103 ? -13.630 9.322   2.147   1.00 22.23 ? 103 ASN A O   1 
ATOM   854  C CB  . ASN A 1 103 ? -12.733 11.856  1.557   1.00 25.62 ? 103 ASN A CB  1 
ATOM   855  C CG  . ASN A 1 103 ? -12.322 13.324  1.498   1.00 30.56 ? 103 ASN A CG  1 
ATOM   856  O OD1 . ASN A 1 103 ? -12.369 14.041  2.495   1.00 34.83 ? 103 ASN A OD1 1 
ATOM   857  N ND2 . ASN A 1 103 ? -11.977 13.788  0.307   1.00 37.52 ? 103 ASN A ND2 1 
ATOM   858  N N   . MET A 1 104 ? -11.838 8.840   3.479   1.00 15.74 ? 104 MET A N   1 
ATOM   859  C CA  . MET A 1 104 ? -12.211 7.436   3.682   1.00 16.45 ? 104 MET A CA  1 
ATOM   860  C C   . MET A 1 104 ? -12.963 7.241   4.998   1.00 18.93 ? 104 MET A C   1 
ATOM   861  O O   . MET A 1 104 ? -12.437 7.533   6.042   1.00 21.64 ? 104 MET A O   1 
ATOM   862  C CB  . MET A 1 104 ? -10.941 6.591   3.744   1.00 17.14 ? 104 MET A CB  1 
ATOM   863  C CG  . MET A 1 104 ? -10.252 6.395   2.441   1.00 17.88 ? 104 MET A CG  1 
ATOM   864  S SD  . MET A 1 104 ? -8.660  5.566   2.738   1.00 16.07 ? 104 MET A SD  1 
ATOM   865  C CE  . MET A 1 104 ? -8.116  5.526   1.034   1.00 16.74 ? 104 MET A CE  1 
ATOM   866  N N   . ASN A 1 105 ? -14.193 6.709   4.926   1.00 21.00 ? 105 ASN A N   1 
ATOM   867  C CA  . ASN A 1 105 ? -14.986 6.461   6.117   1.00 23.58 ? 105 ASN A CA  1 
ATOM   868  C C   . ASN A 1 105 ? -15.193 4.963   6.366   1.00 18.67 ? 105 ASN A C   1 
ATOM   869  O O   . ASN A 1 105 ? -16.021 4.527   7.175   1.00 17.90 ? 105 ASN A O   1 
ATOM   870  C CB  . ASN A 1 105 ? -16.360 7.139   5.987   1.00 29.92 ? 105 ASN A CB  1 
ATOM   871  C CG  . ASN A 1 105 ? -16.277 8.593   5.562   1.00 37.67 ? 105 ASN A CG  1 
ATOM   872  O OD1 . ASN A 1 105 ? -15.801 9.451   6.312   1.00 41.28 ? 105 ASN A OD1 1 
ATOM   873  N ND2 . ASN A 1 105 ? -16.759 8.879   4.348   1.00 42.17 ? 105 ASN A ND2 1 
ATOM   874  N N   . SER A 1 106 ? -14.430 4.138   5.661   1.00 16.11 ? 106 SER A N   1 
ATOM   875  C CA  . SER A 1 106 ? -14.466 2.701   5.831   1.00 12.69 ? 106 SER A CA  1 
ATOM   876  C C   . SER A 1 106 ? -13.165 2.091   5.315   1.00 13.35 ? 106 SER A C   1 
ATOM   877  O O   . SER A 1 106 ? -12.287 2.801   4.821   1.00 12.09 ? 106 SER A O   1 
ATOM   878  C CB  . SER A 1 106 ? -15.669 2.120   5.054   1.00 18.93 ? 106 SER A CB  1 
ATOM   879  O OG  . SER A 1 106 ? -15.854 0.722   5.410   1.00 23.77 ? 106 SER A OG  1 
ATOM   880  N N   . ALA A 1 107 ? -13.080 0.780   5.465   1.00 11.26 ? 107 ALA A N   1 
ATOM   881  C CA  . ALA A 1 107 ? -11.953 -0.015  5.106   1.00 11.57 ? 107 ALA A CA  1 
ATOM   882  C C   . ALA A 1 107 ? -12.419 -1.389  4.674   1.00 11.80 ? 107 ALA A C   1 
ATOM   883  O O   . ALA A 1 107 ? -13.481 -1.858  5.100   1.00 11.59 ? 107 ALA A O   1 
ATOM   884  C CB  . ALA A 1 107 ? -11.006 -0.112  6.283   1.00 10.39 ? 107 ALA A CB  1 
ATOM   885  N N   . PRO A 1 108 ? -11.603 -2.108  3.876   1.00 9.86  ? 108 PRO A N   1 
ATOM   886  C CA  . PRO A 1 108 ? -10.310 -1.700  3.371   1.00 10.38 ? 108 PRO A CA  1 
ATOM   887  C C   . PRO A 1 108 ? -10.377 -1.145  1.980   1.00 8.45  ? 108 PRO A C   1 
ATOM   888  O O   . PRO A 1 108 ? -11.383 -1.241  1.296   1.00 10.55 ? 108 PRO A O   1 
ATOM   889  C CB  . PRO A 1 108 ? -9.553  -3.008  3.345   1.00 10.10 ? 108 PRO A CB  1 
ATOM   890  C CG  . PRO A 1 108 ? -10.601 -3.996  2.958   1.00 9.73  ? 108 PRO A CG  1 
ATOM   891  C CD  . PRO A 1 108 ? -11.845 -3.540  3.656   1.00 10.62 ? 108 PRO A CD  1 
ATOM   892  N N   . THR A 1 109 ? -9.285  -0.503  1.592   1.00 8.62  ? 109 THR A N   1 
ATOM   893  C CA  . THR A 1 109 ? -9.132  0.060   0.246   1.00 8.90  ? 109 THR A CA  1 
ATOM   894  C C   . THR A 1 109 ? -7.691  -0.215  -0.190  1.00 8.53  ? 109 THR A C   1 
ATOM   895  O O   . THR A 1 109 ? -6.754  -0.131  0.604   1.00 10.90 ? 109 THR A O   1 
ATOM   896  C CB  . THR A 1 109 ? -9.358  1.617   0.228   1.00 10.99 ? 109 THR A CB  1 
ATOM   897  O OG1 . THR A 1 109 ? -10.585 1.877   0.880   1.00 12.13 ? 109 THR A OG1 1 
ATOM   898  C CG2 . THR A 1 109 ? -9.417  2.115   -1.176  1.00 12.39 ? 109 THR A CG2 1 
ATOM   899  N N   . PHE A 1 110 ? -7.530  -0.656  -1.431  1.00 7.41  ? 110 PHE A N   1 
ATOM   900  C CA  . PHE A 1 110 ? -6.163  -0.788  -2.003  1.00 7.69  ? 110 PHE A CA  1 
ATOM   901  C C   . PHE A 1 110 ? -5.984  0.300   -3.071  1.00 7.98  ? 110 PHE A C   1 
ATOM   902  O O   . PHE A 1 110 ? -6.870  0.486   -3.965  1.00 7.05  ? 110 PHE A O   1 
ATOM   903  C CB  . PHE A 1 110 ? -5.973  -2.142  -2.638  1.00 7.48  ? 110 PHE A CB  1 
ATOM   904  C CG  . PHE A 1 110 ? -6.046  -3.293  -1.682  1.00 8.27  ? 110 PHE A CG  1 
ATOM   905  C CD1 . PHE A 1 110 ? -4.910  -3.790  -1.078  1.00 8.54  ? 110 PHE A CD1 1 
ATOM   906  C CD2 . PHE A 1 110 ? -7.257  -3.901  -1.418  1.00 9.43  ? 110 PHE A CD2 1 
ATOM   907  C CE1 . PHE A 1 110 ? -4.968  -4.826  -0.185  1.00 8.95  ? 110 PHE A CE1 1 
ATOM   908  C CE2 . PHE A 1 110 ? -7.326  -4.988  -0.525  1.00 9.38  ? 110 PHE A CE2 1 
ATOM   909  C CZ  . PHE A 1 110 ? -6.176  -5.455  0.095   1.00 10.44 ? 110 PHE A CZ  1 
ATOM   910  N N   . MET A 1 111 ? -4.920  1.052   -2.975  1.00 8.68  ? 111 MET A N   1 
ATOM   911  C CA  . MET A 1 111 ? -4.595  2.128   -3.901  1.00 7.59  ? 111 MET A CA  1 
ATOM   912  C C   . MET A 1 111 ? -3.151  2.063   -4.402  1.00 8.51  ? 111 MET A C   1 
ATOM   913  O O   . MET A 1 111 ? -2.268  1.596   -3.688  1.00 9.52  ? 111 MET A O   1 
ATOM   914  C CB  . MET A 1 111 ? -4.830  3.491   -3.288  1.00 8.38  ? 111 MET A CB  1 
ATOM   915  C CG  . MET A 1 111 ? -6.255  3.851   -2.955  1.00 11.22 ? 111 MET A CG  1 
ATOM   916  S SD  . MET A 1 111 ? -6.345  5.530   -2.332  1.00 14.29 ? 111 MET A SD  1 
ATOM   917  C CE  . MET A 1 111 ? -5.946  6.480   -3.772  1.00 11.88 ? 111 MET A CE  1 
ATOM   918  N N   . HIS A 1 112 ? -2.919  2.551   -5.629  1.00 8.15  ? 112 HIS A N   1 
ATOM   919  C CA  . HIS A 1 112 ? -1.597  2.689   -6.194  1.00 7.62  ? 112 HIS A CA  1 
ATOM   920  C C   . HIS A 1 112 ? -1.253  4.151   -6.265  1.00 7.51  ? 112 HIS A C   1 
ATOM   921  O O   . HIS A 1 112 ? -2.035  4.912   -6.862  1.00 9.13  ? 112 HIS A O   1 
ATOM   922  C CB  . HIS A 1 112 ? -1.496  2.011   -7.565  1.00 8.49  ? 112 HIS A CB  1 
ATOM   923  C CG  . HIS A 1 112 ? -0.296  2.440   -8.359  1.00 8.46  ? 112 HIS A CG  1 
ATOM   924  N ND1 . HIS A 1 112 ? -0.416  3.101   -9.554  1.00 10.11 ? 112 HIS A ND1 1 
ATOM   925  C CD2 . HIS A 1 112 ? 1.037   2.348   -8.106  1.00 9.55  ? 112 HIS A CD2 1 
ATOM   926  C CE1 . HIS A 1 112 ? 0.792   3.353   -10.045 1.00 10.40 ? 112 HIS A CE1 1 
ATOM   927  N NE2 . HIS A 1 112 ? 1.687   2.893   -9.197  1.00 10.40 ? 112 HIS A NE2 1 
ATOM   928  N N   . PHE A 1 113 ? -0.138  4.553   -5.687  1.00 8.31  ? 113 PHE A N   1 
ATOM   929  C CA  . PHE A 1 113 ? 0.314   5.942   -5.788  1.00 8.31  ? 113 PHE A CA  1 
ATOM   930  C C   . PHE A 1 113 ? 1.494   5.990   -6.768  1.00 7.74  ? 113 PHE A C   1 
ATOM   931  O O   . PHE A 1 113 ? 2.580   5.494   -6.437  1.00 9.26  ? 113 PHE A O   1 
ATOM   932  C CB  . PHE A 1 113 ? 0.746   6.463   -4.415  1.00 9.28  ? 113 PHE A CB  1 
ATOM   933  C CG  . PHE A 1 113 ? -0.408  6.698   -3.498  1.00 9.32  ? 113 PHE A CG  1 
ATOM   934  C CD1 . PHE A 1 113 ? -0.996  5.641   -2.785  1.00 11.22 ? 113 PHE A CD1 1 
ATOM   935  C CD2 . PHE A 1 113 ? -1.001  7.956   -3.385  1.00 11.64 ? 113 PHE A CD2 1 
ATOM   936  C CE1 . PHE A 1 113 ? -2.104  5.839   -1.970  1.00 10.88 ? 113 PHE A CE1 1 
ATOM   937  C CE2 . PHE A 1 113 ? -2.097  8.142   -2.587  1.00 14.03 ? 113 PHE A CE2 1 
ATOM   938  C CZ  . PHE A 1 113 ? -2.664  7.076   -1.873  1.00 12.63 ? 113 PHE A CZ  1 
ATOM   939  N N   . PRO A 1 114 ? 1.291   6.517   -7.946  1.00 7.92  ? 114 PRO A N   1 
ATOM   940  C CA  . PRO A 1 114 ? 2.378   6.525   -8.941  1.00 8.57  ? 114 PRO A CA  1 
ATOM   941  C C   . PRO A 1 114 ? 3.496   7.480   -8.512  1.00 9.88  ? 114 PRO A C   1 
ATOM   942  O O   . PRO A 1 114 ? 3.269   8.374   -7.688  1.00 10.55 ? 114 PRO A O   1 
ATOM   943  C CB  . PRO A 1 114 ? 1.675   6.962   -10.211 1.00 11.49 ? 114 PRO A CB  1 
ATOM   944  C CG  . PRO A 1 114 ? 0.577   7.727   -9.721  1.00 10.40 ? 114 PRO A CG  1 
ATOM   945  C CD  . PRO A 1 114 ? 0.073   7.146   -8.498  1.00 8.62  ? 114 PRO A CD  1 
ATOM   946  N N   . PRO A 1 115 ? 4.702   7.304   -9.084  1.00 9.38  ? 115 PRO A N   1 
ATOM   947  C CA  . PRO A 1 115 ? 5.801   8.202   -8.719  1.00 11.10 ? 115 PRO A CA  1 
ATOM   948  C C   . PRO A 1 115 ? 5.534   9.678   -9.126  1.00 12.41 ? 115 PRO A C   1 
ATOM   949  O O   . PRO A 1 115 ? 6.001   10.583  -8.482  1.00 16.84 ? 115 PRO A O   1 
ATOM   950  C CB  . PRO A 1 115 ? 7.020   7.628   -9.492  1.00 11.98 ? 115 PRO A CB  1 
ATOM   951  C CG  . PRO A 1 115 ? 6.450   6.790   -10.524 1.00 12.29 ? 115 PRO A CG  1 
ATOM   952  C CD  . PRO A 1 115 ? 5.158   6.221   -9.972  1.00 9.51  ? 115 PRO A CD  1 
ATOM   953  N N   . LYS A 1 116 ? 4.844   9.861   -10.213 1.00 12.99 ? 116 LYS A N   1 
ATOM   954  C CA  . LYS A 1 116 ? 4.478   11.186  -10.692 1.00 17.07 ? 116 LYS A CA  1 
ATOM   955  C C   . LYS A 1 116 ? 2.985   11.353  -10.677 1.00 15.47 ? 116 LYS A C   1 
ATOM   956  O O   . LYS A 1 116 ? 2.243   10.428  -11.022 1.00 16.82 ? 116 LYS A O   1 
ATOM   957  C CB  . LYS A 1 116 ? 4.980   11.371  -12.136 1.00 20.32 ? 116 LYS A CB  1 
ATOM   958  C CG  . LYS A 1 116 ? 6.479   11.334  -12.285 1.00 22.48 ? 116 LYS A CG  1 
ATOM   959  C CD  . LYS A 1 116 ? 6.899   11.578  -13.739 1.00 26.26 ? 116 LYS A CD  1 
ATOM   960  C CE  . LYS A 1 116 ? 8.389   11.786  -13.822 1.00 28.65 ? 116 LYS A CE  1 
ATOM   961  N NZ  . LYS A 1 116 ? 8.798   11.985  -15.255 1.00 35.39 ? 116 LYS A NZ  1 
ATOM   962  N N   . GLY A 1 117 ? 2.531   12.550  -10.312 1.00 16.08 ? 117 GLY A N   1 
ATOM   963  C CA  . GLY A 1 117 ? 1.128   12.862  -10.389 1.00 17.68 ? 117 GLY A CA  1 
ATOM   964  C C   . GLY A 1 117 ? 0.354   12.211  -9.285  1.00 15.96 ? 117 GLY A C   1 
ATOM   965  O O   . GLY A 1 117 ? 0.943   11.685  -8.328  1.00 15.79 ? 117 GLY A O   1 
ATOM   966  N N   . ARG A 1 118 ? -0.958  12.269  -9.380  1.00 15.47 ? 118 ARG A N   1 
ATOM   967  C CA  . ARG A 1 118 ? -1.804  11.680  -8.367  1.00 15.52 ? 118 ARG A CA  1 
ATOM   968  C C   . ARG A 1 118 ? -2.415  10.373  -8.886  1.00 15.48 ? 118 ARG A C   1 
ATOM   969  O O   . ARG A 1 118 ? -2.326  10.065  -10.041 1.00 14.23 ? 118 ARG A O   1 
ATOM   970  C CB  . ARG A 1 118 ? -2.870  12.653  -7.857  1.00 20.85 ? 118 ARG A CB  1 
ATOM   971  C CG  . ARG A 1 118 ? -3.595  13.441  -8.916  1.00 22.99 ? 118 ARG A CG  1 
ATOM   972  C CD  . ARG A 1 118 ? -4.559  14.483  -8.352  1.00 23.81 ? 118 ARG A CD  1 
ATOM   973  N NE  . ARG A 1 118 ? -3.983  15.829  -8.126  1.00 26.80 ? 118 ARG A NE  1 
ATOM   974  C CZ  . ARG A 1 118 ? -3.727  16.368  -6.922  1.00 28.97 ? 118 ARG A CZ  1 
ATOM   975  N NH1 . ARG A 1 118 ? -4.020  15.721  -5.789  1.00 25.77 ? 118 ARG A NH1 1 
ATOM   976  N NH2 . ARG A 1 118 ? -3.207  17.606  -6.837  1.00 30.29 ? 118 ARG A NH2 1 
ATOM   977  N N   . PRO A 1 119 ? -3.018  9.595   -7.970  1.00 14.86 ? 119 PRO A N   1 
ATOM   978  C CA  . PRO A 1 119 ? -3.665  8.375   -8.401  1.00 12.76 ? 119 PRO A CA  1 
ATOM   979  C C   . PRO A 1 119 ? -4.803  8.681   -9.397  1.00 12.83 ? 119 PRO A C   1 
ATOM   980  O O   . PRO A 1 119 ? -5.500  9.685   -9.249  1.00 16.68 ? 119 PRO A O   1 
ATOM   981  C CB  . PRO A 1 119 ? -4.150  7.773   -7.069  1.00 13.70 ? 119 PRO A CB  1 
ATOM   982  C CG  . PRO A 1 119 ? -3.374  8.378   -6.027  1.00 14.67 ? 119 PRO A CG  1 
ATOM   983  C CD  . PRO A 1 119 ? -2.993  9.730   -6.495  1.00 13.88 ? 119 PRO A CD  1 
ATOM   984  N N   . LYS A 1 120 ? -4.909  7.833   -10.395 1.00 11.92 ? 120 LYS A N   1 
ATOM   985  C CA  . LYS A 1 120 ? -5.942  7.930   -11.417 1.00 13.24 ? 120 LYS A CA  1 
ATOM   986  C C   . LYS A 1 120 ? -7.133  7.065   -11.003 1.00 11.35 ? 120 LYS A C   1 
ATOM   987  O O   . LYS A 1 120 ? -7.121  6.354   -10.001 1.00 11.83 ? 120 LYS A O   1 
ATOM   988  C CB  . LYS A 1 120 ? -5.398  7.512   -12.762 1.00 15.06 ? 120 LYS A CB  1 
ATOM   989  C CG  . LYS A 1 120 ? -4.094  8.197   -13.149 1.00 19.05 ? 120 LYS A CG  1 
ATOM   990  C CD  . LYS A 1 120 ? -4.145  9.691   -12.979 1.00 22.67 ? 120 LYS A CD  1 
ATOM   991  C CE  . LYS A 1 120 ? -2.871  10.394  -13.486 1.00 26.40 ? 120 LYS A CE  1 
ATOM   992  N NZ  . LYS A 1 120 ? -1.672  10.072  -12.649 1.00 28.35 ? 120 LYS A NZ  1 
ATOM   993  N N   . ARG A 1 121 ? -8.217  7.148   -11.781 1.00 13.76 ? 121 ARG A N   1 
ATOM   994  C CA  . ARG A 1 121 ? -9.418  6.380   -11.435 1.00 15.59 ? 121 ARG A CA  1 
ATOM   995  C C   . ARG A 1 121 ? -9.088  4.898   -11.178 1.00 12.70 ? 121 ARG A C   1 
ATOM   996  O O   . ARG A 1 121 ? -9.562  4.307   -10.182 1.00 14.82 ? 121 ARG A O   1 
ATOM   997  C CB  . ARG A 1 121 ? -10.428 6.463   -12.556 1.00 20.59 ? 121 ARG A CB  1 
ATOM   998  C CG  . ARG A 1 121 ? -10.870 7.877   -12.863 1.00 32.39 ? 121 ARG A CG  1 
ATOM   999  C CD  . ARG A 1 121 ? -11.797 7.877   -14.082 1.00 40.19 ? 121 ARG A CD  1 
ATOM   1000 N NE  . ARG A 1 121 ? -13.011 7.068   -13.837 1.00 51.55 ? 121 ARG A NE  1 
ATOM   1001 C CZ  . ARG A 1 121 ? -13.350 5.941   -14.475 1.00 55.02 ? 121 ARG A CZ  1 
ATOM   1002 N NH1 . ARG A 1 121 ? -12.601 5.457   -15.465 1.00 54.49 ? 121 ARG A NH1 1 
ATOM   1003 N NH2 . ARG A 1 121 ? -14.481 5.307   -14.143 1.00 58.98 ? 121 ARG A NH2 1 
ATOM   1004 N N   . ALA A 1 122 ? -8.237  4.316   -12.023 1.00 12.59 ? 122 ALA A N   1 
ATOM   1005 C CA  . ALA A 1 122 ? -7.967  2.895   -12.023 1.00 10.30 ? 122 ALA A CA  1 
ATOM   1006 C C   . ALA A 1 122 ? -6.976  2.531   -10.937 1.00 9.04  ? 122 ALA A C   1 
ATOM   1007 O O   . ALA A 1 122 ? -6.730  1.354   -10.721 1.00 10.69 ? 122 ALA A O   1 
ATOM   1008 C CB  . ALA A 1 122 ? -7.442  2.436   -13.367 1.00 11.23 ? 122 ALA A CB  1 
ATOM   1009 N N   . ASP A 1 123 ? -6.401  3.577   -10.303 1.00 9.19  ? 123 ASP A N   1 
ATOM   1010 C CA  . ASP A 1 123 ? -5.440  3.377   -9.208  1.00 9.39  ? 123 ASP A CA  1 
ATOM   1011 C C   . ASP A 1 123 ? -6.127  3.058   -7.843  1.00 10.35 ? 123 ASP A C   1 
ATOM   1012 O O   . ASP A 1 123 ? -5.469  2.898   -6.856  1.00 9.28  ? 123 ASP A O   1 
ATOM   1013 C CB  . ASP A 1 123 ? -4.511  4.592   -9.088  1.00 10.18 ? 123 ASP A CB  1 
ATOM   1014 C CG  . ASP A 1 123 ? -3.463  4.612   -10.111 1.00 11.14 ? 123 ASP A CG  1 
ATOM   1015 O OD1 . ASP A 1 123 ? -2.972  3.553   -10.528 1.00 8.99  ? 123 ASP A OD1 1 
ATOM   1016 O OD2 . ASP A 1 123 ? -3.068  5.747   -10.600 1.00 12.74 ? 123 ASP A OD2 1 
ATOM   1017 N N   . THR A 1 124 ? -7.442  3.022   -7.822  1.00 9.27  ? 124 THR A N   1 
ATOM   1018 C CA  . THR A 1 124 ? -8.201  2.404   -6.764  1.00 9.70  ? 124 THR A CA  1 
ATOM   1019 C C   . THR A 1 124 ? -8.698  1.051   -7.211  1.00 10.57 ? 124 THR A C   1 
ATOM   1020 O O   . THR A 1 124 ? -9.459  0.962   -8.178  1.00 11.14 ? 124 THR A O   1 
ATOM   1021 C CB  . THR A 1 124 ? -9.362  3.292   -6.232  1.00 9.07  ? 124 THR A CB  1 
ATOM   1022 O OG1 . THR A 1 124 ? -8.856  4.542   -5.733  1.00 11.71 ? 124 THR A OG1 1 
ATOM   1023 C CG2 . THR A 1 124 ? -10.069 2.552   -5.099  1.00 10.25 ? 124 THR A CG2 1 
ATOM   1024 N N   . PHE A 1 125 ? -8.252  -0.007  -6.558  1.00 8.25  ? 125 PHE A N   1 
ATOM   1025 C CA  . PHE A 1 125 ? -8.618  -1.385  -6.866  1.00 9.10  ? 125 PHE A CA  1 
ATOM   1026 C C   . PHE A 1 125 ? -10.163 -1.551  -6.657  1.00 9.83  ? 125 PHE A C   1 
ATOM   1027 O O   . PHE A 1 125 ? -10.715 -1.066  -5.699  1.00 10.89 ? 125 PHE A O   1 
ATOM   1028 C CB  . PHE A 1 125 ? -7.867  -2.333  -5.968  1.00 8.32  ? 125 PHE A CB  1 
ATOM   1029 C CG  . PHE A 1 125 ? -8.249  -3.795  -6.153  1.00 8.93  ? 125 PHE A CG  1 
ATOM   1030 C CD1 . PHE A 1 125 ? -8.000  -4.449  -7.335  1.00 7.51  ? 125 PHE A CD1 1 
ATOM   1031 C CD2 . PHE A 1 125 ? -8.855  -4.502  -5.101  1.00 9.44  ? 125 PHE A CD2 1 
ATOM   1032 C CE1 . PHE A 1 125 ? -8.351  -5.769  -7.506  1.00 8.12  ? 125 PHE A CE1 1 
ATOM   1033 C CE2 . PHE A 1 125 ? -9.245  -5.826  -5.285  1.00 8.95  ? 125 PHE A CE2 1 
ATOM   1034 C CZ  . PHE A 1 125 ? -8.956  -6.443  -6.479  1.00 8.78  ? 125 PHE A CZ  1 
ATOM   1035 N N   . ASP A 1 126 ? -10.807 -2.275  -7.574  1.00 10.45 ? 126 ASP A N   1 
ATOM   1036 C CA  . ASP A 1 126 ? -12.262 -2.383  -7.519  1.00 9.96  ? 126 ASP A CA  1 
ATOM   1037 C C   . ASP A 1 126 ? -12.688 -3.607  -6.690  1.00 11.33 ? 126 ASP A C   1 
ATOM   1038 O O   . ASP A 1 126 ? -13.208 -4.580  -7.216  1.00 12.25 ? 126 ASP A O   1 
ATOM   1039 C CB  . ASP A 1 126 ? -12.872 -2.477  -8.912  1.00 9.06  ? 126 ASP A CB  1 
ATOM   1040 C CG  . ASP A 1 126 ? -14.351 -2.180  -8.917  1.00 15.60 ? 126 ASP A CG  1 
ATOM   1041 O OD1 . ASP A 1 126 ? -15.009 -1.999  -7.858  1.00 17.19 ? 126 ASP A OD1 1 
ATOM   1042 O OD2 . ASP A 1 126 ? -14.905 -2.145  -10.022 1.00 19.78 ? 126 ASP A OD2 1 
ATOM   1043 N N   . LEU A 1 127 ? -12.455 -3.519  -5.407  1.00 11.25 ? 127 LEU A N   1 
ATOM   1044 C CA  . LEU A 1 127 ? -12.619 -4.600  -4.431  1.00 12.49 ? 127 LEU A CA  1 
ATOM   1045 C C   . LEU A 1 127 ? -14.079 -5.111  -4.431  1.00 11.56 ? 127 LEU A C   1 
ATOM   1046 O O   . LEU A 1 127 ? -14.312 -6.301  -4.300  1.00 11.61 ? 127 LEU A O   1 
ATOM   1047 C CB  . LEU A 1 127 ? -12.297 -4.080  -3.051  1.00 15.59 ? 127 LEU A CB  1 
ATOM   1048 C CG  . LEU A 1 127 ? -12.577 -4.996  -1.868  1.00 19.13 ? 127 LEU A CG  1 
ATOM   1049 C CD1 . LEU A 1 127 ? -11.675 -6.202  -2.009  1.00 21.45 ? 127 LEU A CD1 1 
ATOM   1050 C CD2 . LEU A 1 127 ? -12.332 -4.261  -0.571  1.00 22.75 ? 127 LEU A CD2 1 
ATOM   1051 N N   . GLN A 1 128 ? -15.013 -4.194  -4.541  1.00 13.20 ? 128 GLN A N   1 
ATOM   1052 C CA  . GLN A 1 128 ? -16.420 -4.502  -4.414  1.00 12.04 ? 128 GLN A CA  1 
ATOM   1053 C C   . GLN A 1 128 ? -16.903 -5.315  -5.616  1.00 13.70 ? 128 GLN A C   1 
ATOM   1054 O O   . GLN A 1 128 ? -17.876 -6.052  -5.506  1.00 13.87 ? 128 GLN A O   1 
ATOM   1055 C CB  . GLN A 1 128 ? -17.243 -3.251  -4.268  1.00 18.34 ? 128 GLN A CB  1 
ATOM   1056 C CG  . GLN A 1 128 ? -16.938 -2.456  -3.013  1.00 25.01 ? 128 GLN A CG  1 
ATOM   1057 C CD  . GLN A 1 128 ? -15.547 -1.764  -3.008  1.00 29.68 ? 128 GLN A CD  1 
ATOM   1058 O OE1 . GLN A 1 128 ? -15.027 -1.328  -4.058  1.00 25.80 ? 128 GLN A OE1 1 
ATOM   1059 N NE2 . GLN A 1 128 ? -14.939 -1.669  -1.798  1.00 33.47 ? 128 GLN A NE2 1 
ATOM   1060 N N   . ARG A 1 129 ? -16.189 -5.242  -6.724  1.00 11.21 ? 129 ARG A N   1 
ATOM   1061 C CA  . ARG A 1 129 ? -16.509 -6.029  -7.871  1.00 13.25 ? 129 ARG A CA  1 
ATOM   1062 C C   . ARG A 1 129 ? -15.720 -7.320  -7.971  1.00 12.77 ? 129 ARG A C   1 
ATOM   1063 O O   . ARG A 1 129 ? -16.241 -8.325  -8.490  1.00 14.20 ? 129 ARG A O   1 
ATOM   1064 C CB  . ARG A 1 129 ? -16.305 -5.195  -9.143  1.00 14.66 ? 129 ARG A CB  1 
ATOM   1065 C CG  . ARG A 1 129 ? -16.510 -5.955  -10.410 1.00 19.46 ? 129 ARG A CG  1 
ATOM   1066 C CD  . ARG A 1 129 ? -16.623 -5.030  -11.580 1.00 22.73 ? 129 ARG A CD  1 
ATOM   1067 N NE  . ARG A 1 129 ? -15.351 -4.375  -11.815 1.00 26.05 ? 129 ARG A NE  1 
ATOM   1068 C CZ  . ARG A 1 129 ? -14.309 -4.948  -12.412 1.00 35.11 ? 129 ARG A CZ  1 
ATOM   1069 N NH1 . ARG A 1 129 ? -14.387 -6.210  -12.828 1.00 36.37 ? 129 ARG A NH1 1 
ATOM   1070 N NH2 . ARG A 1 129 ? -13.180 -4.258  -12.621 1.00 38.26 ? 129 ARG A NH2 1 
ATOM   1071 N N   . ILE A 1 130 ? -14.475 -7.307  -7.543  1.00 11.16 ? 130 ILE A N   1 
ATOM   1072 C CA  . ILE A 1 130 ? -13.491 -8.323  -7.841  1.00 11.96 ? 130 ILE A CA  1 
ATOM   1073 C C   . ILE A 1 130 ? -13.154 -9.278  -6.669  1.00 11.44 ? 130 ILE A C   1 
ATOM   1074 O O   . ILE A 1 130 ? -12.788 -10.431 -6.885  1.00 11.21 ? 130 ILE A O   1 
ATOM   1075 C CB  . ILE A 1 130 ? -12.151 -7.693  -8.320  1.00 13.93 ? 130 ILE A CB  1 
ATOM   1076 C CG1 . ILE A 1 130 ? -12.359 -6.919  -9.597  1.00 12.84 ? 130 ILE A CG1 1 
ATOM   1077 C CG2 . ILE A 1 130 ? -11.145 -8.809  -8.536  1.00 12.54 ? 130 ILE A CG2 1 
ATOM   1078 C CD1 . ILE A 1 130 ? -11.224 -5.972  -9.925  1.00 13.37 ? 130 ILE A CD1 1 
ATOM   1079 N N   . GLY A 1 131 ? -13.319 -8.812  -5.459  1.00 9.56  ? 131 GLY A N   1 
ATOM   1080 C CA  . GLY A 1 131 ? -12.785 -9.477  -4.309  1.00 11.81 ? 131 GLY A CA  1 
ATOM   1081 C C   . GLY A 1 131 ? -11.303 -9.175  -4.197  1.00 12.87 ? 131 GLY A C   1 
ATOM   1082 O O   . GLY A 1 131 ? -10.747 -8.426  -4.994  1.00 16.37 ? 131 GLY A O   1 
ATOM   1083 N N   . PHE A 1 132 ? -10.642 -9.827  -3.261  1.00 13.15 ? 132 PHE A N   1 
ATOM   1084 C CA  . PHE A 1 132 ? -9.293  -9.419  -2.922  1.00 15.60 ? 132 PHE A CA  1 
ATOM   1085 C C   . PHE A 1 132 ? -8.319  -10.557 -2.895  1.00 11.09 ? 132 PHE A C   1 
ATOM   1086 O O   . PHE A 1 132 ? -7.331  -10.499 -2.216  1.00 11.67 ? 132 PHE A O   1 
ATOM   1087 C CB  . PHE A 1 132 ? -9.296  -8.657  -1.592  1.00 16.91 ? 132 PHE A CB  1 
ATOM   1088 C CG  . PHE A 1 132 ? -10.057 -9.366  -0.498  1.00 20.43 ? 132 PHE A CG  1 
ATOM   1089 C CD1 . PHE A 1 132 ? -9.515  -10.431 0.175   1.00 23.42 ? 132 PHE A CD1 1 
ATOM   1090 C CD2 . PHE A 1 132 ? -11.354 -9.007  -0.235  1.00 25.25 ? 132 PHE A CD2 1 
ATOM   1091 C CE1 . PHE A 1 132 ? -10.240 -11.096 1.122   1.00 27.68 ? 132 PHE A CE1 1 
ATOM   1092 C CE2 . PHE A 1 132 ? -12.083 -9.643  0.751   1.00 26.44 ? 132 PHE A CE2 1 
ATOM   1093 C CZ  . PHE A 1 132 ? -11.523 -10.698 1.418   1.00 26.54 ? 132 PHE A CZ  1 
ATOM   1094 N N   . ALA A 1 133 ? -8.604  -11.593 -3.700  1.00 11.84 ? 133 ALA A N   1 
ATOM   1095 C CA  . ALA A 1 133 ? -7.605  -12.651 -3.853  1.00 8.56  ? 133 ALA A CA  1 
ATOM   1096 C C   . ALA A 1 133 ? -6.279  -12.015 -4.263  1.00 7.85  ? 133 ALA A C   1 
ATOM   1097 O O   . ALA A 1 133 ? -6.207  -11.136 -5.095  1.00 8.63  ? 133 ALA A O   1 
ATOM   1098 C CB  . ALA A 1 133 ? -8.027  -13.645 -4.884  1.00 11.10 ? 133 ALA A CB  1 
ATOM   1099 N N   . ALA A 1 134 ? -5.170  -12.529 -3.721  1.00 7.11  ? 134 ALA A N   1 
ATOM   1100 C CA  . ALA A 1 134 ? -3.879  -11.985 -4.084  1.00 6.84  ? 134 ALA A CA  1 
ATOM   1101 C C   . ALA A 1 134 ? -3.638  -11.963 -5.576  1.00 7.25  ? 134 ALA A C   1 
ATOM   1102 O O   . ALA A 1 134 ? -3.037  -11.047 -6.134  1.00 7.26  ? 134 ALA A O   1 
ATOM   1103 C CB  . ALA A 1 134 ? -2.767  -12.749 -3.330  1.00 6.63  ? 134 ALA A CB  1 
ATOM   1104 N N   . GLU A 1 135 ? -4.097  -13.007 -6.289  1.00 9.07  ? 135 GLU A N   1 
ATOM   1105 C CA  . GLU A 1 135 ? -3.941  -13.085 -7.733  1.00 12.37 ? 135 GLU A CA  1 
ATOM   1106 C C   . GLU A 1 135 ? -4.629  -11.923 -8.450  1.00 11.65 ? 135 GLU A C   1 
ATOM   1107 O O   . GLU A 1 135 ? -4.111  -11.446 -9.453  1.00 12.22 ? 135 GLU A O   1 
ATOM   1108 C CB  . GLU A 1 135 ? -4.511  -14.391 -8.263  1.00 13.42 ? 135 GLU A CB  1 
ATOM   1109 C CG  . GLU A 1 135 ? -3.649  -15.596 -7.861  1.00 12.99 ? 135 GLU A CG  1 
ATOM   1110 C CD  . GLU A 1 135 ? -3.952  -16.225 -6.545  1.00 15.42 ? 135 GLU A CD  1 
ATOM   1111 O OE1 . GLU A 1 135 ? -4.690  -15.651 -5.676  1.00 11.79 ? 135 GLU A OE1 1 
ATOM   1112 O OE2 . GLU A 1 135 ? -3.443  -17.354 -6.341  1.00 17.90 ? 135 GLU A OE2 1 
ATOM   1113 N N   . GLN A 1 136 ? -5.743  -11.497 -7.924  1.00 8.87  ? 136 GLN A N   1 
ATOM   1114 C CA  . GLN A 1 136 ? -6.477  -10.366 -8.525  1.00 10.48 ? 136 GLN A CA  1 
ATOM   1115 C C   . GLN A 1 136 ? -5.781  -9.055  -8.214  1.00 10.25 ? 136 GLN A C   1 
ATOM   1116 O O   . GLN A 1 136 ? -5.655  -8.172  -9.081  1.00 8.99  ? 136 GLN A O   1 
ATOM   1117 C CB  . GLN A 1 136 ? -7.917  -10.332 -8.072  1.00 10.79 ? 136 GLN A CB  1 
ATOM   1118 C CG  . GLN A 1 136 ? -8.776  -11.455 -8.626  1.00 10.79 ? 136 GLN A CG  1 
ATOM   1119 C CD  . GLN A 1 136 ? -8.939  -11.407 -10.112 1.00 12.09 ? 136 GLN A CD  1 
ATOM   1120 O OE1 . GLN A 1 136 ? -8.891  -10.352 -10.732 1.00 16.98 ? 136 GLN A OE1 1 
ATOM   1121 N NE2 . GLN A 1 136 ? -9.110  -12.573 -10.727 1.00 18.02 ? 136 GLN A NE2 1 
ATOM   1122 N N   . LEU A 1 137 ? -5.295  -8.911  -6.979  1.00 9.18  ? 137 LEU A N   1 
ATOM   1123 C CA  . LEU A 1 137 ? -4.500  -7.740  -6.631  1.00 8.91  ? 137 LEU A CA  1 
ATOM   1124 C C   . LEU A 1 137 ? -3.303  -7.630  -7.543  1.00 9.01  ? 137 LEU A C   1 
ATOM   1125 O O   . LEU A 1 137 ? -2.957  -6.552  -7.981  1.00 8.72  ? 137 LEU A O   1 
ATOM   1126 C CB  . LEU A 1 137 ? -4.047  -7.786  -5.163  1.00 8.50  ? 137 LEU A CB  1 
ATOM   1127 C CG  . LEU A 1 137 ? -5.189  -7.693  -4.142  1.00 9.49  ? 137 LEU A CG  1 
ATOM   1128 C CD1 . LEU A 1 137 ? -4.675  -8.022  -2.743  1.00 9.82  ? 137 LEU A CD1 1 
ATOM   1129 C CD2 . LEU A 1 137 ? -5.866  -6.332  -4.164  1.00 10.99 ? 137 LEU A CD2 1 
ATOM   1130 N N   . ALA A 1 138 ? -2.635  -8.792  -7.836  1.00 8.64  ? 138 ALA A N   1 
ATOM   1131 C CA  . ALA A 1 138 ? -1.456  -8.834  -8.675  1.00 9.15  ? 138 ALA A CA  1 
ATOM   1132 C C   . ALA A 1 138 ? -1.796  -8.411  -10.088 1.00 9.60  ? 138 ALA A C   1 
ATOM   1133 O O   . ALA A 1 138 ? -1.011  -7.674  -10.715 1.00 11.04 ? 138 ALA A O   1 
ATOM   1134 C CB  . ALA A 1 138 ? -0.853  -10.252 -8.653  1.00 10.60 ? 138 ALA A CB  1 
ATOM   1135 N N   . LYS A 1 139 ? -2.928  -8.882  -10.592 1.00 10.41 ? 139 LYS A N   1 
ATOM   1136 C CA  . LYS A 1 139 ? -3.400  -8.452  -11.926 1.00 12.52 ? 139 LYS A CA  1 
ATOM   1137 C C   . LYS A 1 139 ? -3.521  -6.942  -12.027 1.00 12.39 ? 139 LYS A C   1 
ATOM   1138 O O   . LYS A 1 139 ? -3.063  -6.337  -13.015 1.00 11.16 ? 139 LYS A O   1 
ATOM   1139 C CB  . LYS A 1 139 ? -4.755  -9.070  -12.274 1.00 19.68 ? 139 LYS A CB  1 
ATOM   1140 C CG  . LYS A 1 139 ? -4.748  -10.225 -13.249 1.00 28.61 ? 139 LYS A CG  1 
ATOM   1141 C CD  . LYS A 1 139 ? -3.918  -11.363 -12.738 1.00 32.44 ? 139 LYS A CD  1 
ATOM   1142 C CE  . LYS A 1 139 ? -3.944  -12.556 -13.664 1.00 36.85 ? 139 LYS A CE  1 
ATOM   1143 N NZ  . LYS A 1 139 ? -3.163  -13.694 -13.073 1.00 38.24 ? 139 LYS A NZ  1 
ATOM   1144 N N   . TRP A 1 140 ? -4.119  -6.357  -11.015 1.00 8.97  ? 140 TRP A N   1 
ATOM   1145 C CA  . TRP A 1 140 ? -4.319  -4.921  -10.940 1.00 9.44  ? 140 TRP A CA  1 
ATOM   1146 C C   . TRP A 1 140 ? -2.996  -4.201  -10.855 1.00 8.39  ? 140 TRP A C   1 
ATOM   1147 O O   . TRP A 1 140 ? -2.754  -3.278  -11.604 1.00 9.43  ? 140 TRP A O   1 
ATOM   1148 C CB  . TRP A 1 140 ? -5.221  -4.575  -9.776  1.00 8.93  ? 140 TRP A CB  1 
ATOM   1149 C CG  . TRP A 1 140 ? -5.241  -3.141  -9.353  1.00 9.59  ? 140 TRP A CG  1 
ATOM   1150 C CD1 . TRP A 1 140 ? -5.765  -2.083  -10.009 1.00 9.90  ? 140 TRP A CD1 1 
ATOM   1151 C CD2 . TRP A 1 140 ? -4.745  -2.629  -8.101  1.00 9.23  ? 140 TRP A CD2 1 
ATOM   1152 N NE1 . TRP A 1 140 ? -5.636  -0.957  -9.260  1.00 9.45  ? 140 TRP A NE1 1 
ATOM   1153 C CE2 . TRP A 1 140 ? -4.984  -1.254  -8.085  1.00 8.84  ? 140 TRP A CE2 1 
ATOM   1154 C CE3 . TRP A 1 140 ? -4.098  -3.223  -6.983  1.00 8.03  ? 140 TRP A CE3 1 
ATOM   1155 C CZ2 . TRP A 1 140 ? -4.614  -0.446  -7.022  1.00 10.99 ? 140 TRP A CZ2 1 
ATOM   1156 C CZ3 . TRP A 1 140 ? -3.742  -2.409  -5.945  1.00 8.25  ? 140 TRP A CZ3 1 
ATOM   1157 C CH2 . TRP A 1 140 ? -3.991  -1.039  -5.968  1.00 10.21 ? 140 TRP A CH2 1 
ATOM   1158 N N   . ILE A 1 141 ? -2.110  -4.677  -10.016 1.00 7.56  ? 141 ILE A N   1 
ATOM   1159 C CA  . ILE A 1 141 ? -0.773  -4.087  -9.944  1.00 8.62  ? 141 ILE A CA  1 
ATOM   1160 C C   . ILE A 1 141 ? -0.062  -4.117  -11.294 1.00 10.08 ? 141 ILE A C   1 
ATOM   1161 O O   . ILE A 1 141 ? 0.552   -3.134  -11.697 1.00 8.91  ? 141 ILE A O   1 
ATOM   1162 C CB  . ILE A 1 141 ? 0.053   -4.736  -8.810  1.00 9.21  ? 141 ILE A CB  1 
ATOM   1163 C CG1 . ILE A 1 141 ? -0.541  -4.367  -7.463  1.00 10.74 ? 141 ILE A CG1 1 
ATOM   1164 C CG2 . ILE A 1 141 ? 1.498   -4.288  -8.853  1.00 7.76  ? 141 ILE A CG2 1 
ATOM   1165 C CD1 . ILE A 1 141 ? -0.007  -5.189  -6.311  1.00 9.65  ? 141 ILE A CD1 1 
ATOM   1166 N N   . ALA A 1 142 ? -0.126  -5.247  -12.000 1.00 11.07 ? 142 ALA A N   1 
ATOM   1167 C CA  . ALA A 1 142 ? 0.441   -5.336  -13.342 1.00 11.54 ? 142 ALA A CA  1 
ATOM   1168 C C   . ALA A 1 142 ? -0.120  -4.318  -14.318 1.00 10.96 ? 142 ALA A C   1 
ATOM   1169 O O   . ALA A 1 142 ? 0.596   -3.693  -15.058 1.00 10.13 ? 142 ALA A O   1 
ATOM   1170 C CB  . ALA A 1 142 ? 0.258   -6.720  -13.891 1.00 10.67 ? 142 ALA A CB  1 
ATOM   1171 N N   . ASP A 1 143 ? -1.428  -4.157  -14.301 1.00 9.64  ? 143 ASP A N   1 
ATOM   1172 C CA  . ASP A 1 143 ? -2.131  -3.164  -15.110 1.00 10.99 ? 143 ASP A CA  1 
ATOM   1173 C C   . ASP A 1 143 ? -1.692  -1.743  -14.821 1.00 11.36 ? 143 ASP A C   1 
ATOM   1174 O O   . ASP A 1 143 ? -1.597  -0.901  -15.740 1.00 15.16 ? 143 ASP A O   1 
ATOM   1175 C CB  . ASP A 1 143 ? -3.634  -3.281  -14.946 1.00 14.94 ? 143 ASP A CB  1 
ATOM   1176 C CG  . ASP A 1 143 ? -4.181  -4.642  -15.446 1.00 20.91 ? 143 ASP A CG  1 
ATOM   1177 O OD1 . ASP A 1 143 ? -3.438  -5.370  -16.177 1.00 28.29 ? 143 ASP A OD1 1 
ATOM   1178 O OD2 . ASP A 1 143 ? -5.337  -4.986  -15.096 1.00 26.58 ? 143 ASP A OD2 1 
ATOM   1179 N N   . ARG A 1 144 ? -1.378  -1.449  -13.578 1.00 10.37 ? 144 ARG A N   1 
ATOM   1180 C CA  . ARG A 1 144 ? -1.062  -0.066  -13.171 1.00 10.81 ? 144 ARG A CA  1 
ATOM   1181 C C   . ARG A 1 144 ? 0.448   0.272   -13.222 1.00 13.04 ? 144 ARG A C   1 
ATOM   1182 O O   . ARG A 1 144 ? 0.810   1.448   -13.372 1.00 16.73 ? 144 ARG A O   1 
ATOM   1183 C CB  . ARG A 1 144 ? -1.592  0.234   -11.772 1.00 12.51 ? 144 ARG A CB  1 
ATOM   1184 C CG  . ARG A 1 144 ? -3.080  0.046   -11.571 1.00 11.49 ? 144 ARG A CG  1 
ATOM   1185 C CD  . ARG A 1 144 ? -3.900  0.598   -12.691 1.00 12.68 ? 144 ARG A CD  1 
ATOM   1186 N NE  . ARG A 1 144 ? -3.707  2.026   -12.870 1.00 10.43 ? 144 ARG A NE  1 
ATOM   1187 C CZ  . ARG A 1 144 ? -3.909  2.707   -13.996 1.00 14.25 ? 144 ARG A CZ  1 
ATOM   1188 N NH1 . ARG A 1 144 ? -3.746  4.026   -13.995 1.00 18.70 ? 144 ARG A NH1 1 
ATOM   1189 N NH2 . ARG A 1 144 ? -4.329  2.083   -15.093 1.00 11.98 ? 144 ARG A NH2 1 
ATOM   1190 N N   . THR A 1 145 ? 1.291   -0.738  -13.133 1.00 12.57 ? 145 THR A N   1 
ATOM   1191 C CA  . THR A 1 145 ? 2.737   -0.546  -12.959 1.00 11.66 ? 145 THR A CA  1 
ATOM   1192 C C   . THR A 1 145 ? 3.603   -1.325  -13.984 1.00 13.09 ? 145 THR A C   1 
ATOM   1193 O O   . THR A 1 145 ? 4.806   -1.082  -14.087 1.00 14.54 ? 145 THR A O   1 
ATOM   1194 C CB  . THR A 1 145 ? 3.205   -0.932  -11.580 1.00 11.71 ? 145 THR A CB  1 
ATOM   1195 O OG1 . THR A 1 145 ? 3.250   -2.362  -11.436 1.00 9.82  ? 145 THR A OG1 1 
ATOM   1196 C CG2 . THR A 1 145 ? 2.352   -0.331  -10.488 1.00 10.81 ? 145 THR A CG2 1 
ATOM   1197 N N   . ASP A 1 146 ? 2.976   -2.267  -14.674 1.00 13.94 ? 146 ASP A N   1 
ATOM   1198 C CA  . ASP A 1 146 ? 3.677   -3.262  -15.534 1.00 12.16 ? 146 ASP A CA  1 
ATOM   1199 C C   . ASP A 1 146 ? 4.681   -4.147  -14.787 1.00 14.48 ? 146 ASP A C   1 
ATOM   1200 O O   . ASP A 1 146 ? 5.584   -4.742  -15.419 1.00 16.17 ? 146 ASP A O   1 
ATOM   1201 C CB  . ASP A 1 146 ? 4.325   -2.605  -16.759 1.00 14.48 ? 146 ASP A CB  1 
ATOM   1202 C CG  . ASP A 1 146 ? 4.364   -3.568  -17.976 1.00 16.75 ? 146 ASP A CG  1 
ATOM   1203 O OD1 . ASP A 1 146 ? 3.468   -4.467  -18.089 1.00 24.49 ? 146 ASP A OD1 1 
ATOM   1204 O OD2 . ASP A 1 146 ? 5.169   -3.350  -18.845 1.00 21.51 ? 146 ASP A OD2 1 
ATOM   1205 N N   . VAL A 1 147 ? 4.543   -4.234  -13.467 1.00 12.60 ? 147 VAL A N   1 
ATOM   1206 C CA  . VAL A 1 147 ? 5.263   -5.186  -12.661 1.00 10.85 ? 147 VAL A CA  1 
ATOM   1207 C C   . VAL A 1 147 ? 4.365   -6.388  -12.482 1.00 9.51  ? 147 VAL A C   1 
ATOM   1208 O O   . VAL A 1 147 ? 3.238   -6.276  -11.992 1.00 9.45  ? 147 VAL A O   1 
ATOM   1209 C CB  . VAL A 1 147 ? 5.697   -4.570  -11.306 1.00 10.96 ? 147 VAL A CB  1 
ATOM   1210 C CG1 . VAL A 1 147 ? 6.329   -5.623  -10.400 1.00 10.99 ? 147 VAL A CG1 1 
ATOM   1211 C CG2 . VAL A 1 147 ? 6.587   -3.382  -11.516 1.00 12.18 ? 147 VAL A CG2 1 
ATOM   1212 N N   . HIS A 1 148 ? 4.849   -7.564  -12.855 1.00 11.61 ? 148 HIS A N   1 
ATOM   1213 C CA  . HIS A 1 148 ? 4.035   -8.774  -12.777 1.00 11.30 ? 148 HIS A CA  1 
ATOM   1214 C C   . HIS A 1 148 ? 4.501   -9.633  -11.618 1.00 11.07 ? 148 HIS A C   1 
ATOM   1215 O O   . HIS A 1 148 ? 5.563   -10.272 -11.678 1.00 14.87 ? 148 HIS A O   1 
ATOM   1216 C CB  . HIS A 1 148 ? 4.098   -9.602  -14.062 1.00 13.38 ? 148 HIS A CB  1 
ATOM   1217 C CG  . HIS A 1 148 ? 3.418   -8.944  -15.226 1.00 15.59 ? 148 HIS A CG  1 
ATOM   1218 N ND1 . HIS A 1 148 ? 4.046   -7.986  -15.992 1.00 19.67 ? 148 HIS A ND1 1 
ATOM   1219 C CD2 . HIS A 1 148 ? 2.181   -9.099  -15.755 1.00 18.46 ? 148 HIS A CD2 1 
ATOM   1220 C CE1 . HIS A 1 148 ? 3.198   -7.548  -16.910 1.00 18.63 ? 148 HIS A CE1 1 
ATOM   1221 N NE2 . HIS A 1 148 ? 2.079   -8.226  -16.818 1.00 18.30 ? 148 HIS A NE2 1 
ATOM   1222 N N   . ILE A 1 149 ? 3.707   -9.677  -10.542 1.00 9.38  ? 149 ILE A N   1 
ATOM   1223 C CA  . ILE A 1 149 ? 4.039   -10.470 -9.382  1.00 10.97 ? 149 ILE A CA  1 
ATOM   1224 C C   . ILE A 1 149 ? 3.249   -11.779 -9.498  1.00 12.64 ? 149 ILE A C   1 
ATOM   1225 O O   . ILE A 1 149 ? 2.005   -11.779 -9.522  1.00 14.44 ? 149 ILE A O   1 
ATOM   1226 C CB  . ILE A 1 149 ? 3.581   -9.763  -8.083  1.00 12.50 ? 149 ILE A CB  1 
ATOM   1227 C CG1 . ILE A 1 149 ? 4.358   -8.480  -7.914  1.00 14.91 ? 149 ILE A CG1 1 
ATOM   1228 C CG2 . ILE A 1 149 ? 3.757   -10.718 -6.871  1.00 15.93 ? 149 ILE A CG2 1 
ATOM   1229 C CD1 . ILE A 1 149 ? 3.757   -7.478  -6.915  1.00 16.02 ? 149 ILE A CD1 1 
ATOM   1230 N N   . ARG A 1 150 ? 3.973   -12.868 -9.598  1.00 12.39 ? 150 ARG A N   1 
ATOM   1231 C CA  . ARG A 1 150 ? 3.364   -14.176 -9.696  1.00 15.02 ? 150 ARG A CA  1 
ATOM   1232 C C   . ARG A 1 150 ? 3.174   -14.777 -8.298  1.00 14.59 ? 150 ARG A C   1 
ATOM   1233 O O   . ARG A 1 150 ? 4.129   -15.105 -7.572  1.00 16.62 ? 150 ARG A O   1 
ATOM   1234 C CB  . ARG A 1 150 ? 4.217   -15.072 -10.623 1.00 17.39 ? 150 ARG A CB  1 
ATOM   1235 C CG  . ARG A 1 150 ? 4.340   -14.478 -12.041 1.00 21.14 ? 150 ARG A CG  1 
ATOM   1236 C CD  . ARG A 1 150 ? 3.045   -14.244 -12.796 1.00 22.26 ? 150 ARG A CD  1 
ATOM   1237 N NE  . ARG A 1 150 ? 3.271   -13.524 -14.059 1.00 21.54 ? 150 ARG A NE  1 
ATOM   1238 C CZ  . ARG A 1 150 ? 2.344   -13.339 -14.997 1.00 22.51 ? 150 ARG A CZ  1 
ATOM   1239 N NH1 . ARG A 1 150 ? 1.117   -13.838 -14.865 1.00 24.58 ? 150 ARG A NH1 1 
ATOM   1240 N NH2 . ARG A 1 150 ? 2.631   -12.693 -16.116 1.00 21.59 ? 150 ARG A NH2 1 
ATOM   1241 N N   . VAL A 1 151 ? 1.906   -14.895 -7.894  1.00 12.28 ? 151 VAL A N   1 
ATOM   1242 C CA  . VAL A 1 151 ? 1.558   -15.262 -6.526  1.00 13.92 ? 151 VAL A CA  1 
ATOM   1243 C C   . VAL A 1 151 ? 1.890   -16.722 -6.263  1.00 15.49 ? 151 VAL A C   1 
ATOM   1244 O O   . VAL A 1 151 ? 1.604   -17.562 -7.087  1.00 14.89 ? 151 VAL A O   1 
ATOM   1245 C CB  . VAL A 1 151 ? 0.068   -15.014 -6.265  1.00 12.34 ? 151 VAL A CB  1 
ATOM   1246 C CG1 . VAL A 1 151 ? -0.328  -15.485 -4.868  1.00 12.67 ? 151 VAL A CG1 1 
ATOM   1247 C CG2 . VAL A 1 151 ? -0.189  -13.523 -6.377  1.00 13.79 ? 151 VAL A CG2 1 
ATOM   1248 N N   . PHE A 1 152 ? 2.435   -17.003 -5.087  1.00 17.66 ? 152 PHE A N   1 
ATOM   1249 C CA  . PHE A 1 152 ? 2.498   -18.380 -4.617  1.00 22.33 ? 152 PHE A CA  1 
ATOM   1250 C C   . PHE A 1 152 ? 2.064   -18.489 -3.169  1.00 25.96 ? 152 PHE A C   1 
ATOM   1251 O O   . PHE A 1 152 ? 2.167   -17.535 -2.392  1.00 24.07 ? 152 PHE A O   1 
ATOM   1252 C CB  . PHE A 1 152 ? 3.863   -18.883 -4.818  1.00 23.08 ? 152 PHE A CB  1 
ATOM   1253 C CG  . PHE A 1 152 ? 4.845   -18.217 -3.968  1.00 24.72 ? 152 PHE A CG  1 
ATOM   1254 C CD1 . PHE A 1 152 ? 5.101   -18.693 -2.662  1.00 27.92 ? 152 PHE A CD1 1 
ATOM   1255 C CD2 . PHE A 1 152 ? 5.522   -17.096 -4.446  1.00 24.55 ? 152 PHE A CD2 1 
ATOM   1256 C CE1 . PHE A 1 152 ? 6.011   -18.020 -1.843  1.00 29.02 ? 152 PHE A CE1 1 
ATOM   1257 C CE2 . PHE A 1 152 ? 6.471   -16.465 -3.660  1.00 28.65 ? 152 PHE A CE2 1 
ATOM   1258 C CZ  . PHE A 1 152 ? 6.732   -16.929 -2.374  1.00 24.94 ? 152 PHE A CZ  1 
ATOM   1259 N N   . ARG A 1 153 ? 1.572   -19.668 -2.788  1.00 27.47 ? 153 ARG A N   1 
ATOM   1260 C CA  . ARG A 1 153 ? 1.166   -19.900 -1.422  1.00 30.05 ? 153 ARG A CA  1 
ATOM   1261 C C   . ARG A 1 153 ? 1.814   -21.214 -0.969  1.00 26.71 ? 153 ARG A C   1 
ATOM   1262 O O   . ARG A 1 153 ? 1.965   -22.122 -1.811  1.00 26.25 ? 153 ARG A O   1 
ATOM   1263 C CB  . ARG A 1 153 ? -0.381  -19.973 -1.288  1.00 32.45 ? 153 ARG A CB  1 
ATOM   1264 N N   . ASN B 2 7   ? -21.423 -6.169  12.598  1.00 45.79 ? 7   ASN B N   1 
ATOM   1265 C CA  . ASN B 2 7   ? -22.056 -5.795  11.318  1.00 42.70 ? 7   ASN B CA  1 
ATOM   1266 C C   . ASN B 2 7   ? -21.315 -6.444  10.180  1.00 34.63 ? 7   ASN B C   1 
ATOM   1267 O O   . ASN B 2 7   ? -20.457 -7.244  10.393  1.00 37.04 ? 7   ASN B O   1 
ATOM   1268 C CB  . ASN B 2 7   ? -22.047 -4.259  11.140  1.00 48.80 ? 7   ASN B CB  1 
ATOM   1269 C CG  . ASN B 2 7   ? -23.310 -3.726  10.464  1.00 51.79 ? 7   ASN B CG  1 
ATOM   1270 O OD1 . ASN B 2 7   ? -24.411 -4.274  10.627  1.00 58.69 ? 7   ASN B OD1 1 
ATOM   1271 N ND2 . ASN B 2 7   ? -23.160 -2.633  9.716   1.00 51.23 ? 7   ASN B ND2 1 
ATOM   1272 N N   . TYR B 2 8   ? -21.667 -6.075  8.962   1.00 30.33 ? 8   TYR B N   1 
ATOM   1273 C CA  . TYR B 2 8   ? -21.019 -6.609  7.776   1.00 28.61 ? 8   TYR B CA  1 
ATOM   1274 C C   . TYR B 2 8   ? -20.202 -5.582  7.016   1.00 26.99 ? 8   TYR B C   1 
ATOM   1275 O O   . TYR B 2 8   ? -19.545 -5.911  5.972   1.00 26.69 ? 8   TYR B O   1 
ATOM   1276 C CB  . TYR B 2 8   ? -22.075 -7.228  6.883   1.00 28.31 ? 8   TYR B CB  1 
ATOM   1277 C CG  . TYR B 2 8   ? -22.817 -8.324  7.599   1.00 28.43 ? 8   TYR B CG  1 
ATOM   1278 C CD1 . TYR B 2 8   ? -22.304 -9.640  7.664   1.00 27.15 ? 8   TYR B CD1 1 
ATOM   1279 C CD2 . TYR B 2 8   ? -24.027 -8.046  8.272   1.00 29.81 ? 8   TYR B CD2 1 
ATOM   1280 C CE1 . TYR B 2 8   ? -22.982 -10.647 8.322   1.00 28.67 ? 8   TYR B CE1 1 
ATOM   1281 C CE2 . TYR B 2 8   ? -24.695 -9.061  8.953   1.00 33.30 ? 8   TYR B CE2 1 
ATOM   1282 C CZ  . TYR B 2 8   ? -24.174 -10.344 8.969   1.00 30.74 ? 8   TYR B CZ  1 
ATOM   1283 O OH  . TYR B 2 8   ? -24.854 -11.334 9.602   1.00 39.10 ? 8   TYR B OH  1 
ATOM   1284 N N   . THR B 2 9   ? -20.216 -4.349  7.525   1.00 22.34 ? 9   THR B N   1 
ATOM   1285 C CA  . THR B 2 9   ? -19.459 -3.261  6.938   1.00 24.41 ? 9   THR B CA  1 
ATOM   1286 C C   . THR B 2 9   ? -18.608 -2.700  8.066   1.00 26.49 ? 9   THR B C   1 
ATOM   1287 O O   . THR B 2 9   ? -18.963 -2.802  9.235   1.00 31.03 ? 9   THR B O   1 
ATOM   1288 C CB  . THR B 2 9   ? -20.350 -2.171  6.297   1.00 26.30 ? 9   THR B CB  1 
ATOM   1289 O OG1 . THR B 2 9   ? -21.221 -1.619  7.286   1.00 30.54 ? 9   THR B OG1 1 
ATOM   1290 C CG2 . THR B 2 9   ? -21.211 -2.758  5.154   1.00 28.14 ? 9   THR B CG2 1 
ATOM   1291 N N   . CYS B 2 10  ? -17.492 -2.119  7.694   1.00 25.30 ? 10  CYS B N   1 
ATOM   1292 C CA  . CYS B 2 10  ? -16.526 -1.558  8.677   1.00 22.14 ? 10  CYS B CA  1 
ATOM   1293 C C   . CYS B 2 10  ? -16.671 -0.019  8.691   1.00 20.47 ? 10  CYS B C   1 
ATOM   1294 O O   . CYS B 2 10  ? -15.977 0.685   7.998   1.00 24.24 ? 10  CYS B O   1 
ATOM   1295 C CB  . CYS B 2 10  ? -15.112 -1.955  8.292   1.00 19.87 ? 10  CYS B CB  1 
ATOM   1296 S SG  . CYS B 2 10  ? -13.793 -1.543  9.455   1.00 20.63 ? 10  CYS B SG  1 
ATOM   1297 N N   . GLU B 2 11  ? -17.513 0.451   9.572   1.00 22.49 ? 11  GLU B N   1 
ATOM   1298 C CA  . GLU B 2 11  ? -17.768 1.902   9.658   1.00 30.77 ? 11  GLU B CA  1 
ATOM   1299 C C   . GLU B 2 11  ? -16.736 2.560   10.567  1.00 28.47 ? 11  GLU B C   1 
ATOM   1300 O O   . GLU B 2 11  ? -16.517 2.137   11.715  1.00 23.98 ? 11  GLU B O   1 
ATOM   1301 C CB  . GLU B 2 11  ? -19.178 2.192   10.164  1.00 39.53 ? 11  GLU B CB  1 
ATOM   1302 C CG  . GLU B 2 11  ? -19.629 3.629   9.915   1.00 51.86 ? 11  GLU B CG  1 
ATOM   1303 C CD  . GLU B 2 11  ? -19.620 4.016   8.426   1.00 60.65 ? 11  GLU B CD  1 
ATOM   1304 O OE1 . GLU B 2 11  ? -19.703 3.103   7.557   1.00 66.59 ? 11  GLU B OE1 1 
ATOM   1305 O OE2 . GLU B 2 11  ? -19.524 5.233   8.118   1.00 64.20 ? 11  GLU B OE2 1 
ATOM   1306 N N   . LEU B 2 12  ? -16.113 3.620   10.064  1.00 28.99 ? 12  LEU B N   1 
ATOM   1307 C CA  . LEU B 2 12  ? -15.040 4.267   10.832  1.00 25.22 ? 12  LEU B CA  1 
ATOM   1308 C C   . LEU B 2 12  ? -15.421 5.717   11.076  1.00 30.34 ? 12  LEU B C   1 
ATOM   1309 O O   . LEU B 2 12  ? -15.581 6.460   10.138  1.00 29.51 ? 12  LEU B O   1 
ATOM   1310 C CB  . LEU B 2 12  ? -13.749 4.182   10.037  1.00 23.34 ? 12  LEU B CB  1 
ATOM   1311 C CG  . LEU B 2 12  ? -13.307 2.775   9.676   1.00 19.53 ? 12  LEU B CG  1 
ATOM   1312 C CD1 . LEU B 2 12  ? -12.092 2.754   8.749   1.00 19.62 ? 12  LEU B CD1 1 
ATOM   1313 C CD2 . LEU B 2 12  ? -13.048 2.046   10.993  1.00 20.42 ? 12  LEU B CD2 1 
ATOM   1314 N N   . LYS B 2 13  ? -15.496 6.092   12.353  1.00 30.86 ? 13  LYS B N   1 
ATOM   1315 C CA  . LYS B 2 13  ? -15.968 7.442   12.745  1.00 35.78 ? 13  LYS B CA  1 
ATOM   1316 C C   . LYS B 2 13  ? -14.852 8.265   13.401  1.00 35.84 ? 13  LYS B C   1 
ATOM   1317 O O   . LYS B 2 13  ? -14.480 9.336   12.900  1.00 35.89 ? 13  LYS B O   1 
ATOM   1318 C CB  . LYS B 2 13  ? -17.184 7.294   13.634  1.00 35.25 ? 13  LYS B CB  1 
ATOM   1319 C CG  . LYS B 2 13  ? -17.579 8.540   14.369  1.00 42.36 ? 13  LYS B CG  1 
ATOM   1320 C CD  . LYS B 2 13  ? -18.755 8.294   15.286  1.00 43.74 ? 13  LYS B CD  1 
ATOM   1321 C CE  . LYS B 2 13  ? -19.972 7.947   14.460  1.00 47.69 ? 13  LYS B CE  1 
ATOM   1322 N NZ  . LYS B 2 13  ? -21.217 7.965   15.261  1.00 50.78 ? 13  LYS B NZ  1 
ATOM   1323 N N   . TYR B 2 14  ? -14.315 7.744   14.510  1.00 38.67 ? 14  TYR B N   1 
ATOM   1324 C CA  . TYR B 2 14  ? -13.217 8.386   15.251  1.00 44.64 ? 14  TYR B CA  1 
ATOM   1325 C C   . TYR B 2 14  ? -12.139 7.371   15.549  1.00 42.78 ? 14  TYR B C   1 
ATOM   1326 O O   . TYR B 2 14  ? -12.436 6.192   15.761  1.00 42.00 ? 14  TYR B O   1 
ATOM   1327 C CB  . TYR B 2 14  ? -13.685 8.969   16.603  1.00 48.06 ? 14  TYR B CB  1 
ATOM   1328 C CG  . TYR B 2 14  ? -14.798 9.985   16.528  1.00 49.49 ? 14  TYR B CG  1 
ATOM   1329 C CD1 . TYR B 2 14  ? -14.619 11.187  15.861  1.00 56.11 ? 14  TYR B CD1 1 
ATOM   1330 C CD2 . TYR B 2 14  ? -16.026 9.752   17.145  1.00 50.81 ? 14  TYR B CD2 1 
ATOM   1331 C CE1 . TYR B 2 14  ? -15.635 12.124  15.795  1.00 57.86 ? 14  TYR B CE1 1 
ATOM   1332 C CE2 . TYR B 2 14  ? -17.043 10.680  17.087  1.00 51.67 ? 14  TYR B CE2 1 
ATOM   1333 C CZ  . TYR B 2 14  ? -16.841 11.867  16.411  1.00 53.58 ? 14  TYR B CZ  1 
ATOM   1334 O OH  . TYR B 2 14  ? -17.833 12.805  16.330  1.00 50.65 ? 14  TYR B OH  1 
ATOM   1335 N N   . GLY B 2 15  ? -10.901 7.848   15.590  1.00 46.15 ? 15  GLY B N   1 
ATOM   1336 C CA  . GLY B 2 15  ? -9.723  6.983   15.759  1.00 50.79 ? 15  GLY B CA  1 
ATOM   1337 C C   . GLY B 2 15  ? -9.338  6.730   17.209  1.00 50.95 ? 15  GLY B C   1 
ATOM   1338 O O   . GLY B 2 15  ? -8.606  5.772   17.521  1.00 45.42 ? 15  GLY B O   1 
HETATM 1339 O O   . HOH C 3 .   ? 7.372   -7.171  -0.103  1.00 12.07 ? 201 HOH A O   1 
HETATM 1340 O O   . HOH C 3 .   ? -9.920  -1.130  -2.960  1.00 10.22 ? 202 HOH A O   1 
HETATM 1341 O O   . HOH C 3 .   ? -10.941 -12.170 -5.590  1.00 12.84 ? 203 HOH A O   1 
HETATM 1342 O O   . HOH C 3 .   ? 4.838   6.644   -5.351  1.00 11.13 ? 204 HOH A O   1 
HETATM 1343 O O   . HOH C 3 .   ? -0.909  9.380   11.855  1.00 16.60 ? 205 HOH A O   1 
HETATM 1344 O O   . HOH C 3 .   ? -16.521 -9.435  -10.896 1.00 13.68 ? 206 HOH A O   1 
HETATM 1345 O O   . HOH C 3 .   ? 0.999   9.541   -6.522  1.00 13.50 ? 207 HOH A O   1 
HETATM 1346 O O   . HOH C 3 .   ? 1.457   10.480  -3.885  1.00 11.41 ? 208 HOH A O   1 
HETATM 1347 O O   . HOH C 3 .   ? 13.619  -9.410  -1.506  1.00 12.89 ? 209 HOH A O   1 
HETATM 1348 O O   . HOH C 3 .   ? -9.538  -2.761  -10.129 1.00 12.48 ? 210 HOH A O   1 
HETATM 1349 O O   . HOH C 3 .   ? 10.446  -3.476  -3.165  1.00 11.76 ? 211 HOH A O   1 
HETATM 1350 O O   . HOH C 3 .   ? -7.675  -7.750  -10.832 1.00 15.38 ? 212 HOH A O   1 
HETATM 1351 O O   . HOH C 3 .   ? -14.444 -11.150 5.044   1.00 20.03 ? 213 HOH A O   1 
HETATM 1352 O O   . HOH C 3 .   ? -7.923  -0.588  13.345  1.00 10.27 ? 214 HOH A O   1 
HETATM 1353 O O   . HOH C 3 .   ? 6.740   -1.495  9.428   1.00 24.35 ? 215 HOH A O   1 
HETATM 1354 O O   . HOH C 3 .   ? -10.773 -4.957  12.895  1.00 9.26  ? 216 HOH A O   1 
HETATM 1355 O O   . HOH C 3 .   ? -8.765  -0.444  -11.245 1.00 17.54 ? 217 HOH A O   1 
HETATM 1356 O O   . HOH C 3 .   ? 13.860  3.524   -7.120  1.00 16.16 ? 218 HOH A O   1 
HETATM 1357 O O   . HOH C 3 .   ? -8.110  13.581  -0.969  1.00 26.99 ? 219 HOH A O   1 
HETATM 1358 O O   . HOH C 3 .   ? 8.833   3.796   -11.430 1.00 22.39 ? 220 HOH A O   1 
HETATM 1359 O O   . HOH C 3 .   ? -6.696  -4.003  -13.196 1.00 18.41 ? 221 HOH A O   1 
HETATM 1360 O O   . HOH C 3 .   ? 10.062  -4.067  -0.470  1.00 10.99 ? 222 HOH A O   1 
HETATM 1361 O O   . HOH C 3 .   ? -4.274  -12.365 10.008  1.00 14.56 ? 223 HOH A O   1 
HETATM 1362 O O   . HOH C 3 .   ? 1.641   -7.653  -10.115 1.00 11.21 ? 224 HOH A O   1 
HETATM 1363 O O   . HOH C 3 .   ? 10.138  -6.756  0.473   1.00 12.67 ? 225 HOH A O   1 
HETATM 1364 O O   . HOH C 3 .   ? 10.599  -2.982  -11.156 1.00 17.18 ? 226 HOH A O   1 
HETATM 1365 O O   . HOH C 3 .   ? 6.860   -7.344  -15.089 1.00 20.42 ? 227 HOH A O   1 
HETATM 1366 O O   . HOH C 3 .   ? -1.608  -14.609 4.581   1.00 15.38 ? 228 HOH A O   1 
HETATM 1367 O O   . HOH C 3 .   ? -1.369  -18.533 -7.738  1.00 25.50 ? 229 HOH A O   1 
HETATM 1368 O O   . HOH C 3 .   ? -5.411  -10.172 8.989   1.00 10.84 ? 230 HOH A O   1 
HETATM 1369 O O   . HOH C 3 .   ? -13.223 -4.002  6.981   1.00 15.19 ? 231 HOH A O   1 
HETATM 1370 O O   . HOH C 3 .   ? 13.824  -11.901 -4.686  1.00 16.62 ? 232 HOH A O   1 
HETATM 1371 O O   . HOH C 3 .   ? -10.111 -7.208  11.650  1.00 15.59 ? 233 HOH A O   1 
HETATM 1372 O O   . HOH C 3 .   ? -1.259  5.461   -12.526 1.00 17.87 ? 234 HOH A O   1 
HETATM 1373 O O   . HOH C 3 .   ? -7.205  -5.086  5.063   1.00 8.08  ? 235 HOH A O   1 
HETATM 1374 O O   . HOH C 3 .   ? -2.115  -12.710 -10.978 1.00 20.12 ? 236 HOH A O   1 
HETATM 1375 O O   . HOH C 3 .   ? 6.855   -12.283 -10.134 1.00 18.96 ? 237 HOH A O   1 
HETATM 1376 O O   . HOH C 3 .   ? 24.214  6.128   1.080   1.00 17.41 ? 238 HOH A O   1 
HETATM 1377 O O   . HOH C 3 .   ? 17.097  -9.226  5.923   1.00 17.29 ? 239 HOH A O   1 
HETATM 1378 O O   . HOH C 3 .   ? 7.464   -3.397  0.259   1.00 18.61 ? 240 HOH A O   1 
HETATM 1379 O O   . HOH C 3 .   ? -1.861  -12.107 8.675   1.00 20.47 ? 241 HOH A O   1 
HETATM 1380 O O   . HOH C 3 .   ? -3.127  16.081  5.296   1.00 30.50 ? 242 HOH A O   1 
HETATM 1381 O O   . HOH C 3 .   ? -2.111  15.228  10.126  1.00 29.59 ? 243 HOH A O   1 
HETATM 1382 O O   . HOH C 3 .   ? -7.629  6.459   -7.217  1.00 20.53 ? 244 HOH A O   1 
HETATM 1383 O O   . HOH C 3 .   ? 6.645   -11.629 3.727   1.00 19.34 ? 245 HOH A O   1 
HETATM 1384 O O   . HOH C 3 .   ? -7.205  16.648  6.078   1.00 22.21 ? 246 HOH A O   1 
HETATM 1385 O O   . HOH C 3 .   ? -10.107 2.534   3.273   1.00 14.06 ? 247 HOH A O   1 
HETATM 1386 O O   . HOH C 3 .   ? -8.038  -8.690  12.357  1.00 14.70 ? 248 HOH A O   1 
HETATM 1387 O O   . HOH C 3 .   ? 12.455  -16.837 -10.703 1.00 18.17 ? 249 HOH A O   1 
HETATM 1388 O O   . HOH C 3 .   ? 6.697   -14.488 -6.750  1.00 24.97 ? 250 HOH A O   1 
HETATM 1389 O O   . HOH C 3 .   ? -0.435  7.841   -13.481 1.00 18.27 ? 251 HOH A O   1 
HETATM 1390 O O   . HOH C 3 .   ? -0.698  1.952   10.028  1.00 17.19 ? 252 HOH A O   1 
HETATM 1391 O O   . HOH C 3 .   ? 19.004  4.232   -4.143  1.00 21.20 ? 253 HOH A O   1 
HETATM 1392 O O   . HOH C 3 .   ? 6.244   2.621   -11.116 1.00 17.80 ? 254 HOH A O   1 
HETATM 1393 O O   . HOH C 3 .   ? 4.164   15.456  7.927   1.00 14.06 ? 255 HOH A O   1 
HETATM 1394 O O   . HOH C 3 .   ? -13.215 0.584   -4.866  1.00 22.61 ? 256 HOH A O   1 
HETATM 1395 O O   . HOH C 3 .   ? -5.371  -14.936 9.765   1.00 26.87 ? 257 HOH A O   1 
HETATM 1396 O O   . HOH C 3 .   ? -16.543 -1.976  14.430  1.00 23.60 ? 258 HOH A O   1 
HETATM 1397 O O   . HOH C 3 .   ? 3.470   -15.749 -0.619  1.00 27.13 ? 259 HOH A O   1 
HETATM 1398 O O   . HOH C 3 .   ? 4.039   -10.374 3.658   1.00 21.42 ? 260 HOH A O   1 
HETATM 1399 O O   . HOH C 3 .   ? 4.109   7.918   -12.831 1.00 22.17 ? 261 HOH A O   1 
HETATM 1400 O O   . HOH C 3 .   ? -12.280 -0.548  -1.260  1.00 15.28 ? 262 HOH A O   1 
HETATM 1401 O O   . HOH C 3 .   ? 16.614  11.706  1.207   1.00 33.00 ? 263 HOH A O   1 
HETATM 1402 O O   . HOH C 3 .   ? -5.291  -11.980 14.564  1.00 13.88 ? 264 HOH A O   1 
HETATM 1403 O O   . HOH C 3 .   ? 1.792   10.669  12.226  1.00 17.99 ? 265 HOH A O   1 
HETATM 1404 O O   . HOH C 3 .   ? -6.211  11.918  -10.878 1.00 21.28 ? 266 HOH A O   1 
HETATM 1405 O O   . HOH C 3 .   ? 2.079   13.257  -4.135  1.00 19.84 ? 267 HOH A O   1 
HETATM 1406 O O   . HOH C 3 .   ? -9.988  1.056   17.831  1.00 33.51 ? 268 HOH A O   1 
HETATM 1407 O O   . HOH C 3 .   ? -1.826  13.392  -11.821 1.00 23.76 ? 269 HOH A O   1 
HETATM 1408 O O   . HOH C 3 .   ? -13.454 -1.056  -11.916 1.00 23.38 ? 270 HOH A O   1 
HETATM 1409 O O   . HOH C 3 .   ? 16.922  4.270   -10.925 1.00 34.47 ? 271 HOH A O   1 
HETATM 1410 O O   . HOH C 3 .   ? 0.100   3.879   -13.995 1.00 23.49 ? 272 HOH A O   1 
HETATM 1411 O O   . HOH C 3 .   ? 0.312   12.594  11.766  1.00 25.22 ? 273 HOH A O   1 
HETATM 1412 O O   . HOH C 3 .   ? 9.963   1.535   -12.808 1.00 24.19 ? 274 HOH A O   1 
HETATM 1413 O O   . HOH C 3 .   ? 8.966   -1.144  -12.407 1.00 21.71 ? 275 HOH A O   1 
HETATM 1414 O O   . HOH C 3 .   ? -3.793  5.542   -16.218 1.00 32.90 ? 276 HOH A O   1 
HETATM 1415 O O   . HOH C 3 .   ? -9.138  16.327  2.073   1.00 21.28 ? 277 HOH A O   1 
HETATM 1416 O O   . HOH C 3 .   ? -7.489  15.313  10.014  1.00 27.88 ? 278 HOH A O   1 
HETATM 1417 O O   . HOH C 3 .   ? -6.389  10.849  -6.811  1.00 27.07 ? 279 HOH A O   1 
HETATM 1418 O O   . HOH C 3 .   ? -6.119  14.853  7.824   1.00 27.54 ? 280 HOH A O   1 
HETATM 1419 O O   . HOH C 3 .   ? 21.479  4.830   3.201   1.00 29.51 ? 281 HOH A O   1 
HETATM 1420 O O   . HOH C 3 .   ? -9.571  5.566   -3.451  1.00 20.96 ? 282 HOH A O   1 
HETATM 1421 O O   . HOH C 3 .   ? 11.113  13.671  -0.484  1.00 25.73 ? 283 HOH A O   1 
HETATM 1422 O O   . HOH C 3 .   ? 17.729  5.486   -6.332  1.00 31.53 ? 284 HOH A O   1 
HETATM 1423 O O   . HOH C 3 .   ? 1.517   9.345   14.973  1.00 38.07 ? 285 HOH A O   1 
HETATM 1424 O O   . HOH C 3 .   ? 5.879   10.124  13.428  1.00 32.25 ? 286 HOH A O   1 
HETATM 1425 O O   . HOH C 3 .   ? 7.302   -0.068  -10.347 1.00 18.99 ? 287 HOH A O   1 
HETATM 1426 O O   . HOH C 3 .   ? -5.065  -17.227 0.570   1.00 26.19 ? 288 HOH A O   1 
HETATM 1427 O O   . HOH C 3 .   ? -7.959  8.765   -6.213  1.00 25.61 ? 289 HOH A O   1 
HETATM 1428 O O   . HOH C 3 .   ? 8.025   10.436  -0.672  1.00 18.68 ? 290 HOH A O   1 
HETATM 1429 O O   . HOH C 3 .   ? -15.905 -8.162  -13.129 1.00 28.93 ? 291 HOH A O   1 
HETATM 1430 O O   . HOH C 3 .   ? 0.003   6.939   14.900  1.00 30.24 ? 292 HOH A O   1 
HETATM 1431 O O   . HOH C 3 .   ? 15.668  -11.244 -9.811  1.00 36.86 ? 293 HOH A O   1 
HETATM 1432 O O   . HOH C 3 .   ? 16.166  3.984   -7.902  1.00 31.98 ? 294 HOH A O   1 
HETATM 1433 O O   . HOH C 3 .   ? 1.243   -14.768 4.256   1.00 33.56 ? 295 HOH A O   1 
HETATM 1434 O O   . HOH C 3 .   ? -13.866 11.572  6.141   1.00 30.87 ? 296 HOH A O   1 
HETATM 1435 O O   . HOH C 3 .   ? 15.365  -9.022  -8.562  1.00 39.01 ? 297 HOH A O   1 
HETATM 1436 O O   . HOH C 3 .   ? 7.934   12.564  -7.928  1.00 30.48 ? 298 HOH A O   1 
HETATM 1437 O O   . HOH C 3 .   ? -5.753  10.249  -3.991  1.00 36.12 ? 299 HOH A O   1 
HETATM 1438 O O   . HOH C 3 .   ? -4.343  13.740  -12.264 1.00 30.74 ? 300 HOH A O   1 
HETATM 1439 O O   . HOH C 3 .   ? -0.205  -13.915 -9.608  1.00 30.38 ? 301 HOH A O   1 
HETATM 1440 O O   . HOH C 3 .   ? -12.250 3.912   0.272   1.00 32.69 ? 302 HOH A O   1 
HETATM 1441 O O   . HOH C 3 .   ? 14.885  2.489   6.644   1.00 29.49 ? 303 HOH A O   1 
HETATM 1442 O O   . HOH C 3 .   ? -6.890  -15.901 11.495  1.00 35.31 ? 304 HOH A O   1 
HETATM 1443 O O   . HOH C 3 .   ? -2.787  -7.984  -15.689 1.00 39.38 ? 305 HOH A O   1 
HETATM 1444 O O   . HOH C 3 .   ? -12.161 4.528   -2.548  1.00 31.96 ? 306 HOH A O   1 
HETATM 1445 O O   . HOH C 3 .   ? 2.710   4.020   -12.740 1.00 34.99 ? 307 HOH A O   1 
HETATM 1446 O O   . HOH C 3 .   ? -4.220  10.800  13.279  1.00 40.50 ? 308 HOH A O   1 
HETATM 1447 O O   . HOH C 3 .   ? -7.106  -1.471  -13.642 1.00 23.19 ? 309 HOH A O   1 
HETATM 1448 O O   . HOH C 3 .   ? -17.396 -5.147  12.355  1.00 47.63 ? 310 HOH A O   1 
HETATM 1449 O O   . HOH C 3 .   ? -8.541  -4.947  -11.565 1.00 13.02 ? 311 HOH A O   1 
HETATM 1450 O O   . HOH C 3 .   ? -5.367  -8.897  11.410  1.00 13.09 ? 312 HOH A O   1 
HETATM 1451 O O   . HOH C 3 .   ? 13.081  -16.114 -7.028  1.00 20.64 ? 313 HOH A O   1 
HETATM 1452 O O   . HOH C 3 .   ? -9.455  16.632  5.350   1.00 28.35 ? 314 HOH A O   1 
HETATM 1453 O O   . HOH C 3 .   ? -10.695 -9.476  -12.772 1.00 30.04 ? 315 HOH A O   1 
HETATM 1454 O O   . HOH C 3 .   ? -12.104 9.787   7.687   1.00 26.62 ? 316 HOH A O   1 
HETATM 1455 O O   . HOH C 3 .   ? -12.608 9.507   10.232  1.00 26.74 ? 317 HOH A O   1 
HETATM 1456 O O   . HOH C 3 .   ? -4.369  8.149   14.151  1.00 34.52 ? 318 HOH A O   1 
HETATM 1457 O O   . HOH C 3 .   ? 0.243   -7.191  -18.421 1.00 27.96 ? 319 HOH A O   1 
HETATM 1458 O O   . HOH C 3 .   ? -17.321 -8.941  12.230  1.00 24.85 ? 320 HOH A O   1 
HETATM 1459 O O   . HOH C 3 .   ? 3.973   13.019  15.295  1.00 42.76 ? 321 HOH A O   1 
HETATM 1460 O O   . HOH C 3 .   ? 12.060  -7.958  10.987  1.00 27.16 ? 322 HOH A O   1 
HETATM 1461 O O   . HOH C 3 .   ? 17.151  -9.337  -6.880  1.00 34.05 ? 323 HOH A O   1 
HETATM 1462 O O   . HOH C 3 .   ? 0.478   -10.802 -12.273 1.00 16.65 ? 324 HOH A O   1 
HETATM 1463 O O   . HOH C 3 .   ? -2.858  -18.024 -3.539  1.00 21.24 ? 325 HOH A O   1 
HETATM 1464 O O   . HOH C 3 .   ? -15.537 -5.591  7.682   1.00 16.49 ? 326 HOH A O   1 
HETATM 1465 O O   . HOH C 3 .   ? -9.420  -4.501  21.789  1.00 25.90 ? 327 HOH A O   1 
HETATM 1466 O O   . HOH C 3 .   ? -10.215 -14.156 7.323   1.00 23.58 ? 328 HOH A O   1 
HETATM 1467 O O   . HOH C 3 .   ? 13.792  13.042  -1.404  1.00 31.32 ? 329 HOH A O   1 
HETATM 1468 O O   . HOH C 3 .   ? 8.479   9.839   8.753   1.00 25.60 ? 330 HOH A O   1 
HETATM 1469 O O   . HOH C 3 .   ? -3.419  -17.894 -1.279  1.00 26.52 ? 331 HOH A O   1 
HETATM 1470 O O   . HOH C 3 .   ? -4.294  -16.291 -2.967  1.00 19.40 ? 332 HOH A O   1 
HETATM 1471 O O   . HOH C 3 .   ? -0.744  -10.112 -14.367 1.00 31.01 ? 333 HOH A O   1 
HETATM 1472 O O   . HOH C 3 .   ? -11.941 -12.529 8.085   1.00 21.41 ? 334 HOH A O   1 
HETATM 1473 O O   . HOH C 3 .   ? 2.301   -24.665 -0.472  1.00 31.18 ? 335 HOH A O   1 
HETATM 1474 O O   . HOH C 3 .   ? 19.663  0.488   1.759   1.00 29.89 ? 336 HOH A O   1 
HETATM 1475 O O   . HOH C 3 .   ? 8.275   9.406   11.399  1.00 34.05 ? 337 HOH A O   1 
HETATM 1476 O O   . HOH C 3 .   ? 4.550   3.937   11.333  1.00 31.48 ? 338 HOH A O   1 
HETATM 1477 O O   . HOH C 3 .   ? 14.859  14.879  -3.278  1.00 25.80 ? 339 HOH A O   1 
HETATM 1478 O O   . HOH C 3 .   ? -5.463  -7.630  -16.362 1.00 38.15 ? 340 HOH A O   1 
HETATM 1479 O O   . HOH C 3 .   ? -11.262 0.383   -11.784 1.00 28.82 ? 341 HOH A O   1 
HETATM 1480 O O   . HOH C 3 .   ? -1.171  14.392  2.892   1.00 22.12 ? 342 HOH A O   1 
HETATM 1481 O O   . HOH C 3 .   ? -18.327 -8.588  7.002   1.00 24.87 ? 343 HOH A O   1 
HETATM 1482 O O   . HOH C 3 .   ? -3.827  11.423  -3.016  1.00 30.23 ? 344 HOH A O   1 
HETATM 1483 O O   . HOH C 3 .   ? 12.251  4.909   -11.959 1.00 36.60 ? 345 HOH A O   1 
HETATM 1484 O O   . HOH C 3 .   ? 19.670  -2.133  2.658   1.00 37.27 ? 346 HOH A O   1 
HETATM 1485 O O   . HOH C 3 .   ? -20.095 -7.065  -6.117  1.00 28.25 ? 347 HOH A O   1 
HETATM 1486 O O   . HOH C 3 .   ? -2.049  12.864  4.677   1.00 14.38 ? 348 HOH A O   1 
HETATM 1487 O O   . HOH C 3 .   ? -13.567 2.284   -6.851  1.00 33.21 ? 349 HOH A O   1 
HETATM 1488 O O   . HOH C 3 .   ? -7.844  -17.436 7.443   1.00 31.03 ? 350 HOH A O   1 
HETATM 1489 O O   . HOH C 3 .   ? 18.823  -7.854  7.257   1.00 23.89 ? 351 HOH A O   1 
HETATM 1490 O O   . HOH C 3 .   ? -12.822 -13.030 10.442  1.00 31.48 ? 352 HOH A O   1 
HETATM 1491 O O   . HOH C 3 .   ? 10.385  -5.494  -11.697 1.00 21.82 ? 353 HOH A O   1 
HETATM 1492 O O   . HOH C 3 .   ? 12.668  4.220   -14.243 1.00 41.30 ? 354 HOH A O   1 
HETATM 1493 O O   . HOH C 3 .   ? 16.995  -11.666 -11.663 1.00 29.11 ? 355 HOH A O   1 
HETATM 1494 O O   . HOH C 3 .   ? -15.209 -13.300 3.251   1.00 30.15 ? 356 HOH A O   1 
HETATM 1495 O O   . HOH C 3 .   ? 18.832  8.691   5.026   1.00 33.31 ? 357 HOH A O   1 
HETATM 1496 O O   . HOH C 3 .   ? 1.978   3.488   13.193  1.00 26.16 ? 358 HOH A O   1 
HETATM 1497 O O   . HOH C 3 .   ? -15.585 -11.069 2.333   1.00 33.82 ? 359 HOH A O   1 
HETATM 1498 O O   . HOH C 3 .   ? 19.296  3.882   4.456   1.00 35.02 ? 360 HOH A O   1 
HETATM 1499 O O   . HOH C 3 .   ? -5.133  13.093  -5.055  1.00 34.64 ? 361 HOH A O   1 
HETATM 1500 O O   . HOH C 3 .   ? 18.759  -4.348  8.084   1.00 48.78 ? 362 HOH A O   1 
HETATM 1501 O O   . HOH C 3 .   ? -21.549 -5.453  -6.736  1.00 34.54 ? 363 HOH A O   1 
HETATM 1502 O O   . HOH C 3 .   ? 14.418  10.586  2.865   1.00 32.72 ? 364 HOH A O   1 
HETATM 1503 O O   . HOH C 3 .   ? -11.519 -6.300  21.768  1.00 18.73 ? 365 HOH A O   1 
HETATM 1504 O O   . HOH C 3 .   ? -12.342 14.211  5.927   1.00 32.30 ? 366 HOH A O   1 
HETATM 1505 O O   . HOH C 3 .   ? 1.539   -17.286 6.183   1.00 39.98 ? 367 HOH A O   1 
HETATM 1506 O O   . HOH C 3 .   ? -17.519 -1.749  -10.765 1.00 38.46 ? 368 HOH A O   1 
HETATM 1507 O O   . HOH C 3 .   ? -13.455 9.297   -12.139 1.00 34.09 ? 369 HOH A O   1 
HETATM 1508 O O   . HOH C 3 .   ? -12.030 -12.092 -2.103  1.00 20.17 ? 370 HOH A O   1 
HETATM 1509 O O   . HOH C 3 .   ? 3.069   -15.452 2.929   1.00 41.96 ? 371 HOH A O   1 
HETATM 1510 O O   . HOH C 3 .   ? -17.724 -2.386  -8.128  1.00 22.87 ? 372 HOH A O   1 
HETATM 1511 O O   . HOH C 3 .   ? -9.573  -7.013  23.888  1.00 30.56 ? 373 HOH A O   1 
HETATM 1512 O O   . HOH C 3 .   ? -13.883 15.597  7.524   1.00 40.16 ? 374 HOH A O   1 
HETATM 1513 O O   . HOH C 3 .   ? -19.583 -3.227  -6.861  1.00 33.61 ? 375 HOH A O   1 
HETATM 1514 O O   . HOH C 3 .   ? -1.255  7.289   -16.227 1.00 37.01 ? 376 HOH A O   1 
HETATM 1515 O O   . HOH C 3 .   ? -15.486 8.165   -13.252 1.00 39.15 ? 377 HOH A O   1 
HETATM 1516 O O   . HOH C 3 .   ? -4.581  2.148   17.468  1.00 32.21 ? 378 HOH A O   1 
HETATM 1517 O O   . HOH C 3 .   ? 11.682  -18.376 -7.175  1.00 24.46 ? 379 HOH A O   1 
HETATM 1518 O O   . HOH C 3 .   ? 24.176  8.996   -0.457  1.00 32.89 ? 380 HOH A O   1 
HETATM 1519 O O   . HOH C 3 .   ? 16.200  -2.565  -8.071  1.00 21.84 ? 381 HOH A O   1 
HETATM 1520 O O   . HOH C 3 .   ? -3.536  0.668   15.435  1.00 35.12 ? 382 HOH A O   1 
HETATM 1521 O O   . HOH C 3 .   ? -11.621 -6.474  24.485  1.00 27.69 ? 383 HOH A O   1 
HETATM 1522 O O   . HOH C 3 .   ? -9.881  10.210  -1.663  1.00 45.68 ? 384 HOH A O   1 
HETATM 1523 O O   . HOH C 3 .   ? -9.136  -15.170 9.724   1.00 36.94 ? 385 HOH A O   1 
HETATM 1524 O O   . HOH C 3 .   ? -11.609 1.645   -9.089  1.00 44.41 ? 386 HOH A O   1 
HETATM 1525 O O   . HOH C 3 .   ? 6.547   7.781   -13.964 1.00 26.59 ? 387 HOH A O   1 
HETATM 1526 O O   . HOH C 3 .   ? -7.821  9.503   -3.078  1.00 38.24 ? 388 HOH A O   1 
HETATM 1527 O O   . HOH C 3 .   ? 15.683  8.173   -11.010 1.00 32.37 ? 389 HOH A O   1 
HETATM 1528 O O   . HOH C 3 .   ? 2.857   15.615  12.156  1.00 39.16 ? 390 HOH A O   1 
HETATM 1529 O O   . HOH C 3 .   ? -17.958 -9.743  20.583  1.00 43.68 ? 391 HOH A O   1 
HETATM 1530 O O   . HOH C 3 .   ? -18.897 -7.972  14.413  1.00 39.59 ? 392 HOH A O   1 
HETATM 1531 O O   . HOH C 3 .   ? 26.599  14.853  -5.234  1.00 41.90 ? 393 HOH A O   1 
HETATM 1532 O O   . HOH C 3 .   ? -11.377 15.625  4.150   1.00 35.14 ? 394 HOH A O   1 
HETATM 1533 O O   . HOH C 3 .   ? -10.738 3.090   19.355  1.00 28.39 ? 395 HOH A O   1 
HETATM 1534 O O   . HOH C 3 .   ? -11.831 2.399   -13.121 1.00 28.98 ? 396 HOH A O   1 
HETATM 1535 O O   . HOH C 3 .   ? 8.165   -3.174  -14.915 1.00 32.46 ? 397 HOH A O   1 
HETATM 1536 O O   . HOH C 3 .   ? 15.726  -10.132 -13.301 1.00 31.60 ? 398 HOH A O   1 
HETATM 1537 O O   . HOH C 3 .   ? -10.014 -15.730 12.056  1.00 36.63 ? 399 HOH A O   1 
HETATM 1538 O O   . HOH C 3 .   ? -14.902 -13.712 9.789   1.00 34.17 ? 400 HOH A O   1 
HETATM 1539 O O   . HOH C 3 .   ? 10.968  8.612   13.009  1.00 38.66 ? 401 HOH A O   1 
HETATM 1540 O O   . HOH C 3 .   ? 18.128  3.305   6.662   1.00 40.50 ? 402 HOH A O   1 
HETATM 1541 O O   . HOH C 3 .   ? 13.464  8.946   12.340  1.00 40.66 ? 403 HOH A O   1 
HETATM 1542 O O   . HOH C 3 .   ? -2.955  -16.359 8.627   1.00 30.23 ? 404 HOH A O   1 
HETATM 1543 O O   . HOH C 3 .   ? 1.863   9.104   -13.491 1.00 34.54 ? 405 HOH A O   1 
HETATM 1544 O O   . HOH C 3 .   ? 10.866  17.907  -8.656  1.00 29.32 ? 406 HOH A O   1 
HETATM 1545 O O   . HOH C 3 .   ? -10.615 -6.508  -13.335 1.00 39.16 ? 407 HOH A O   1 
HETATM 1546 O O   . HOH C 3 .   ? -8.949  15.253  -2.523  1.00 45.69 ? 408 HOH A O   1 
HETATM 1547 O O   . HOH C 3 .   ? -7.219  -18.219 -1.010  1.00 37.35 ? 409 HOH A O   1 
HETATM 1548 O O   . HOH C 3 .   ? 18.277  20.202  -6.977  1.00 35.65 ? 410 HOH A O   1 
HETATM 1549 O O   . HOH C 3 .   ? 17.235  21.844  -4.985  1.00 36.20 ? 411 HOH A O   1 
HETATM 1550 O O   . HOH C 3 .   ? 10.583  3.303   8.861   1.00 36.32 ? 412 HOH A O   1 
HETATM 1551 O O   . HOH C 3 .   ? 18.685  12.414  2.714   1.00 40.62 ? 413 HOH A O   1 
HETATM 1552 O O   . HOH C 3 .   ? 6.504   2.183   10.748  1.00 39.50 ? 414 HOH A O   1 
HETATM 1553 O O   . HOH C 3 .   ? -11.656 15.175  8.748   1.00 37.45 ? 415 HOH A O   1 
HETATM 1554 O O   . HOH C 3 .   ? -0.976  1.453   17.380  1.00 41.83 ? 416 HOH A O   1 
HETATM 1555 O O   . HOH C 3 .   ? 12.892  2.742   8.780   1.00 42.74 ? 417 HOH A O   1 
HETATM 1556 O O   . HOH C 3 .   ? -5.890  -0.068  -15.728 1.00 29.60 ? 418 HOH A O   1 
HETATM 1557 O O   . HOH C 3 .   ? -14.135 -1.370  1.774   1.00 30.27 ? 419 HOH A O   1 
HETATM 1558 O O   . HOH C 3 .   ? 9.046   -0.812  12.537  1.00 36.19 ? 420 HOH A O   1 
HETATM 1559 O O   . HOH C 3 .   ? -6.344  -2.123  20.537  1.00 34.96 ? 421 HOH A O   1 
HETATM 1560 O O   . HOH C 3 .   ? 8.323   5.810   13.660  1.00 33.73 ? 422 HOH A O   1 
HETATM 1561 O O   . HOH C 3 .   ? -12.696 -6.399  -14.475 1.00 34.99 ? 423 HOH A O   1 
HETATM 1562 O O   . HOH C 3 .   ? 22.151  1.611   -1.996  1.00 33.17 ? 424 HOH A O   1 
HETATM 1563 O O   . HOH D 3 .   ? -18.861 -1.577  11.926  1.00 39.96 ? 101 HOH B O   1 
HETATM 1564 O O   . HOH D 3 .   ? -15.274 0.250   13.242  1.00 19.50 ? 102 HOH B O   1 
HETATM 1565 O O   . HOH D 3 .   ? -24.501 -14.106 9.389   1.00 34.19 ? 103 HOH B O   1 
HETATM 1566 O O   . HOH D 3 .   ? -17.408 -6.229  9.246   1.00 18.51 ? 104 HOH B O   1 
HETATM 1567 O O   . HOH D 3 .   ? -17.832 2.883   13.430  1.00 34.62 ? 105 HOH B O   1 
HETATM 1568 O O   . HOH D 3 .   ? -26.191 -14.653 11.522  1.00 39.22 ? 106 HOH B O   1 
HETATM 1569 O O   . HOH D 3 .   ? -23.078 7.992   13.467  1.00 44.71 ? 107 HOH B O   1 
HETATM 1570 O O   . HOH D 3 .   ? -17.288 -3.248  11.122  1.00 47.58 ? 108 HOH B O   1 
HETATM 1571 O O   . HOH D 3 .   ? -22.471 -4.445  14.294  1.00 33.89 ? 109 HOH B O   1 
HETATM 1572 O O   . HOH D 3 .   ? -23.127 -2.504  13.281  1.00 42.03 ? 110 HOH B O   1 
HETATM 1573 O O   . HOH D 3 .   ? -21.362 0.936   7.035   1.00 42.45 ? 111 HOH B O   1 
HETATM 1574 O O   . HOH D 3 .   ? -27.382 -16.491 10.584  1.00 34.80 ? 112 HOH B O   1 
HETATM 1575 O O   . HOH D 3 .   ? -7.354  7.262   19.131  1.00 51.14 ? 113 HOH B O   1 
HETATM 1576 O O   . HOH D 3 .   ? -20.612 10.343  16.711  1.00 42.14 ? 114 HOH B O   1 
HETATM 1577 O O   . HOH D 3 .   ? -22.089 5.461   13.686  1.00 48.08 ? 115 HOH B O   1 
HETATM 1578 O O   . HOH D 3 .   ? -4.916  6.911   22.230  1.00 41.78 ? 116 HOH B O   1 
HETATM 1579 O O   . HOH D 3 .   ? -23.412 -0.878  15.044  1.00 42.53 ? 117 HOH B O   1 
HETATM 1580 O O   . HOH D 3 .   ? -6.633  5.977   20.955  1.00 42.01 ? 118 HOH B O   1 
HETATM 1581 O O   . HOH D 3 .   ? -15.651 11.329  10.926  1.00 38.74 ? 119 HOH B O   1 
# 
